data_6BSN
#
_entry.id   6BSN
#
_cell.length_a   166.757
_cell.length_b   194.210
_cell.length_c   108.738
_cell.angle_alpha   90.000
_cell.angle_beta   121.390
_cell.angle_gamma   90.000
#
_symmetry.space_group_name_H-M   'C 1 2 1'
#
loop_
_entity.id
_entity.type
_entity.pdbx_description
1 polymer 'Bifunctional protein PutA'
2 non-polymer 'DIHYDROFLAVINE-ADENINE DINUCLEOTIDE'
3 non-polymer PROLINE
4 non-polymer 'SULFATE ION'
5 water water
#
_entity_poly.entity_id   1
_entity_poly.type   'polypeptide(L)'
_entity_poly.pdbx_seq_one_letter_code
;GHMPNIPPPFTAPYAPDDAEIAARLLPASHLSPPQEARIHRTATRLIEAIRKRDDRLGGVEDMLREFALSTKEGLALMVL
AEALLRVPDARTADQFIEDKLGEGDFIHHETKSTAFLVNASAWALGLSARVIQPGETPDGTIGRLVKRLGAPAVRTATRQ
AMRLMGNHFVLGETIEQALERGKPRSGQKTRYSFDMLGEGARTAADARRYFDAYASAIETIGKAAGNHALPDRPGISVKL
SALHPRFEAISRARVMVELVPQLLDLAQRAKAHDLNFTVDAEEADRLELSLDVIAATLADPSLKGWDGFGLAIQAYQKRA
SAVIDYVDALARAHDRKLMVRLVKGAYWDTEIKRAQERGLDGYPVFTRKAMTDLNYVACASKLLALRPRIFPQFATHNAL
TVATVLEMAEGSSGFEFQRLHGMGEALYEQLAKDHADIAYRTYAPVGSHRDLLAYLVRRLLENGANSSFVAQAADYRVPV
PALLQRPADAIVRPQAAAHPRIPLPCDLFAPERRNSRGVEFGARTALDQLLTDVKAETGDLKPIADATPDQAHAAVAAAR
AGFAGWSRTPAGIRAAALEQAAHLLESRSAHFIALLQREGGKTLDDALSELREAADFCRYYAAQGRKLFGSETAMPGPTG
ESNALTMRGRGVFVAISPWNFPLAIFLGQVTAALMAGNSVVAKPAEQTPRIAREAVALLHEAGIPKSALYLVTGDGRIGA
ALTAHPDIAGVVFTGSTEVARSINRALAAKDGPIVPLIAETGGINAMIADATALPEQVADDVVTSAFRSAGQRASALRLL
FVQEDVADRMIEMVAGAARELKIGDPSDVATHVGPVIDVEAKQRLDAHIARMKTEARLHFAGPAPEGCFVAPHIFELTEA
GQLTEEVFGPILHVVRYRPENLERVLRAIERTGYGLTLGVHSRIDDSIEAIIDRVQVGNIYVNRNMIGAVVGVQPFGGNG
LSGTGPKAGGPHYLARFATEQTVTINTAAAGGNAALLAGEE
;
_entity_poly.pdbx_strand_id   A,B
#
# COMPACT_ATOMS: atom_id res chain seq x y z
N MET A 3 26.17 -65.62 -10.90
CA MET A 3 26.11 -64.17 -10.65
C MET A 3 24.75 -63.72 -10.09
N PRO A 4 24.75 -62.68 -9.25
CA PRO A 4 23.49 -62.12 -8.74
C PRO A 4 22.84 -61.19 -9.76
N ASN A 5 21.58 -60.83 -9.46
CA ASN A 5 20.72 -60.17 -10.43
C ASN A 5 21.16 -58.75 -10.74
N ILE A 6 21.06 -58.37 -12.01
CA ILE A 6 21.17 -56.93 -12.34
C ILE A 6 20.12 -56.18 -11.53
N PRO A 7 20.49 -55.12 -10.81
CA PRO A 7 19.51 -54.38 -10.03
C PRO A 7 18.54 -53.65 -10.95
N PRO A 8 17.30 -53.43 -10.50
CA PRO A 8 16.33 -52.66 -11.29
C PRO A 8 16.77 -51.22 -11.46
N PRO A 9 16.17 -50.48 -12.39
CA PRO A 9 16.49 -49.05 -12.54
C PRO A 9 16.39 -48.32 -11.20
N PHE A 10 17.41 -47.52 -10.89
CA PHE A 10 17.47 -46.87 -9.59
C PHE A 10 16.27 -45.94 -9.39
N THR A 11 15.58 -46.10 -8.25
CA THR A 11 14.42 -45.25 -7.97
C THR A 11 14.21 -45.08 -6.46
N ALA A 12 15.16 -44.47 -5.78
CA ALA A 12 14.97 -44.19 -4.37
C ALA A 12 14.08 -42.97 -4.16
N PRO A 13 13.43 -42.84 -2.99
CA PRO A 13 12.67 -41.62 -2.71
C PRO A 13 13.56 -40.39 -2.80
N TYR A 14 12.98 -39.31 -3.35
CA TYR A 14 13.76 -38.16 -3.78
C TYR A 14 14.20 -37.30 -2.61
N ALA A 15 13.29 -37.00 -1.70
CA ALA A 15 13.53 -36.02 -0.64
C ALA A 15 12.92 -36.51 0.68
N PRO A 16 13.41 -37.62 1.21
CA PRO A 16 12.85 -38.14 2.47
C PRO A 16 13.17 -37.18 3.61
N ASP A 17 12.54 -37.44 4.76
CA ASP A 17 12.62 -36.53 5.90
C ASP A 17 14.02 -36.59 6.55
N ASP A 18 14.60 -35.41 6.82
CA ASP A 18 15.95 -35.31 7.37
C ASP A 18 16.02 -35.93 8.77
N ALA A 19 15.00 -35.70 9.60
CA ALA A 19 15.05 -36.14 10.98
C ALA A 19 15.10 -37.66 11.09
N GLU A 20 14.28 -38.36 10.29
CA GLU A 20 14.33 -39.82 10.27
C GLU A 20 15.71 -40.33 9.83
N ILE A 21 16.37 -39.63 8.91
CA ILE A 21 17.74 -40.01 8.54
C ILE A 21 18.69 -39.78 9.71
N ALA A 22 18.56 -38.62 10.37
CA ALA A 22 19.41 -38.31 11.51
C ALA A 22 19.19 -39.25 12.69
N ALA A 23 17.96 -39.77 12.85
CA ALA A 23 17.70 -40.67 13.97
C ALA A 23 18.51 -41.95 13.86
N ARG A 24 18.84 -42.36 12.64
CA ARG A 24 19.68 -43.54 12.45
C ARG A 24 21.16 -43.18 12.43
N LEU A 25 21.55 -42.09 11.77
CA LEU A 25 22.97 -41.78 11.64
C LEU A 25 23.58 -41.32 12.96
N LEU A 26 22.82 -40.59 13.79
CA LEU A 26 23.38 -40.02 15.03
C LEU A 26 23.83 -41.06 16.06
N PRO A 27 23.04 -42.07 16.42
CA PRO A 27 23.59 -43.08 17.34
C PRO A 27 24.73 -43.88 16.72
N ALA A 28 24.70 -44.13 15.42
CA ALA A 28 25.73 -44.94 14.79
C ALA A 28 27.04 -44.19 14.58
N SER A 29 27.06 -42.86 14.70
CA SER A 29 28.28 -42.10 14.47
C SER A 29 29.25 -42.24 15.62
N HIS A 30 28.77 -42.76 16.75
CA HIS A 30 29.53 -42.88 17.98
C HIS A 30 30.81 -43.65 17.74
N LEU A 31 31.93 -43.02 18.02
CA LEU A 31 33.24 -43.66 18.01
C LEU A 31 33.76 -43.77 19.44
N SER A 32 34.60 -44.77 19.69
CA SER A 32 35.08 -45.02 21.03
C SER A 32 36.05 -43.92 21.47
N PRO A 33 36.31 -43.79 22.76
CA PRO A 33 37.19 -42.72 23.23
C PRO A 33 38.59 -42.79 22.60
N PRO A 34 39.24 -43.96 22.53
CA PRO A 34 40.57 -43.97 21.89
C PRO A 34 40.50 -43.75 20.39
N GLN A 35 39.39 -44.10 19.75
CA GLN A 35 39.20 -43.81 18.32
C GLN A 35 39.08 -42.31 18.09
N GLU A 36 38.26 -41.65 18.90
CA GLU A 36 38.06 -40.21 18.78
C GLU A 36 39.32 -39.42 19.13
N ALA A 37 40.09 -39.90 20.11
CA ALA A 37 41.33 -39.24 20.45
C ALA A 37 42.33 -39.29 19.30
N ARG A 38 42.42 -40.43 18.60
CA ARG A 38 43.31 -40.50 17.44
C ARG A 38 42.83 -39.59 16.32
N ILE A 39 41.52 -39.54 16.10
CA ILE A 39 40.97 -38.64 15.09
C ILE A 39 41.34 -37.20 15.42
N HIS A 40 41.20 -36.83 16.70
CA HIS A 40 41.51 -35.48 17.14
C HIS A 40 42.97 -35.13 16.92
N ARG A 41 43.87 -36.09 17.17
CA ARG A 41 45.30 -35.86 16.97
C ARG A 41 45.66 -35.74 15.50
N THR A 42 45.25 -36.72 14.68
CA THR A 42 45.48 -36.70 13.24
C THR A 42 45.02 -35.37 12.65
N ALA A 43 43.79 -34.98 12.95
CA ALA A 43 43.20 -33.80 12.35
C ALA A 43 43.86 -32.51 12.84
N THR A 44 44.26 -32.47 14.13
CA THR A 44 45.03 -31.31 14.62
C THR A 44 46.35 -31.18 13.87
N ARG A 45 47.08 -32.29 13.71
CA ARG A 45 48.34 -32.25 12.98
C ARG A 45 48.12 -31.84 11.53
N LEU A 46 47.04 -32.31 10.90
CA LEU A 46 46.78 -31.94 9.52
C LEU A 46 46.50 -30.43 9.40
N ILE A 47 45.73 -29.88 10.35
CA ILE A 47 45.42 -28.45 10.28
C ILE A 47 46.65 -27.61 10.62
N GLU A 48 47.48 -28.05 11.56
CA GLU A 48 48.73 -27.35 11.85
C GLU A 48 49.60 -27.25 10.60
N ALA A 49 49.64 -28.32 9.80
CA ALA A 49 50.38 -28.27 8.55
C ALA A 49 49.73 -27.31 7.55
N ILE A 50 48.40 -27.31 7.47
CA ILE A 50 47.70 -26.39 6.58
C ILE A 50 48.05 -24.95 6.93
N ARG A 51 48.18 -24.67 8.22
CA ARG A 51 48.51 -23.36 8.73
C ARG A 51 50.00 -23.11 8.85
N LYS A 52 50.84 -24.00 8.31
CA LYS A 52 52.29 -23.76 8.37
C LYS A 52 52.65 -22.49 7.60
N ARG A 53 52.34 -22.47 6.30
CA ARG A 53 52.57 -21.29 5.45
C ARG A 53 54.00 -20.77 5.58
N LEU A 57 52.89 -22.52 -1.69
CA LEU A 57 52.06 -22.13 -2.82
C LEU A 57 50.70 -21.64 -2.34
N GLY A 58 50.28 -20.45 -2.78
CA GLY A 58 48.97 -19.93 -2.38
C GLY A 58 47.86 -20.51 -3.24
N GLY A 59 46.63 -20.30 -2.78
CA GLY A 59 45.46 -20.87 -3.45
C GLY A 59 44.39 -19.84 -3.77
N VAL A 60 43.32 -20.32 -4.39
CA VAL A 60 42.21 -19.45 -4.77
C VAL A 60 41.58 -18.81 -3.55
N GLU A 61 41.25 -19.62 -2.54
CA GLU A 61 40.68 -19.08 -1.32
C GLU A 61 41.62 -18.08 -0.67
N ASP A 62 42.93 -18.29 -0.77
CA ASP A 62 43.86 -17.32 -0.21
C ASP A 62 43.77 -15.99 -0.94
N MET A 63 43.66 -16.02 -2.28
CA MET A 63 43.51 -14.77 -3.01
C MET A 63 42.19 -14.06 -2.65
N LEU A 64 41.10 -14.83 -2.58
CA LEU A 64 39.81 -14.24 -2.19
C LEU A 64 39.90 -13.61 -0.81
N ARG A 65 40.51 -14.33 0.13
CA ARG A 65 40.62 -13.84 1.50
C ARG A 65 41.57 -12.64 1.57
N GLU A 66 42.73 -12.77 0.93
CA GLU A 66 43.75 -11.71 0.98
C GLU A 66 43.22 -10.35 0.53
N PHE A 67 42.45 -10.30 -0.57
CA PHE A 67 41.97 -9.03 -1.09
C PHE A 67 40.48 -8.80 -0.80
N ALA A 68 39.87 -9.65 0.02
CA ALA A 68 38.46 -9.49 0.40
C ALA A 68 37.61 -9.36 -0.86
N LEU A 69 37.85 -10.27 -1.80
CA LEU A 69 37.16 -10.28 -3.08
C LEU A 69 35.87 -11.07 -3.01
N SER A 70 34.84 -10.56 -3.66
CA SER A 70 33.68 -11.39 -3.94
C SER A 70 34.06 -12.44 -4.98
N THR A 71 33.16 -13.41 -5.18
CA THR A 71 33.41 -14.42 -6.21
C THR A 71 33.35 -13.82 -7.61
N LYS A 72 32.53 -12.79 -7.83
CA LYS A 72 32.54 -12.14 -9.13
C LYS A 72 33.88 -11.51 -9.41
N GLU A 73 34.49 -10.88 -8.40
CA GLU A 73 35.77 -10.21 -8.59
C GLU A 73 36.91 -11.21 -8.75
N GLY A 74 36.91 -12.27 -7.94
CA GLY A 74 37.85 -13.35 -8.19
C GLY A 74 37.76 -13.87 -9.62
N LEU A 75 36.53 -14.12 -10.09
CA LEU A 75 36.32 -14.60 -11.46
C LEU A 75 36.93 -13.64 -12.48
N ALA A 76 36.65 -12.35 -12.33
CA ALA A 76 37.13 -11.38 -13.29
C ALA A 76 38.65 -11.35 -13.36
N LEU A 77 39.30 -11.42 -12.20
CA LEU A 77 40.76 -11.35 -12.15
C LEU A 77 41.39 -12.63 -12.71
N MET A 78 40.77 -13.78 -12.48
CA MET A 78 41.31 -15.03 -13.01
C MET A 78 41.14 -15.10 -14.52
N VAL A 79 40.06 -14.54 -15.06
CA VAL A 79 39.87 -14.50 -16.50
C VAL A 79 40.88 -13.55 -17.12
N LEU A 80 41.03 -12.35 -16.53
CA LEU A 80 42.08 -11.44 -16.96
C LEU A 80 43.45 -12.11 -16.88
N ALA A 81 43.71 -12.84 -15.78
CA ALA A 81 45.00 -13.49 -15.61
C ALA A 81 45.26 -14.49 -16.73
N GLU A 82 44.26 -15.31 -17.05
CA GLU A 82 44.49 -16.33 -18.07
C GLU A 82 44.78 -15.69 -19.42
N ALA A 83 44.03 -14.64 -19.78
CA ALA A 83 44.30 -13.93 -21.03
C ALA A 83 45.73 -13.39 -21.03
N LEU A 84 46.18 -12.81 -19.92
CA LEU A 84 47.50 -12.20 -19.87
C LEU A 84 48.61 -13.26 -19.95
N LEU A 85 48.34 -14.47 -19.45
CA LEU A 85 49.33 -15.53 -19.55
C LEU A 85 49.54 -15.97 -20.99
N ARG A 86 48.55 -15.77 -21.85
CA ARG A 86 48.65 -16.21 -23.23
C ARG A 86 49.08 -15.09 -24.16
N VAL A 87 49.45 -13.93 -23.62
CA VAL A 87 50.18 -12.93 -24.40
C VAL A 87 51.58 -13.47 -24.70
N PRO A 88 52.00 -13.50 -25.96
CA PRO A 88 53.25 -14.23 -26.31
C PRO A 88 54.48 -13.78 -25.54
N ASP A 89 54.56 -12.52 -25.15
CA ASP A 89 55.74 -11.91 -24.56
C ASP A 89 55.40 -11.45 -23.15
N ALA A 90 56.00 -12.11 -22.15
CA ALA A 90 55.69 -11.80 -20.75
C ALA A 90 55.96 -10.33 -20.43
N ARG A 91 56.98 -9.74 -21.06
CA ARG A 91 57.26 -8.32 -20.84
C ARG A 91 56.12 -7.45 -21.35
N THR A 92 55.46 -7.90 -22.42
CA THR A 92 54.28 -7.17 -22.89
C THR A 92 53.16 -7.23 -21.85
N ALA A 93 52.98 -8.40 -21.22
CA ALA A 93 51.95 -8.49 -20.21
C ALA A 93 52.26 -7.60 -19.01
N ASP A 94 53.55 -7.55 -18.60
CA ASP A 94 53.94 -6.72 -17.48
C ASP A 94 53.71 -5.25 -17.77
N GLN A 95 54.07 -4.79 -18.96
CA GLN A 95 53.78 -3.40 -19.34
C GLN A 95 52.29 -3.12 -19.25
N PHE A 96 51.46 -4.07 -19.70
CA PHE A 96 50.01 -3.86 -19.61
C PHE A 96 49.60 -3.68 -18.15
N ILE A 97 50.07 -4.56 -17.27
CA ILE A 97 49.66 -4.51 -15.87
C ILE A 97 50.07 -3.18 -15.25
N GLU A 98 51.28 -2.72 -15.55
CA GLU A 98 51.76 -1.47 -14.97
C GLU A 98 51.05 -0.26 -15.57
N ASP A 99 50.98 -0.17 -16.90
CA ASP A 99 50.63 1.11 -17.52
C ASP A 99 49.15 1.26 -17.82
N LYS A 100 48.43 0.17 -18.06
CA LYS A 100 47.05 0.24 -18.54
C LYS A 100 46.04 -0.31 -17.55
N LEU A 101 46.27 -1.51 -17.04
CA LEU A 101 45.37 -2.09 -16.06
C LEU A 101 45.23 -1.14 -14.86
N GLY A 102 43.99 -0.85 -14.47
CA GLY A 102 43.77 0.02 -13.34
C GLY A 102 43.86 1.50 -13.64
N GLU A 103 44.45 1.90 -14.77
CA GLU A 103 44.46 3.30 -15.17
C GLU A 103 43.14 3.73 -15.82
N GLY A 104 42.44 2.79 -16.43
CA GLY A 104 41.25 3.10 -17.20
C GLY A 104 40.92 1.92 -18.08
N ASP A 105 40.02 2.16 -19.03
CA ASP A 105 39.50 1.11 -19.90
C ASP A 105 39.05 -0.10 -19.08
N PHE A 106 38.39 0.16 -17.95
CA PHE A 106 38.11 -0.92 -17.02
C PHE A 106 37.17 -1.97 -17.64
N ILE A 107 36.01 -1.53 -18.16
CA ILE A 107 35.05 -2.45 -18.77
C ILE A 107 35.62 -3.08 -20.04
N HIS A 108 36.36 -2.30 -20.83
CA HIS A 108 37.05 -2.83 -22.01
C HIS A 108 37.97 -3.99 -21.64
N HIS A 109 38.75 -3.86 -20.56
CA HIS A 109 39.64 -4.97 -20.18
C HIS A 109 38.85 -6.18 -19.73
N GLU A 110 37.78 -5.96 -18.95
CA GLU A 110 36.97 -7.06 -18.48
C GLU A 110 36.26 -7.75 -19.64
N THR A 111 35.77 -6.96 -20.61
CA THR A 111 35.04 -7.51 -21.74
C THR A 111 35.98 -8.25 -22.69
N LYS A 112 37.11 -7.63 -23.03
CA LYS A 112 38.04 -8.27 -23.94
C LYS A 112 38.60 -9.56 -23.34
N SER A 113 38.99 -9.52 -22.06
CA SER A 113 39.61 -10.72 -21.51
C SER A 113 38.60 -11.86 -21.46
N THR A 114 37.32 -11.56 -21.26
CA THR A 114 36.35 -12.64 -21.26
C THR A 114 36.07 -13.14 -22.66
N ALA A 115 35.98 -12.21 -23.63
CA ALA A 115 35.79 -12.59 -25.03
C ALA A 115 36.91 -13.49 -25.48
N PHE A 116 38.13 -13.21 -25.00
CA PHE A 116 39.29 -14.03 -25.34
C PHE A 116 39.04 -15.51 -25.13
N LEU A 117 38.27 -15.87 -24.11
CA LEU A 117 38.07 -17.28 -23.81
C LEU A 117 37.29 -18.01 -24.90
N VAL A 118 36.41 -17.32 -25.63
CA VAL A 118 35.70 -17.96 -26.74
C VAL A 118 36.22 -17.52 -28.09
N ASN A 119 36.91 -16.39 -28.17
CA ASN A 119 37.28 -15.81 -29.44
C ASN A 119 38.70 -15.27 -29.24
N ALA A 120 39.69 -16.16 -29.44
CA ALA A 120 41.07 -15.84 -29.14
C ALA A 120 41.55 -14.60 -29.89
N SER A 121 41.00 -14.31 -31.06
CA SER A 121 41.47 -13.12 -31.79
C SER A 121 40.84 -11.83 -31.27
N ALA A 122 39.79 -11.90 -30.44
CA ALA A 122 39.11 -10.68 -29.99
C ALA A 122 40.07 -9.68 -29.35
N TRP A 123 41.09 -10.16 -28.64
CA TRP A 123 41.93 -9.28 -27.85
C TRP A 123 43.37 -9.30 -28.35
N ALA A 124 43.88 -8.12 -28.68
CA ALA A 124 45.28 -7.89 -28.97
C ALA A 124 45.70 -6.63 -28.22
N LEU A 125 46.81 -6.70 -27.51
CA LEU A 125 47.30 -5.58 -26.69
C LEU A 125 48.24 -4.68 -27.48
N ILE A 132 44.93 5.67 -22.79
CA ILE A 132 43.89 5.88 -21.79
C ILE A 132 43.92 7.32 -21.26
N GLN A 133 42.89 8.10 -21.59
CA GLN A 133 42.75 9.43 -21.02
C GLN A 133 42.68 9.32 -19.50
N PRO A 134 43.26 10.27 -18.77
CA PRO A 134 43.22 10.20 -17.31
C PRO A 134 41.86 10.64 -16.77
N GLY A 135 41.64 10.36 -15.49
CA GLY A 135 40.42 10.76 -14.82
C GLY A 135 39.19 9.94 -15.15
N GLU A 136 39.37 8.73 -15.70
CA GLU A 136 38.22 7.91 -16.07
C GLU A 136 37.48 7.36 -14.86
N THR A 137 36.16 7.48 -14.88
CA THR A 137 35.29 6.99 -13.82
C THR A 137 35.50 5.49 -13.59
N PRO A 138 35.90 5.08 -12.43
CA PRO A 138 36.16 3.65 -12.21
C PRO A 138 34.88 2.83 -12.17
N ASP A 139 34.48 2.23 -13.28
CA ASP A 139 33.32 1.35 -13.30
C ASP A 139 33.73 -0.04 -13.78
N GLY A 140 32.75 -0.92 -13.91
CA GLY A 140 33.01 -2.31 -14.18
C GLY A 140 33.46 -3.04 -12.93
N THR A 141 33.58 -4.36 -13.07
CA THR A 141 34.09 -5.15 -11.95
C THR A 141 35.50 -4.71 -11.59
N ILE A 142 36.30 -4.37 -12.59
CA ILE A 142 37.67 -3.98 -12.33
C ILE A 142 37.73 -2.55 -11.81
N GLY A 143 36.96 -1.64 -12.39
CA GLY A 143 36.97 -0.28 -11.89
C GLY A 143 36.53 -0.20 -10.45
N ARG A 144 35.47 -0.94 -10.08
CA ARG A 144 35.00 -0.94 -8.69
C ARG A 144 36.07 -1.50 -7.78
N LEU A 145 36.75 -2.56 -8.22
CA LEU A 145 37.87 -3.11 -7.46
C LEU A 145 38.96 -2.06 -7.27
N VAL A 146 39.22 -1.25 -8.30
CA VAL A 146 40.26 -0.23 -8.20
C VAL A 146 39.85 0.86 -7.22
N LYS A 147 38.61 1.34 -7.30
CA LYS A 147 38.14 2.34 -6.35
C LYS A 147 38.21 1.82 -4.91
N ARG A 148 37.91 0.54 -4.70
CA ARG A 148 37.90 -0.02 -3.35
CA ARG A 148 37.90 0.02 -3.34
C ARG A 148 39.31 -0.28 -2.83
N LEU A 149 40.18 -0.89 -3.66
CA LEU A 149 41.52 -1.27 -3.19
C LEU A 149 42.66 -0.40 -3.70
N GLY A 150 42.44 0.36 -4.78
CA GLY A 150 43.51 1.09 -5.44
C GLY A 150 44.06 0.27 -6.60
N ALA A 151 44.41 0.93 -7.70
CA ALA A 151 45.01 0.21 -8.83
C ALA A 151 46.24 -0.61 -8.45
N PRO A 152 47.15 -0.14 -7.57
CA PRO A 152 48.32 -0.99 -7.27
C PRO A 152 47.94 -2.33 -6.62
N ALA A 153 46.95 -2.37 -5.74
CA ALA A 153 46.57 -3.65 -5.19
C ALA A 153 45.93 -4.54 -6.25
N VAL A 154 45.15 -3.94 -7.17
CA VAL A 154 44.55 -4.73 -8.25
C VAL A 154 45.63 -5.34 -9.13
N ARG A 155 46.70 -4.61 -9.41
CA ARG A 155 47.81 -5.19 -10.14
C ARG A 155 48.39 -6.38 -9.40
N THR A 156 48.65 -6.21 -8.11
CA THR A 156 49.15 -7.30 -7.28
C THR A 156 48.20 -8.50 -7.30
N ALA A 157 46.89 -8.24 -7.15
CA ALA A 157 45.94 -9.35 -7.15
C ALA A 157 45.93 -10.04 -8.51
N THR A 158 46.08 -9.28 -9.59
CA THR A 158 46.08 -9.89 -10.93
C THR A 158 47.32 -10.76 -11.13
N ARG A 159 48.48 -10.28 -10.64
CA ARG A 159 49.69 -11.08 -10.72
C ARG A 159 49.58 -12.37 -9.90
N GLN A 160 48.91 -12.30 -8.75
CA GLN A 160 48.68 -13.52 -7.98
C GLN A 160 47.71 -14.45 -8.71
N ALA A 161 46.66 -13.91 -9.32
CA ALA A 161 45.78 -14.76 -10.12
C ALA A 161 46.53 -15.40 -11.29
N MET A 162 47.50 -14.69 -11.86
CA MET A 162 48.29 -15.28 -12.93
C MET A 162 49.12 -16.46 -12.44
N ARG A 163 49.65 -16.38 -11.21
CA ARG A 163 50.36 -17.54 -10.65
C ARG A 163 49.40 -18.69 -10.38
N LEU A 164 48.20 -18.40 -9.88
CA LEU A 164 47.24 -19.48 -9.64
C LEU A 164 46.83 -20.16 -10.94
N MET A 165 46.53 -19.37 -11.98
CA MET A 165 46.04 -19.93 -13.24
C MET A 165 47.13 -20.75 -13.91
N GLY A 166 48.38 -20.31 -13.80
CA GLY A 166 49.47 -21.08 -14.37
C GLY A 166 49.83 -22.31 -13.58
N ASN A 167 49.65 -22.28 -12.26
CA ASN A 167 50.10 -23.42 -11.45
C ASN A 167 49.05 -24.49 -11.24
N HIS A 168 47.77 -24.15 -11.29
CA HIS A 168 46.74 -25.08 -10.88
C HIS A 168 45.77 -25.46 -11.98
N PHE A 169 45.99 -24.99 -13.20
CA PHE A 169 45.11 -25.30 -14.31
C PHE A 169 45.98 -25.65 -15.51
N VAL A 170 45.51 -26.58 -16.32
CA VAL A 170 46.18 -26.99 -17.55
C VAL A 170 45.26 -26.58 -18.70
N LEU A 171 45.55 -25.44 -19.34
CA LEU A 171 44.59 -24.81 -20.24
C LEU A 171 45.21 -24.55 -21.60
N GLY A 172 44.35 -24.38 -22.61
CA GLY A 172 44.77 -24.04 -23.96
C GLY A 172 43.60 -23.53 -24.76
N GLU A 173 43.92 -22.88 -25.90
CA GLU A 173 42.85 -22.42 -26.79
C GLU A 173 42.09 -23.60 -27.40
N THR A 174 42.74 -24.75 -27.49
CA THR A 174 42.16 -26.01 -27.90
C THR A 174 42.60 -27.08 -26.91
N ILE A 175 41.94 -28.23 -26.95
CA ILE A 175 42.33 -29.31 -26.06
C ILE A 175 43.74 -29.78 -26.41
N GLU A 176 44.10 -29.77 -27.71
CA GLU A 176 45.42 -30.20 -28.13
C GLU A 176 46.52 -29.36 -27.47
N GLN A 177 46.26 -28.07 -27.31
CA GLN A 177 47.27 -27.23 -26.70
C GLN A 177 47.34 -27.46 -25.20
N ALA A 178 46.17 -27.67 -24.57
CA ALA A 178 46.15 -28.02 -23.16
C ALA A 178 46.92 -29.32 -22.91
N LEU A 179 46.58 -30.37 -23.66
CA LEU A 179 47.24 -31.65 -23.49
C LEU A 179 48.73 -31.55 -23.77
N GLU A 180 49.13 -30.71 -24.73
CA GLU A 180 50.55 -30.52 -24.98
C GLU A 180 51.21 -29.83 -23.80
N ARG A 181 50.52 -28.85 -23.21
CA ARG A 181 51.07 -28.12 -22.07
C ARG A 181 51.14 -29.00 -20.82
N GLY A 182 50.19 -29.92 -20.65
CA GLY A 182 50.15 -30.84 -19.54
C GLY A 182 50.88 -32.14 -19.75
N LYS A 183 51.69 -32.24 -20.80
CA LYS A 183 52.44 -33.46 -21.10
C LYS A 183 53.66 -33.58 -20.18
N PRO A 184 53.97 -34.78 -19.72
CA PRO A 184 55.27 -35.04 -19.08
C PRO A 184 56.32 -35.42 -20.12
N ARG A 185 57.58 -35.45 -19.67
CA ARG A 185 58.67 -35.90 -20.53
C ARG A 185 58.44 -37.33 -20.99
N SER A 186 58.84 -37.62 -22.23
CA SER A 186 58.71 -38.95 -22.78
C SER A 186 59.31 -39.97 -21.81
N GLY A 187 58.56 -41.03 -21.53
CA GLY A 187 58.99 -42.03 -20.59
C GLY A 187 58.65 -41.75 -19.14
N GLN A 188 58.05 -40.61 -18.85
CA GLN A 188 57.68 -40.25 -17.49
C GLN A 188 56.16 -40.29 -17.31
N LYS A 189 55.74 -40.71 -16.12
CA LYS A 189 54.32 -40.74 -15.79
C LYS A 189 53.85 -39.36 -15.37
N THR A 190 52.59 -39.05 -15.69
CA THR A 190 51.98 -37.81 -15.23
C THR A 190 51.78 -37.90 -13.73
N ARG A 191 52.19 -36.85 -13.02
CA ARG A 191 52.03 -36.82 -11.58
C ARG A 191 50.62 -36.43 -11.15
N TYR A 192 49.66 -36.42 -12.07
CA TYR A 192 48.32 -36.07 -11.69
C TYR A 192 47.32 -36.64 -12.68
N SER A 193 46.11 -36.84 -12.21
CA SER A 193 45.01 -37.29 -13.06
C SER A 193 44.29 -36.09 -13.64
N PHE A 194 43.53 -36.31 -14.70
CA PHE A 194 42.90 -35.23 -15.46
C PHE A 194 41.44 -35.13 -15.06
N ASP A 195 41.07 -33.99 -14.48
CA ASP A 195 39.66 -33.63 -14.25
C ASP A 195 39.31 -32.80 -15.47
N MET A 196 38.64 -33.40 -16.45
CA MET A 196 38.46 -32.71 -17.72
C MET A 196 37.46 -31.58 -17.57
N LEU A 197 37.85 -30.39 -18.00
CA LEU A 197 36.86 -29.34 -18.14
C LEU A 197 35.83 -29.78 -19.17
N GLY A 198 34.59 -29.40 -18.95
CA GLY A 198 33.59 -29.73 -19.93
C GLY A 198 32.34 -30.21 -19.24
N GLU A 199 31.25 -29.53 -19.52
CA GLU A 199 29.95 -29.85 -18.97
C GLU A 199 28.90 -29.35 -19.94
N GLY A 200 27.74 -30.01 -19.92
CA GLY A 200 26.57 -29.55 -20.63
C GLY A 200 26.80 -29.16 -22.08
N ALA A 201 27.00 -30.14 -22.94
CA ALA A 201 26.99 -29.86 -24.37
C ALA A 201 25.67 -29.18 -24.70
N ARG A 202 25.75 -28.07 -25.41
CA ARG A 202 24.56 -27.40 -25.90
C ARG A 202 24.23 -27.81 -27.32
N THR A 203 25.21 -28.27 -28.10
CA THR A 203 25.03 -28.61 -29.50
C THR A 203 25.60 -29.98 -29.79
N ALA A 204 25.15 -30.58 -30.90
CA ALA A 204 25.75 -31.82 -31.38
C ALA A 204 27.26 -31.67 -31.58
N ALA A 205 27.69 -30.56 -32.18
CA ALA A 205 29.14 -30.36 -32.34
C ALA A 205 29.85 -30.35 -30.97
N ASP A 206 29.22 -29.73 -29.94
CA ASP A 206 29.79 -29.76 -28.60
C ASP A 206 30.03 -31.19 -28.12
N ALA A 207 29.03 -32.07 -28.30
CA ALA A 207 29.13 -33.42 -27.76
C ALA A 207 30.26 -34.20 -28.43
N ARG A 208 30.45 -34.01 -29.75
CA ARG A 208 31.57 -34.64 -30.46
C ARG A 208 32.91 -34.07 -30.00
N ARG A 209 32.97 -32.75 -29.79
CA ARG A 209 34.23 -32.15 -29.38
C ARG A 209 34.65 -32.66 -28.00
N TYR A 210 33.70 -32.74 -27.06
CA TYR A 210 34.07 -33.24 -25.73
C TYR A 210 34.48 -34.70 -25.79
N PHE A 211 33.77 -35.52 -26.60
CA PHE A 211 34.18 -36.91 -26.81
C PHE A 211 35.63 -36.97 -27.32
N ASP A 212 35.96 -36.14 -28.33
CA ASP A 212 37.32 -36.16 -28.88
C ASP A 212 38.34 -35.65 -27.88
N ALA A 213 38.02 -34.59 -27.16
CA ALA A 213 38.90 -34.14 -26.09
C ALA A 213 39.21 -35.28 -25.12
N TYR A 214 38.16 -35.95 -24.61
CA TYR A 214 38.35 -37.05 -23.68
C TYR A 214 39.19 -38.16 -24.31
N ALA A 215 38.84 -38.57 -25.52
CA ALA A 215 39.62 -39.61 -26.19
C ALA A 215 41.07 -39.20 -26.32
N SER A 216 41.29 -37.93 -26.69
CA SER A 216 42.66 -37.45 -26.82
CA SER A 216 42.66 -37.43 -26.82
C SER A 216 43.37 -37.42 -25.47
N ALA A 217 42.67 -37.03 -24.40
CA ALA A 217 43.29 -37.01 -23.08
C ALA A 217 43.65 -38.42 -22.62
N ILE A 218 42.80 -39.40 -22.95
CA ILE A 218 43.07 -40.77 -22.58
C ILE A 218 44.36 -41.27 -23.25
N GLU A 219 44.60 -40.88 -24.52
CA GLU A 219 45.86 -41.29 -25.13
C GLU A 219 47.04 -40.59 -24.47
N THR A 220 46.91 -39.29 -24.19
CA THR A 220 48.00 -38.55 -23.55
C THR A 220 48.36 -39.15 -22.20
N ILE A 221 47.37 -39.38 -21.32
CA ILE A 221 47.74 -39.95 -20.03
C ILE A 221 48.05 -41.44 -20.14
N GLY A 222 47.52 -42.11 -21.15
CA GLY A 222 47.89 -43.50 -21.37
C GLY A 222 49.36 -43.64 -21.73
N LYS A 223 49.83 -42.82 -22.69
CA LYS A 223 51.22 -42.87 -23.09
C LYS A 223 52.15 -42.49 -21.94
N ALA A 224 51.65 -41.80 -20.92
CA ALA A 224 52.47 -41.43 -19.79
C ALA A 224 51.90 -42.00 -18.48
N ALA A 225 51.74 -43.32 -18.40
CA ALA A 225 51.01 -43.95 -17.30
C ALA A 225 51.87 -44.81 -16.37
N GLY A 226 53.16 -44.96 -16.64
CA GLY A 226 53.96 -45.81 -15.78
C GLY A 226 53.72 -47.29 -16.03
N ASN A 227 54.36 -48.12 -15.20
CA ASN A 227 54.26 -49.57 -15.33
C ASN A 227 53.60 -50.26 -14.12
N HIS A 228 53.07 -49.51 -13.16
CA HIS A 228 52.37 -50.15 -12.07
C HIS A 228 50.97 -50.54 -12.49
N ALA A 229 50.37 -51.48 -11.75
CA ALA A 229 48.98 -51.83 -11.93
C ALA A 229 48.08 -50.81 -11.21
N LEU A 230 46.78 -50.83 -11.55
CA LEU A 230 45.79 -50.15 -10.73
C LEU A 230 46.01 -50.63 -9.30
N PRO A 231 45.80 -49.78 -8.29
CA PRO A 231 45.19 -48.47 -8.39
C PRO A 231 46.19 -47.37 -8.77
N ASP A 232 47.46 -47.73 -8.90
CA ASP A 232 48.55 -46.76 -9.07
C ASP A 232 48.81 -46.48 -10.56
N ARG A 233 47.79 -45.92 -11.20
CA ARG A 233 47.82 -45.48 -12.59
C ARG A 233 46.96 -44.23 -12.72
N PRO A 234 47.19 -43.40 -13.72
CA PRO A 234 46.48 -42.13 -13.80
C PRO A 234 45.00 -42.35 -14.08
N GLY A 235 44.23 -41.33 -13.73
CA GLY A 235 42.80 -41.33 -14.00
C GLY A 235 42.33 -40.18 -14.86
N ILE A 236 41.14 -40.32 -15.42
CA ILE A 236 40.46 -39.26 -16.14
C ILE A 236 39.02 -39.19 -15.63
N SER A 237 38.49 -37.98 -15.54
CA SER A 237 37.13 -37.69 -15.07
C SER A 237 36.33 -37.10 -16.21
N VAL A 238 35.11 -37.63 -16.42
CA VAL A 238 34.24 -37.19 -17.51
C VAL A 238 32.84 -36.92 -16.97
N LYS A 239 32.11 -36.04 -17.66
CA LYS A 239 30.74 -35.68 -17.32
C LYS A 239 29.79 -36.18 -18.43
N LEU A 240 28.75 -36.90 -18.04
CA LEU A 240 27.75 -37.35 -19.01
C LEU A 240 27.10 -36.17 -19.74
N SER A 241 26.90 -35.04 -19.04
CA SER A 241 26.27 -33.91 -19.73
C SER A 241 27.14 -33.33 -20.83
N ALA A 242 28.45 -33.53 -20.78
CA ALA A 242 29.31 -33.07 -21.86
C ALA A 242 29.16 -33.92 -23.11
N LEU A 243 28.68 -35.15 -22.97
CA LEU A 243 28.68 -36.10 -24.07
C LEU A 243 27.34 -36.20 -24.78
N HIS A 244 26.37 -35.40 -24.37
CA HIS A 244 25.05 -35.47 -24.98
C HIS A 244 24.35 -34.13 -24.81
N PRO A 245 23.77 -33.57 -25.89
CA PRO A 245 23.24 -32.19 -25.84
C PRO A 245 21.86 -32.04 -25.18
N ARG A 246 21.13 -33.13 -24.91
CA ARG A 246 19.90 -33.03 -24.12
C ARG A 246 19.94 -34.14 -23.08
N PHE A 247 20.92 -34.07 -22.18
CA PHE A 247 21.07 -35.07 -21.11
C PHE A 247 20.08 -34.73 -20.00
N GLU A 248 18.88 -35.31 -20.11
CA GLU A 248 17.78 -34.96 -19.23
C GLU A 248 16.82 -36.14 -19.21
N ALA A 249 16.09 -36.28 -18.10
CA ALA A 249 15.20 -37.42 -17.92
C ALA A 249 14.12 -37.47 -19.01
N ILE A 250 13.61 -36.31 -19.46
CA ILE A 250 12.53 -36.40 -20.44
C ILE A 250 13.05 -36.83 -21.81
N SER A 251 14.35 -36.69 -22.08
CA SER A 251 14.93 -37.20 -23.32
C SER A 251 15.62 -38.54 -23.13
N ARG A 252 15.26 -39.28 -22.07
CA ARG A 252 15.89 -40.56 -21.75
C ARG A 252 15.99 -41.50 -22.96
N ALA A 253 14.94 -41.56 -23.79
CA ALA A 253 14.91 -42.56 -24.85
C ALA A 253 16.06 -42.36 -25.83
N ARG A 254 16.30 -41.11 -26.25
CA ARG A 254 17.43 -40.89 -27.16
C ARG A 254 18.77 -40.97 -26.43
N VAL A 255 18.79 -40.60 -25.15
CA VAL A 255 20.03 -40.66 -24.38
C VAL A 255 20.55 -42.09 -24.31
N MET A 256 19.66 -43.05 -24.01
CA MET A 256 20.07 -44.45 -23.90
C MET A 256 20.58 -44.99 -25.22
N VAL A 257 20.02 -44.52 -26.33
CA VAL A 257 20.42 -45.00 -27.64
C VAL A 257 21.70 -44.29 -28.12
N GLU A 258 21.86 -43.01 -27.78
CA GLU A 258 22.95 -42.20 -28.29
C GLU A 258 24.14 -42.10 -27.35
N LEU A 259 23.92 -41.92 -26.05
CA LEU A 259 25.01 -41.64 -25.13
C LEU A 259 25.79 -42.92 -24.75
N VAL A 260 25.08 -44.03 -24.49
CA VAL A 260 25.74 -45.25 -24.02
C VAL A 260 26.86 -45.72 -24.96
N PRO A 261 26.67 -45.77 -26.29
CA PRO A 261 27.81 -46.14 -27.14
C PRO A 261 28.99 -45.19 -27.01
N GLN A 262 28.72 -43.87 -26.89
CA GLN A 262 29.81 -42.91 -26.72
C GLN A 262 30.59 -43.18 -25.44
N LEU A 263 29.89 -43.35 -24.31
CA LEU A 263 30.54 -43.62 -23.03
C LEU A 263 31.30 -44.94 -23.07
N LEU A 264 30.73 -45.94 -23.71
CA LEU A 264 31.41 -47.22 -23.87
C LEU A 264 32.72 -47.07 -24.68
N ASP A 265 32.68 -46.31 -25.78
CA ASP A 265 33.87 -46.14 -26.60
C ASP A 265 35.02 -45.54 -25.79
N LEU A 266 34.74 -44.50 -25.01
CA LEU A 266 35.76 -43.89 -24.17
C LEU A 266 36.25 -44.86 -23.09
N ALA A 267 35.34 -45.65 -22.51
CA ALA A 267 35.73 -46.60 -21.44
C ALA A 267 36.67 -47.68 -21.97
N GLN A 268 36.38 -48.18 -23.18
CA GLN A 268 37.26 -49.12 -23.85
C GLN A 268 38.63 -48.50 -24.11
N ARG A 269 38.65 -47.25 -24.56
CA ARG A 269 39.94 -46.61 -24.78
C ARG A 269 40.69 -46.46 -23.47
N ALA A 270 39.96 -46.15 -22.38
CA ALA A 270 40.57 -46.11 -21.06
C ALA A 270 41.10 -47.47 -20.64
N LYS A 271 40.27 -48.52 -20.83
CA LYS A 271 40.67 -49.87 -20.44
C LYS A 271 41.94 -50.31 -21.16
N ALA A 272 42.04 -50.05 -22.46
CA ALA A 272 43.23 -50.44 -23.21
C ALA A 272 44.51 -49.82 -22.63
N HIS A 273 44.40 -48.72 -21.87
CA HIS A 273 45.55 -48.21 -21.12
C HIS A 273 45.46 -48.54 -19.64
N ASP A 274 44.47 -49.35 -19.24
CA ASP A 274 44.30 -49.76 -17.84
C ASP A 274 44.23 -48.55 -16.91
N LEU A 275 43.46 -47.53 -17.33
CA LEU A 275 43.31 -46.29 -16.57
C LEU A 275 42.14 -46.38 -15.58
N ASN A 276 42.14 -45.49 -14.61
CA ASN A 276 40.96 -45.22 -13.80
C ASN A 276 40.05 -44.27 -14.57
N PHE A 277 38.81 -44.70 -14.85
CA PHE A 277 37.85 -43.95 -15.66
C PHE A 277 36.62 -43.63 -14.80
N THR A 278 36.38 -42.35 -14.50
CA THR A 278 35.39 -41.96 -13.50
C THR A 278 34.31 -41.09 -14.12
N VAL A 279 33.05 -41.51 -13.97
CA VAL A 279 31.91 -40.66 -14.34
C VAL A 279 31.56 -39.73 -13.17
N ASP A 280 31.72 -38.43 -13.41
CA ASP A 280 31.38 -37.44 -12.39
C ASP A 280 29.88 -37.45 -12.09
N ALA A 281 29.53 -36.98 -10.90
CA ALA A 281 28.14 -36.84 -10.50
C ALA A 281 27.73 -35.38 -10.65
N GLU A 282 26.54 -35.18 -11.20
CA GLU A 282 26.08 -33.83 -11.50
C GLU A 282 24.81 -33.57 -10.70
N GLU A 283 23.85 -32.85 -11.27
CA GLU A 283 22.70 -32.40 -10.50
C GLU A 283 21.84 -33.57 -10.04
N ALA A 284 21.02 -33.33 -9.01
CA ALA A 284 20.21 -34.40 -8.45
C ALA A 284 19.17 -34.92 -9.43
N ASP A 285 18.61 -34.04 -10.28
CA ASP A 285 17.60 -34.54 -11.23
C ASP A 285 18.21 -35.36 -12.36
N ARG A 286 19.54 -35.51 -12.41
CA ARG A 286 20.18 -36.39 -13.38
C ARG A 286 20.72 -37.68 -12.76
N LEU A 287 20.59 -37.85 -11.44
CA LEU A 287 21.12 -39.05 -10.79
C LEU A 287 20.59 -40.33 -11.45
N GLU A 288 19.26 -40.48 -11.47
CA GLU A 288 18.65 -41.70 -12.02
C GLU A 288 19.07 -41.93 -13.47
N LEU A 289 19.03 -40.88 -14.31
CA LEU A 289 19.43 -41.06 -15.70
C LEU A 289 20.89 -41.47 -15.80
N SER A 290 21.77 -40.87 -14.97
CA SER A 290 23.19 -41.23 -15.05
C SER A 290 23.40 -42.69 -14.69
N LEU A 291 22.68 -43.19 -13.69
CA LEU A 291 22.84 -44.59 -13.31
C LEU A 291 22.33 -45.54 -14.39
N ASP A 292 21.24 -45.18 -15.07
CA ASP A 292 20.78 -45.96 -16.22
C ASP A 292 21.87 -46.06 -17.28
N VAL A 293 22.48 -44.92 -17.63
CA VAL A 293 23.52 -44.89 -18.64
C VAL A 293 24.75 -45.67 -18.17
N ILE A 294 25.13 -45.48 -16.90
CA ILE A 294 26.30 -46.17 -16.38
C ILE A 294 26.08 -47.68 -16.33
N ALA A 295 24.88 -48.11 -15.90
CA ALA A 295 24.63 -49.56 -15.86
C ALA A 295 24.70 -50.18 -17.26
N ALA A 296 24.06 -49.53 -18.24
CA ALA A 296 24.05 -50.10 -19.60
C ALA A 296 25.45 -50.18 -20.18
N THR A 297 26.30 -49.21 -19.83
CA THR A 297 27.68 -49.20 -20.31
C THR A 297 28.51 -50.30 -19.61
N LEU A 298 28.46 -50.33 -18.28
CA LEU A 298 29.23 -51.33 -17.54
C LEU A 298 28.83 -52.74 -17.94
N ALA A 299 27.58 -52.93 -18.38
CA ALA A 299 27.12 -54.26 -18.75
C ALA A 299 27.88 -54.83 -19.95
N ASP A 300 28.41 -53.98 -20.82
CA ASP A 300 29.02 -54.47 -22.06
C ASP A 300 30.18 -55.42 -21.76
N PRO A 301 30.23 -56.60 -22.38
CA PRO A 301 31.32 -57.55 -22.08
C PRO A 301 32.70 -57.05 -22.48
N SER A 302 32.79 -55.98 -23.29
CA SER A 302 34.10 -55.45 -23.66
C SER A 302 34.85 -54.85 -22.47
N LEU A 303 34.16 -54.57 -21.36
CA LEU A 303 34.81 -53.97 -20.20
C LEU A 303 35.15 -54.97 -19.10
N LYS A 304 34.94 -56.28 -19.33
CA LYS A 304 35.44 -57.29 -18.42
C LYS A 304 36.96 -57.18 -18.27
N GLY A 305 37.47 -57.68 -17.14
CA GLY A 305 38.92 -57.79 -16.97
C GLY A 305 39.65 -56.47 -16.75
N TRP A 306 38.93 -55.43 -16.35
CA TRP A 306 39.53 -54.12 -16.11
C TRP A 306 38.89 -53.54 -14.87
N ASP A 307 39.71 -53.09 -13.91
CA ASP A 307 39.23 -52.70 -12.59
C ASP A 307 39.15 -51.18 -12.40
N GLY A 308 39.24 -50.40 -13.47
CA GLY A 308 39.27 -48.96 -13.34
C GLY A 308 37.98 -48.20 -13.61
N PHE A 309 36.91 -48.87 -14.03
CA PHE A 309 35.66 -48.16 -14.31
C PHE A 309 35.06 -47.68 -13.01
N GLY A 310 34.47 -46.49 -13.03
CA GLY A 310 33.79 -46.06 -11.82
C GLY A 310 33.02 -44.76 -11.97
N LEU A 311 32.53 -44.27 -10.83
CA LEU A 311 31.65 -43.11 -10.80
C LEU A 311 31.83 -42.40 -9.48
N ALA A 312 31.43 -41.12 -9.44
CA ALA A 312 31.34 -40.39 -8.18
C ALA A 312 29.92 -40.46 -7.62
N ILE A 313 29.84 -40.48 -6.28
CA ILE A 313 28.61 -40.49 -5.50
C ILE A 313 28.66 -39.33 -4.51
N GLN A 314 27.58 -38.54 -4.47
CA GLN A 314 27.52 -37.32 -3.67
C GLN A 314 26.86 -37.59 -2.32
N ALA A 315 27.65 -37.47 -1.25
CA ALA A 315 27.12 -37.76 0.09
C ALA A 315 26.09 -36.73 0.56
N TYR A 316 26.05 -35.53 -0.03
CA TYR A 316 25.05 -34.59 0.45
C TYR A 316 23.64 -34.95 0.01
N GLN A 317 23.48 -36.02 -0.76
CA GLN A 317 22.16 -36.47 -1.21
C GLN A 317 21.62 -37.52 -0.27
N LYS A 318 20.34 -37.39 0.08
CA LYS A 318 19.71 -38.39 0.93
C LYS A 318 19.71 -39.76 0.26
N ARG A 319 19.80 -39.81 -1.06
CA ARG A 319 19.85 -41.09 -1.75
C ARG A 319 21.25 -41.69 -1.80
N ALA A 320 22.26 -41.01 -1.25
CA ALA A 320 23.64 -41.46 -1.43
C ALA A 320 23.83 -42.92 -1.00
N SER A 321 23.33 -43.28 0.18
CA SER A 321 23.51 -44.63 0.68
C SER A 321 22.86 -45.66 -0.25
N ALA A 322 21.70 -45.32 -0.82
CA ALA A 322 21.05 -46.23 -1.76
C ALA A 322 21.84 -46.33 -3.08
N VAL A 323 22.49 -45.25 -3.50
CA VAL A 323 23.36 -45.32 -4.68
C VAL A 323 24.53 -46.28 -4.44
N ILE A 324 25.11 -46.26 -3.24
CA ILE A 324 26.19 -47.20 -2.95
C ILE A 324 25.68 -48.64 -3.06
N ASP A 325 24.48 -48.91 -2.53
CA ASP A 325 23.89 -50.25 -2.66
C ASP A 325 23.72 -50.62 -4.13
N TYR A 326 23.19 -49.68 -4.93
CA TYR A 326 22.95 -49.93 -6.34
C TYR A 326 24.26 -50.20 -7.07
N VAL A 327 25.28 -49.38 -6.80
CA VAL A 327 26.55 -49.56 -7.48
C VAL A 327 27.17 -50.90 -7.10
N ASP A 328 27.00 -51.31 -5.83
CA ASP A 328 27.59 -52.58 -5.41
C ASP A 328 26.90 -53.76 -6.09
N ALA A 329 25.56 -53.72 -6.17
CA ALA A 329 24.83 -54.78 -6.84
C ALA A 329 25.15 -54.82 -8.31
N LEU A 330 25.40 -53.66 -8.91
CA LEU A 330 25.88 -53.60 -10.28
C LEU A 330 27.21 -54.34 -10.43
N ALA A 331 28.17 -54.00 -9.58
CA ALA A 331 29.50 -54.63 -9.64
C ALA A 331 29.40 -56.12 -9.38
N ARG A 332 28.55 -56.53 -8.44
CA ARG A 332 28.36 -57.96 -8.19
C ARG A 332 27.67 -58.64 -9.37
N ALA A 333 26.67 -57.97 -9.97
CA ALA A 333 25.87 -58.61 -11.00
C ALA A 333 26.69 -58.88 -12.25
N HIS A 334 27.64 -57.99 -12.57
CA HIS A 334 28.49 -58.17 -13.73
C HIS A 334 29.86 -58.71 -13.36
N ASP A 335 30.07 -59.10 -12.10
CA ASP A 335 31.34 -59.55 -11.55
C ASP A 335 32.50 -58.65 -11.96
N ARG A 336 32.38 -57.37 -11.62
CA ARG A 336 33.42 -56.39 -11.86
C ARG A 336 33.94 -55.85 -10.54
N LYS A 337 35.17 -55.32 -10.61
CA LYS A 337 35.72 -54.43 -9.61
C LYS A 337 35.59 -53.00 -10.12
N LEU A 338 35.18 -52.09 -9.23
CA LEU A 338 34.94 -50.69 -9.55
C LEU A 338 35.70 -49.79 -8.59
N MET A 339 36.15 -48.67 -9.12
CA MET A 339 36.71 -47.59 -8.32
C MET A 339 35.62 -46.54 -8.18
N VAL A 340 35.25 -46.22 -6.94
CA VAL A 340 34.05 -45.44 -6.64
C VAL A 340 34.46 -44.23 -5.80
N ARG A 341 34.19 -43.03 -6.30
CA ARG A 341 34.61 -41.80 -5.65
C ARG A 341 33.48 -41.23 -4.80
N LEU A 342 33.76 -41.00 -3.52
CA LEU A 342 32.79 -40.37 -2.62
C LEU A 342 33.15 -38.90 -2.45
N VAL A 343 32.24 -38.01 -2.84
CA VAL A 343 32.38 -36.57 -2.65
C VAL A 343 31.22 -36.07 -1.80
N LYS A 344 31.34 -34.83 -1.33
CA LYS A 344 30.17 -34.29 -0.63
C LYS A 344 29.14 -33.78 -1.63
N GLY A 345 29.56 -32.94 -2.58
CA GLY A 345 28.65 -32.49 -3.61
C GLY A 345 28.85 -31.05 -4.03
N ALA A 346 28.90 -30.82 -5.34
CA ALA A 346 29.30 -29.52 -5.87
C ALA A 346 28.14 -28.59 -6.22
N TYR A 347 26.88 -29.02 -6.09
CA TYR A 347 25.74 -28.28 -6.62
C TYR A 347 24.72 -27.89 -5.56
N TRP A 348 25.15 -27.72 -4.29
CA TRP A 348 24.19 -27.52 -3.21
C TRP A 348 23.24 -26.34 -3.47
N ASP A 349 23.78 -25.16 -3.79
CA ASP A 349 22.94 -23.98 -4.00
C ASP A 349 21.96 -24.23 -5.14
N THR A 350 22.42 -24.89 -6.20
CA THR A 350 21.54 -25.21 -7.32
C THR A 350 20.39 -26.09 -6.86
N GLU A 351 20.69 -27.12 -6.07
CA GLU A 351 19.63 -28.02 -5.62
C GLU A 351 18.60 -27.28 -4.76
N ILE A 352 19.05 -26.38 -3.89
CA ILE A 352 18.10 -25.63 -3.06
C ILE A 352 17.18 -24.79 -3.95
N LYS A 353 17.77 -23.96 -4.79
CA LYS A 353 17.01 -23.08 -5.67
C LYS A 353 16.03 -23.87 -6.52
N ARG A 354 16.51 -24.98 -7.11
CA ARG A 354 15.66 -25.76 -8.00
C ARG A 354 14.44 -26.33 -7.28
N ALA A 355 14.64 -26.89 -6.09
CA ALA A 355 13.51 -27.48 -5.38
C ALA A 355 12.48 -26.40 -5.04
N GLN A 356 12.96 -25.19 -4.71
CA GLN A 356 12.05 -24.08 -4.43
C GLN A 356 11.29 -23.67 -5.69
N GLU A 357 12.00 -23.40 -6.78
CA GLU A 357 11.35 -23.02 -8.04
C GLU A 357 10.33 -24.08 -8.48
N ARG A 358 10.71 -25.35 -8.37
CA ARG A 358 9.88 -26.45 -8.82
C ARG A 358 8.81 -26.86 -7.83
N GLY A 359 8.70 -26.17 -6.69
CA GLY A 359 7.68 -26.53 -5.71
C GLY A 359 7.73 -27.98 -5.28
N LEU A 360 8.92 -28.52 -5.12
CA LEU A 360 9.01 -29.93 -4.71
C LEU A 360 8.61 -30.08 -3.24
N ASP A 361 8.28 -31.31 -2.85
CA ASP A 361 7.87 -31.53 -1.47
C ASP A 361 9.05 -31.69 -0.49
N GLY A 362 10.26 -31.31 -0.90
CA GLY A 362 11.42 -31.43 -0.04
C GLY A 362 12.66 -31.28 -0.90
N TYR A 363 13.81 -31.26 -0.22
CA TYR A 363 15.10 -31.13 -0.88
C TYR A 363 15.78 -32.49 -1.03
N PRO A 364 16.33 -32.80 -2.21
CA PRO A 364 17.12 -34.03 -2.35
C PRO A 364 18.42 -34.02 -1.57
N VAL A 365 18.85 -32.87 -1.09
CA VAL A 365 20.10 -32.76 -0.34
C VAL A 365 19.79 -32.38 1.10
N PHE A 366 20.74 -32.69 1.99
CA PHE A 366 20.70 -32.13 3.33
C PHE A 366 20.85 -30.61 3.25
N THR A 367 20.29 -29.92 4.25
CA THR A 367 20.35 -28.46 4.32
C THR A 367 21.23 -27.97 5.45
N ARG A 368 21.75 -28.86 6.28
CA ARG A 368 22.75 -28.52 7.28
C ARG A 368 24.05 -29.21 6.91
N LYS A 369 25.12 -28.43 6.89
CA LYS A 369 26.44 -28.93 6.55
C LYS A 369 26.84 -30.14 7.38
N ALA A 370 26.58 -30.11 8.69
CA ALA A 370 26.96 -31.23 9.55
C ALA A 370 26.22 -32.50 9.16
N MET A 371 25.03 -32.38 8.55
CA MET A 371 24.32 -33.56 8.05
C MET A 371 25.04 -34.17 6.83
N THR A 372 25.52 -33.33 5.92
CA THR A 372 26.35 -33.85 4.84
C THR A 372 27.59 -34.52 5.38
N ASP A 373 28.25 -33.89 6.35
CA ASP A 373 29.47 -34.47 6.93
C ASP A 373 29.17 -35.78 7.66
N LEU A 374 28.06 -35.83 8.40
CA LEU A 374 27.62 -37.06 9.02
C LEU A 374 27.41 -38.16 7.99
N ASN A 375 26.63 -37.85 6.94
CA ASN A 375 26.34 -38.85 5.92
C ASN A 375 27.59 -39.25 5.16
N TYR A 376 28.56 -38.33 5.01
CA TYR A 376 29.79 -38.67 4.30
C TYR A 376 30.57 -39.72 5.07
N VAL A 377 30.64 -39.58 6.39
CA VAL A 377 31.39 -40.58 7.15
C VAL A 377 30.64 -41.91 7.17
N ALA A 378 29.31 -41.88 7.34
CA ALA A 378 28.53 -43.11 7.24
C ALA A 378 28.72 -43.79 5.87
N CYS A 379 28.66 -43.01 4.77
CA CYS A 379 28.88 -43.58 3.44
C CYS A 379 30.31 -44.09 3.29
N ALA A 380 31.28 -43.37 3.87
CA ALA A 380 32.67 -43.85 3.81
C ALA A 380 32.81 -45.17 4.53
N SER A 381 32.17 -45.31 5.68
CA SER A 381 32.21 -46.58 6.41
C SER A 381 31.58 -47.70 5.57
N LYS A 382 30.48 -47.39 4.90
CA LYS A 382 29.83 -48.36 4.04
C LYS A 382 30.75 -48.76 2.87
N LEU A 383 31.43 -47.80 2.26
CA LEU A 383 32.30 -48.12 1.14
C LEU A 383 33.52 -48.94 1.59
N LEU A 384 34.07 -48.64 2.76
CA LEU A 384 35.22 -49.40 3.25
C LEU A 384 34.88 -50.86 3.43
N ALA A 385 33.64 -51.15 3.85
CA ALA A 385 33.23 -52.54 4.06
C ALA A 385 33.01 -53.29 2.76
N LEU A 386 32.91 -52.59 1.63
CA LEU A 386 32.72 -53.21 0.32
C LEU A 386 34.02 -53.52 -0.40
N ARG A 387 35.17 -53.21 0.22
CA ARG A 387 36.43 -53.73 -0.28
C ARG A 387 36.42 -55.26 -0.17
N PRO A 388 37.12 -55.98 -1.06
CA PRO A 388 37.98 -55.50 -2.15
C PRO A 388 37.29 -55.23 -3.48
N ARG A 389 36.01 -55.59 -3.61
CA ARG A 389 35.33 -55.40 -4.88
C ARG A 389 35.24 -53.92 -5.25
N ILE A 390 34.98 -53.07 -4.27
CA ILE A 390 34.90 -51.63 -4.45
C ILE A 390 36.22 -51.05 -3.94
N PHE A 391 36.88 -50.26 -4.77
CA PHE A 391 38.03 -49.51 -4.33
C PHE A 391 37.57 -48.07 -4.08
N PRO A 392 37.37 -47.65 -2.84
CA PRO A 392 36.79 -46.33 -2.59
C PRO A 392 37.84 -45.26 -2.72
N GLN A 393 37.41 -44.09 -3.17
CA GLN A 393 38.25 -42.91 -3.34
C GLN A 393 37.56 -41.76 -2.61
N PHE A 394 38.17 -41.28 -1.54
CA PHE A 394 37.54 -40.27 -0.68
C PHE A 394 38.08 -38.91 -1.13
N ALA A 395 37.28 -38.19 -1.91
CA ALA A 395 37.67 -36.89 -2.46
C ALA A 395 37.18 -35.79 -1.53
N THR A 396 38.10 -35.22 -0.76
CA THR A 396 37.77 -34.16 0.18
C THR A 396 39.07 -33.44 0.57
N HIS A 397 38.94 -32.15 0.90
CA HIS A 397 40.06 -31.39 1.44
C HIS A 397 39.81 -31.00 2.90
N ASN A 398 38.89 -31.70 3.56
CA ASN A 398 38.55 -31.43 4.96
C ASN A 398 39.41 -32.30 5.85
N ALA A 399 40.23 -31.67 6.71
CA ALA A 399 41.16 -32.44 7.55
C ALA A 399 40.43 -33.36 8.52
N LEU A 400 39.29 -32.90 9.05
CA LEU A 400 38.51 -33.72 9.98
C LEU A 400 37.93 -34.94 9.27
N THR A 401 37.32 -34.74 8.10
CA THR A 401 36.78 -35.87 7.34
C THR A 401 37.86 -36.87 7.01
N VAL A 402 39.02 -36.39 6.56
CA VAL A 402 40.14 -37.28 6.27
C VAL A 402 40.54 -38.05 7.51
N ALA A 403 40.74 -37.35 8.64
CA ALA A 403 41.14 -38.02 9.87
C ALA A 403 40.14 -39.09 10.28
N THR A 404 38.85 -38.80 10.11
CA THR A 404 37.79 -39.72 10.52
C THR A 404 37.73 -40.94 9.61
N VAL A 405 37.78 -40.73 8.29
CA VAL A 405 37.80 -41.85 7.35
C VAL A 405 39.02 -42.72 7.60
N LEU A 406 40.18 -42.10 7.82
CA LEU A 406 41.39 -42.86 8.09
C LEU A 406 41.22 -43.74 9.32
N GLU A 407 40.64 -43.19 10.39
CA GLU A 407 40.47 -43.97 11.61
C GLU A 407 39.52 -45.14 11.39
N MET A 408 38.47 -44.95 10.59
CA MET A 408 37.55 -46.04 10.35
C MET A 408 38.16 -47.16 9.53
N ALA A 409 39.06 -46.83 8.59
CA ALA A 409 39.77 -47.86 7.82
C ALA A 409 40.67 -48.72 8.69
N GLU A 410 41.03 -48.23 9.88
CA GLU A 410 41.79 -48.99 10.87
C GLU A 410 43.16 -49.41 10.34
N GLY A 411 43.75 -48.57 9.50
CA GLY A 411 45.12 -48.76 9.05
C GLY A 411 45.33 -49.67 7.87
N SER A 412 44.27 -50.04 7.16
CA SER A 412 44.38 -50.96 6.04
C SER A 412 44.72 -50.17 4.77
N SER A 413 44.68 -50.86 3.62
CA SER A 413 44.87 -50.23 2.32
C SER A 413 43.65 -50.55 1.47
N GLY A 414 43.77 -50.56 0.14
CA GLY A 414 42.61 -50.83 -0.70
C GLY A 414 41.66 -49.65 -0.88
N PHE A 415 42.09 -48.44 -0.54
CA PHE A 415 41.33 -47.23 -0.83
C PHE A 415 42.33 -46.12 -1.11
N GLU A 416 41.84 -44.93 -1.43
CA GLU A 416 42.72 -43.79 -1.60
C GLU A 416 41.97 -42.51 -1.24
N PHE A 417 42.71 -41.45 -1.00
CA PHE A 417 42.12 -40.12 -0.96
C PHE A 417 42.33 -39.40 -2.30
N GLN A 418 41.58 -38.32 -2.49
CA GLN A 418 41.68 -37.54 -3.72
C GLN A 418 41.61 -36.06 -3.39
N ARG A 419 42.31 -35.26 -4.18
CA ARG A 419 42.28 -33.82 -4.03
C ARG A 419 42.37 -33.19 -5.41
N LEU A 420 42.11 -31.89 -5.45
CA LEU A 420 42.23 -31.09 -6.65
C LEU A 420 43.52 -30.27 -6.57
N HIS A 421 44.24 -30.19 -7.67
CA HIS A 421 45.48 -29.41 -7.69
C HIS A 421 45.21 -28.00 -7.20
N GLY A 422 46.05 -27.53 -6.27
CA GLY A 422 45.86 -26.23 -5.66
C GLY A 422 45.03 -26.22 -4.39
N MET A 423 44.60 -27.37 -3.89
CA MET A 423 43.88 -27.49 -2.63
C MET A 423 44.33 -28.74 -1.91
N GLY A 424 44.38 -28.68 -0.57
CA GLY A 424 44.74 -29.85 0.20
C GLY A 424 46.16 -30.33 0.09
N GLU A 425 47.08 -29.53 -0.47
CA GLU A 425 48.45 -30.01 -0.62
C GLU A 425 49.13 -30.21 0.74
N ALA A 426 49.06 -29.20 1.61
CA ALA A 426 49.66 -29.36 2.93
C ALA A 426 48.96 -30.46 3.72
N LEU A 427 47.62 -30.55 3.61
CA LEU A 427 46.87 -31.60 4.29
C LEU A 427 47.45 -32.97 3.96
N TYR A 428 47.49 -33.32 2.68
CA TYR A 428 47.85 -34.68 2.30
C TYR A 428 49.35 -34.96 2.36
N GLU A 429 50.20 -33.94 2.19
CA GLU A 429 51.63 -34.11 2.47
C GLU A 429 51.84 -34.52 3.92
N GLN A 430 51.14 -33.84 4.83
CA GLN A 430 51.27 -34.16 6.24
C GLN A 430 50.73 -35.55 6.55
N LEU A 431 49.57 -35.90 5.97
CA LEU A 431 49.03 -37.25 6.13
C LEU A 431 50.03 -38.29 5.66
N ALA A 432 50.68 -38.06 4.53
CA ALA A 432 51.66 -39.01 4.05
C ALA A 432 52.85 -39.12 4.98
N LYS A 433 53.21 -38.04 5.68
CA LYS A 433 54.33 -38.11 6.61
C LYS A 433 54.00 -39.00 7.81
N ASP A 434 52.78 -38.91 8.31
CA ASP A 434 52.39 -39.58 9.55
C ASP A 434 51.86 -41.00 9.35
N HIS A 435 51.50 -41.38 8.13
CA HIS A 435 50.99 -42.72 7.83
C HIS A 435 51.56 -43.13 6.47
N ALA A 436 52.57 -44.00 6.47
CA ALA A 436 53.35 -44.22 5.25
C ALA A 436 52.53 -44.92 4.15
N ASP A 437 51.55 -45.74 4.52
CA ASP A 437 50.80 -46.50 3.54
C ASP A 437 49.64 -45.71 2.91
N ILE A 438 49.68 -44.39 3.00
CA ILE A 438 48.59 -43.56 2.51
C ILE A 438 48.80 -43.28 1.03
N ALA A 439 47.76 -43.46 0.26
CA ALA A 439 47.72 -43.06 -1.13
C ALA A 439 46.73 -41.92 -1.29
N TYR A 440 47.10 -40.93 -2.09
CA TYR A 440 46.14 -39.93 -2.52
C TYR A 440 46.39 -39.57 -3.97
N ARG A 441 45.29 -39.38 -4.71
CA ARG A 441 45.30 -39.01 -6.12
C ARG A 441 45.05 -37.51 -6.25
N THR A 442 45.87 -36.85 -7.07
CA THR A 442 45.75 -35.41 -7.34
C THR A 442 45.26 -35.22 -8.77
N TYR A 443 44.15 -34.50 -8.94
CA TYR A 443 43.61 -34.17 -10.25
C TYR A 443 43.95 -32.74 -10.60
N ALA A 444 44.28 -32.53 -11.85
CA ALA A 444 44.39 -31.17 -12.36
C ALA A 444 43.25 -30.89 -13.34
N PRO A 445 42.67 -29.69 -13.34
CA PRO A 445 41.70 -29.35 -14.40
C PRO A 445 42.42 -29.20 -15.73
N VAL A 446 41.88 -29.85 -16.76
CA VAL A 446 42.49 -29.85 -18.08
C VAL A 446 41.40 -29.57 -19.09
N GLY A 447 41.63 -28.59 -19.97
CA GLY A 447 40.68 -28.33 -21.04
C GLY A 447 40.95 -27.00 -21.74
N SER A 448 40.02 -26.64 -22.60
CA SER A 448 40.18 -25.42 -23.38
C SER A 448 39.49 -24.20 -22.74
N HIS A 449 39.92 -23.02 -23.18
CA HIS A 449 39.44 -21.75 -22.64
C HIS A 449 37.91 -21.64 -22.73
N ARG A 450 37.30 -22.16 -23.79
CA ARG A 450 35.85 -22.04 -23.93
C ARG A 450 35.11 -22.79 -22.83
N ASP A 451 35.79 -23.62 -22.04
CA ASP A 451 35.17 -24.35 -20.94
C ASP A 451 35.59 -23.83 -19.57
N LEU A 452 36.46 -22.83 -19.52
CA LEU A 452 37.00 -22.34 -18.25
C LEU A 452 35.94 -21.61 -17.43
N LEU A 453 35.23 -20.66 -18.06
CA LEU A 453 34.27 -19.83 -17.31
C LEU A 453 33.27 -20.68 -16.55
N ALA A 454 32.60 -21.62 -17.24
CA ALA A 454 31.60 -22.41 -16.55
C ALA A 454 32.21 -23.15 -15.37
N TYR A 455 33.42 -23.70 -15.55
CA TYR A 455 34.14 -24.36 -14.46
C TYR A 455 34.49 -23.40 -13.32
N LEU A 456 35.04 -22.23 -13.66
CA LEU A 456 35.46 -21.28 -12.62
C LEU A 456 34.30 -20.84 -11.74
N VAL A 457 33.13 -20.59 -12.34
CA VAL A 457 31.97 -20.17 -11.57
C VAL A 457 31.68 -21.15 -10.45
N ARG A 458 31.63 -22.45 -10.77
CA ARG A 458 31.34 -23.44 -9.74
C ARG A 458 32.49 -23.59 -8.75
N ARG A 459 33.74 -23.64 -9.24
CA ARG A 459 34.88 -23.75 -8.32
C ARG A 459 34.90 -22.59 -7.32
N LEU A 460 34.57 -21.38 -7.78
CA LEU A 460 34.60 -20.21 -6.92
C LEU A 460 33.52 -20.24 -5.84
N LEU A 461 32.41 -20.96 -6.06
CA LEU A 461 31.37 -21.03 -5.04
C LEU A 461 31.86 -21.80 -3.81
N GLU A 462 32.57 -22.91 -4.03
CA GLU A 462 33.07 -23.71 -2.91
C GLU A 462 34.22 -23.01 -2.21
N ASN A 463 35.13 -22.37 -2.96
CA ASN A 463 36.26 -21.66 -2.37
C ASN A 463 35.82 -20.40 -1.64
N GLY A 464 34.70 -19.81 -2.03
CA GLY A 464 34.24 -18.59 -1.41
C GLY A 464 33.18 -18.78 -0.34
N ALA A 465 32.66 -20.01 -0.21
CA ALA A 465 31.64 -20.29 0.79
C ALA A 465 32.19 -20.10 2.20
N ASN A 466 31.39 -19.51 3.08
CA ASN A 466 31.82 -19.24 4.45
C ASN A 466 31.95 -20.53 5.26
N SER A 467 31.09 -21.52 5.01
CA SER A 467 31.09 -22.80 5.68
C SER A 467 32.21 -23.73 5.22
N SER A 468 32.88 -23.39 4.12
CA SER A 468 33.92 -24.24 3.56
C SER A 468 35.02 -24.52 4.58
N PHE A 469 35.51 -25.76 4.59
CA PHE A 469 36.56 -26.11 5.55
C PHE A 469 37.89 -25.49 5.16
N VAL A 470 38.23 -25.53 3.87
CA VAL A 470 39.52 -25.01 3.45
C VAL A 470 39.57 -23.51 3.66
N ALA A 471 38.43 -22.83 3.51
CA ALA A 471 38.42 -21.40 3.76
C ALA A 471 38.60 -21.11 5.25
N GLN A 472 38.02 -21.93 6.12
CA GLN A 472 38.12 -21.68 7.55
C GLN A 472 39.49 -22.09 8.11
N ALA A 473 40.05 -23.19 7.63
CA ALA A 473 41.34 -23.64 8.12
C ALA A 473 42.46 -22.72 7.71
N ALA A 474 42.22 -21.84 6.73
CA ALA A 474 43.23 -20.88 6.32
C ALA A 474 43.01 -19.51 6.93
N ASP A 475 41.87 -19.29 7.58
CA ASP A 475 41.64 -18.05 8.31
C ASP A 475 42.15 -18.25 9.72
N TYR A 476 43.26 -17.60 10.05
CA TYR A 476 43.84 -17.71 11.39
C TYR A 476 42.92 -17.20 12.47
N ARG A 477 41.83 -16.53 12.10
CA ARG A 477 40.85 -16.11 13.08
C ARG A 477 40.10 -17.31 13.67
N VAL A 478 40.01 -18.40 12.92
CA VAL A 478 39.29 -19.59 13.36
C VAL A 478 40.25 -20.47 14.16
N PRO A 479 40.00 -20.68 15.45
CA PRO A 479 40.87 -21.58 16.21
C PRO A 479 40.76 -23.00 15.70
N VAL A 480 41.89 -23.70 15.76
CA VAL A 480 41.97 -25.11 15.40
C VAL A 480 40.89 -25.95 16.09
N PRO A 481 40.60 -25.73 17.38
CA PRO A 481 39.56 -26.57 18.01
C PRO A 481 38.19 -26.42 17.37
N ALA A 482 37.88 -25.28 16.74
CA ALA A 482 36.59 -25.10 16.09
C ALA A 482 36.42 -26.04 14.90
N LEU A 483 37.48 -26.25 14.13
CA LEU A 483 37.43 -27.13 12.98
C LEU A 483 37.37 -28.60 13.35
N LEU A 484 37.41 -28.95 14.63
CA LEU A 484 37.46 -30.35 15.05
C LEU A 484 36.16 -30.86 15.65
N GLN A 485 35.10 -30.05 15.67
CA GLN A 485 33.83 -30.54 16.19
C GLN A 485 33.29 -31.62 15.29
N ARG A 486 32.92 -32.74 15.87
CA ARG A 486 32.37 -33.79 15.05
C ARG A 486 30.91 -33.49 14.69
N PRO A 487 30.47 -33.90 13.51
CA PRO A 487 29.13 -33.53 13.02
C PRO A 487 28.00 -33.84 13.99
N ALA A 488 28.02 -35.04 14.60
CA ALA A 488 26.95 -35.44 15.52
C ALA A 488 26.80 -34.42 16.65
N ASP A 489 27.91 -33.88 17.13
CA ASP A 489 27.90 -32.91 18.23
C ASP A 489 27.31 -31.57 17.80
N ALA A 490 27.33 -31.26 16.51
CA ALA A 490 26.71 -30.04 16.02
C ALA A 490 25.22 -30.21 15.81
N ILE A 491 24.77 -31.43 15.49
CA ILE A 491 23.35 -31.70 15.25
C ILE A 491 22.61 -32.03 16.55
N VAL A 492 23.27 -32.76 17.45
CA VAL A 492 22.77 -33.25 18.73
C VAL A 492 21.48 -34.06 18.61
N ARG A 493 20.42 -33.49 18.02
CA ARG A 493 19.10 -34.11 18.06
C ARG A 493 18.52 -34.25 16.64
N PRO A 494 17.86 -35.38 16.36
CA PRO A 494 17.37 -35.61 14.98
C PRO A 494 16.42 -34.54 14.49
N GLN A 495 15.58 -33.98 15.38
CA GLN A 495 14.65 -32.93 15.01
C GLN A 495 15.36 -31.66 14.53
N ALA A 496 16.67 -31.56 14.77
CA ALA A 496 17.47 -30.43 14.29
C ALA A 496 18.20 -30.73 12.98
N ALA A 497 17.88 -31.83 12.31
CA ALA A 497 18.62 -32.20 11.09
C ALA A 497 18.45 -31.14 10.00
N ALA A 498 17.21 -30.75 9.71
CA ALA A 498 16.96 -29.74 8.69
C ALA A 498 17.43 -28.36 9.15
N HIS A 499 17.84 -27.53 8.21
CA HIS A 499 18.32 -26.20 8.56
C HIS A 499 17.15 -25.30 8.98
N PRO A 500 17.24 -24.62 10.12
CA PRO A 500 16.05 -23.90 10.62
C PRO A 500 15.70 -22.67 9.81
N ARG A 501 16.63 -22.13 9.02
CA ARG A 501 16.33 -20.92 8.24
C ARG A 501 16.10 -21.20 6.77
N ILE A 502 15.83 -22.45 6.39
CA ILE A 502 15.54 -22.78 4.99
C ILE A 502 14.17 -23.44 4.96
N PRO A 503 13.14 -22.74 4.48
CA PRO A 503 11.80 -23.32 4.46
C PRO A 503 11.72 -24.40 3.39
N LEU A 504 10.77 -25.30 3.58
CA LEU A 504 10.41 -26.22 2.51
C LEU A 504 9.79 -25.43 1.36
N PRO A 505 9.94 -25.92 0.11
CA PRO A 505 9.31 -25.19 -1.01
C PRO A 505 7.84 -24.87 -0.78
N CYS A 506 7.08 -25.76 -0.14
CA CYS A 506 5.67 -25.44 0.08
C CYS A 506 5.49 -24.27 1.04
N ASP A 507 6.52 -23.90 1.81
CA ASP A 507 6.45 -22.78 2.75
C ASP A 507 7.11 -21.52 2.21
N LEU A 508 7.46 -21.50 0.94
CA LEU A 508 8.22 -20.40 0.37
C LEU A 508 7.56 -19.04 0.64
N PHE A 509 6.23 -19.00 0.70
CA PHE A 509 5.53 -17.74 0.89
C PHE A 509 4.83 -17.64 2.22
N ALA A 510 5.08 -18.56 3.15
CA ALA A 510 4.42 -18.53 4.45
C ALA A 510 4.90 -17.33 5.26
N PRO A 511 4.03 -16.75 6.10
CA PRO A 511 2.64 -17.17 6.35
C PRO A 511 1.63 -16.42 5.48
N GLU A 512 2.11 -15.66 4.49
CA GLU A 512 1.20 -14.93 3.60
C GLU A 512 0.24 -15.87 2.90
N ARG A 513 0.75 -16.96 2.31
CA ARG A 513 -0.09 -17.90 1.58
C ARG A 513 0.67 -19.19 1.35
N ARG A 514 -0.08 -20.21 0.92
CA ARG A 514 0.48 -21.48 0.50
C ARG A 514 1.06 -21.39 -0.92
N ASN A 515 1.88 -22.38 -1.25
CA ASN A 515 2.53 -22.49 -2.53
C ASN A 515 1.93 -23.70 -3.24
N SER A 516 1.83 -23.61 -4.57
CA SER A 516 1.39 -24.77 -5.33
C SER A 516 2.48 -25.82 -5.40
N ARG A 517 2.08 -27.07 -5.57
CA ARG A 517 3.03 -28.18 -5.65
C ARG A 517 3.43 -28.49 -7.09
N GLY A 518 4.73 -28.71 -7.30
CA GLY A 518 5.25 -29.14 -8.58
C GLY A 518 5.67 -30.60 -8.57
N VAL A 519 6.33 -30.99 -9.65
CA VAL A 519 6.76 -32.38 -9.86
C VAL A 519 8.22 -32.36 -10.31
N GLU A 520 9.03 -33.27 -9.77
CA GLU A 520 10.41 -33.42 -10.21
C GLU A 520 10.45 -34.45 -11.34
N PHE A 521 10.72 -33.97 -12.56
CA PHE A 521 10.72 -34.85 -13.73
C PHE A 521 11.92 -35.81 -13.71
N GLY A 522 13.00 -35.45 -13.01
CA GLY A 522 14.15 -36.30 -12.83
C GLY A 522 13.99 -37.40 -11.81
N ALA A 523 12.78 -37.58 -11.26
CA ALA A 523 12.44 -38.71 -10.39
C ALA A 523 11.43 -39.55 -11.15
N ARG A 524 11.89 -40.71 -11.65
CA ARG A 524 11.07 -41.50 -12.58
C ARG A 524 9.71 -41.89 -11.98
N THR A 525 9.66 -42.14 -10.67
CA THR A 525 8.37 -42.42 -10.04
C THR A 525 7.44 -41.23 -10.13
N ALA A 526 7.96 -40.02 -9.91
CA ALA A 526 7.10 -38.85 -9.96
C ALA A 526 6.64 -38.55 -11.39
N LEU A 527 7.56 -38.65 -12.35
CA LEU A 527 7.22 -38.37 -13.74
C LEU A 527 6.26 -39.42 -14.31
N ASP A 528 6.46 -40.69 -13.97
CA ASP A 528 5.57 -41.73 -14.51
C ASP A 528 4.16 -41.60 -13.92
N GLN A 529 4.04 -41.30 -12.63
CA GLN A 529 2.72 -41.13 -12.05
C GLN A 529 2.00 -39.96 -12.72
N LEU A 530 2.69 -38.83 -12.92
CA LEU A 530 2.08 -37.67 -13.56
C LEU A 530 1.63 -38.01 -14.98
N LEU A 531 2.49 -38.68 -15.76
CA LEU A 531 2.11 -39.08 -17.11
C LEU A 531 0.91 -40.03 -17.08
N THR A 532 0.89 -40.93 -16.10
CA THR A 532 -0.21 -41.88 -15.97
C THR A 532 -1.52 -41.18 -15.60
N ASP A 533 -1.46 -40.30 -14.59
CA ASP A 533 -2.66 -39.58 -14.18
C ASP A 533 -3.24 -38.77 -15.33
N VAL A 534 -2.37 -38.04 -16.06
CA VAL A 534 -2.86 -37.20 -17.15
C VAL A 534 -3.42 -38.05 -18.28
N LYS A 535 -2.74 -39.14 -18.62
CA LYS A 535 -3.23 -40.02 -19.67
C LYS A 535 -4.60 -40.59 -19.32
N ALA A 536 -4.87 -40.76 -18.03
CA ALA A 536 -6.14 -41.35 -17.60
C ALA A 536 -7.32 -40.40 -17.77
N GLU A 537 -7.09 -39.14 -18.15
CA GLU A 537 -8.16 -38.17 -18.28
C GLU A 537 -8.62 -38.01 -19.73
N ILE A 544 -19.49 -26.92 -27.74
CA ILE A 544 -19.81 -25.62 -27.13
C ILE A 544 -20.51 -24.71 -28.11
N ALA A 545 -21.80 -24.46 -27.91
CA ALA A 545 -22.51 -23.55 -28.80
C ALA A 545 -22.12 -22.11 -28.49
N ASP A 546 -21.97 -21.31 -29.53
CA ASP A 546 -21.66 -19.89 -29.32
C ASP A 546 -22.86 -19.20 -28.70
N ALA A 547 -22.60 -18.05 -28.08
CA ALA A 547 -23.65 -17.24 -27.51
C ALA A 547 -24.21 -16.30 -28.57
N THR A 548 -25.54 -16.21 -28.64
CA THR A 548 -26.17 -15.18 -29.44
C THR A 548 -25.94 -13.83 -28.80
N PRO A 549 -26.00 -12.73 -29.57
CA PRO A 549 -25.93 -11.40 -28.94
C PRO A 549 -26.98 -11.20 -27.86
N ASP A 550 -28.12 -11.90 -27.94
CA ASP A 550 -29.11 -11.81 -26.89
C ASP A 550 -28.65 -12.53 -25.64
N GLN A 551 -27.99 -13.67 -25.78
CA GLN A 551 -27.55 -14.38 -24.58
C GLN A 551 -26.38 -13.67 -23.93
N ALA A 552 -25.54 -13.00 -24.71
CA ALA A 552 -24.50 -12.16 -24.15
C ALA A 552 -25.11 -10.94 -23.46
N HIS A 553 -26.11 -10.33 -24.09
CA HIS A 553 -26.84 -9.22 -23.48
C HIS A 553 -27.53 -9.66 -22.19
N ALA A 554 -28.13 -10.84 -22.19
CA ALA A 554 -28.72 -11.37 -20.96
C ALA A 554 -27.66 -11.68 -19.91
N ALA A 555 -26.47 -12.13 -20.33
CA ALA A 555 -25.41 -12.39 -19.36
C ALA A 555 -25.02 -11.13 -18.60
N VAL A 556 -24.85 -10.01 -19.31
CA VAL A 556 -24.55 -8.76 -18.64
C VAL A 556 -25.66 -8.40 -17.67
N ALA A 557 -26.92 -8.54 -18.10
CA ALA A 557 -28.02 -8.17 -17.22
C ALA A 557 -28.03 -9.03 -15.97
N ALA A 558 -27.73 -10.33 -16.12
CA ALA A 558 -27.73 -11.20 -14.94
C ALA A 558 -26.56 -10.89 -14.01
N ALA A 559 -25.37 -10.64 -14.58
CA ALA A 559 -24.24 -10.22 -13.75
C ALA A 559 -24.52 -8.88 -13.07
N ARG A 560 -25.15 -7.94 -13.79
CA ARG A 560 -25.51 -6.66 -13.19
C ARG A 560 -26.44 -6.83 -11.98
N ALA A 561 -27.34 -7.81 -12.05
CA ALA A 561 -28.26 -8.04 -10.93
C ALA A 561 -27.57 -8.75 -9.77
N GLY A 562 -26.54 -9.55 -10.07
CA GLY A 562 -25.80 -10.22 -9.02
C GLY A 562 -24.72 -9.37 -8.37
N PHE A 563 -24.45 -8.19 -8.93
CA PHE A 563 -23.35 -7.36 -8.45
C PHE A 563 -23.55 -6.94 -6.99
N ALA A 564 -24.74 -6.43 -6.67
CA ALA A 564 -25.00 -5.86 -5.34
C ALA A 564 -24.69 -6.84 -4.22
N GLY A 565 -25.20 -8.06 -4.31
CA GLY A 565 -24.94 -9.04 -3.27
C GLY A 565 -23.49 -9.49 -3.21
N TRP A 566 -22.85 -9.71 -4.36
CA TRP A 566 -21.45 -10.12 -4.33
C TRP A 566 -20.58 -9.02 -3.76
N SER A 567 -20.82 -7.78 -4.21
CA SER A 567 -20.09 -6.63 -3.69
C SER A 567 -20.18 -6.54 -2.18
N ARG A 568 -21.34 -6.88 -1.60
CA ARG A 568 -21.55 -6.79 -0.16
C ARG A 568 -21.18 -8.06 0.59
N THR A 569 -20.82 -9.13 -0.11
CA THR A 569 -20.29 -10.31 0.55
C THR A 569 -18.94 -10.00 1.19
N PRO A 570 -18.73 -10.38 2.46
CA PRO A 570 -17.47 -10.04 3.14
C PRO A 570 -16.23 -10.54 2.41
N ALA A 571 -15.16 -9.72 2.45
CA ALA A 571 -13.93 -10.02 1.72
C ALA A 571 -13.34 -11.38 2.08
N GLY A 572 -13.42 -11.76 3.35
CA GLY A 572 -12.91 -13.05 3.75
C GLY A 572 -13.67 -14.19 3.13
N ILE A 573 -14.96 -13.98 2.84
CA ILE A 573 -15.74 -15.01 2.17
C ILE A 573 -15.38 -15.09 0.70
N ARG A 574 -15.18 -13.93 0.05
CA ARG A 574 -14.69 -13.93 -1.32
C ARG A 574 -13.33 -14.59 -1.38
N ALA A 575 -12.45 -14.28 -0.42
CA ALA A 575 -11.11 -14.87 -0.38
C ALA A 575 -11.18 -16.38 -0.15
N ALA A 576 -12.08 -16.82 0.74
CA ALA A 576 -12.21 -18.26 0.95
C ALA A 576 -12.58 -18.98 -0.34
N ALA A 577 -13.43 -18.35 -1.17
CA ALA A 577 -13.83 -18.95 -2.43
C ALA A 577 -12.63 -19.13 -3.37
N LEU A 578 -11.76 -18.11 -3.45
CA LEU A 578 -10.57 -18.23 -4.28
C LEU A 578 -9.62 -19.30 -3.74
N GLU A 579 -9.46 -19.37 -2.41
CA GLU A 579 -8.55 -20.37 -1.85
C GLU A 579 -9.09 -21.78 -2.04
N GLN A 580 -10.42 -21.96 -1.98
CA GLN A 580 -11.01 -23.25 -2.30
C GLN A 580 -10.87 -23.56 -3.79
N ALA A 581 -10.97 -22.54 -4.65
CA ALA A 581 -10.69 -22.74 -6.07
C ALA A 581 -9.26 -23.25 -6.29
N ALA A 582 -8.29 -22.65 -5.61
CA ALA A 582 -6.90 -23.12 -5.73
C ALA A 582 -6.78 -24.56 -5.25
N HIS A 583 -7.44 -24.89 -4.15
CA HIS A 583 -7.45 -26.25 -3.62
C HIS A 583 -7.97 -27.24 -4.66
N LEU A 584 -9.08 -26.91 -5.31
CA LEU A 584 -9.70 -27.82 -6.27
C LEU A 584 -8.85 -27.97 -7.53
N LEU A 585 -8.22 -26.86 -7.97
CA LEU A 585 -7.32 -26.90 -9.12
C LEU A 585 -6.20 -27.91 -8.90
N GLU A 586 -5.52 -27.83 -7.75
CA GLU A 586 -4.39 -28.72 -7.49
C GLU A 586 -4.88 -30.14 -7.26
N SER A 587 -6.03 -30.30 -6.61
CA SER A 587 -6.59 -31.64 -6.45
C SER A 587 -6.96 -32.25 -7.79
N ARG A 588 -7.35 -31.43 -8.79
CA ARG A 588 -7.74 -31.91 -10.11
C ARG A 588 -6.70 -31.58 -11.17
N SER A 589 -5.43 -31.50 -10.75
CA SER A 589 -4.37 -31.02 -11.63
C SER A 589 -4.26 -31.85 -12.91
N ALA A 590 -4.49 -33.16 -12.84
CA ALA A 590 -4.35 -34.00 -14.03
C ALA A 590 -5.40 -33.68 -15.08
N HIS A 591 -6.65 -33.45 -14.64
CA HIS A 591 -7.73 -33.08 -15.54
C HIS A 591 -7.40 -31.78 -16.28
N PHE A 592 -6.99 -30.74 -15.55
CA PHE A 592 -6.70 -29.48 -16.21
C PHE A 592 -5.44 -29.57 -17.07
N ILE A 593 -4.42 -30.30 -16.60
CA ILE A 593 -3.23 -30.51 -17.41
C ILE A 593 -3.59 -31.23 -18.72
N ALA A 594 -4.42 -32.28 -18.63
CA ALA A 594 -4.88 -32.95 -19.84
C ALA A 594 -5.56 -31.97 -20.79
N LEU A 595 -6.40 -31.08 -20.25
CA LEU A 595 -7.06 -30.07 -21.08
C LEU A 595 -6.05 -29.12 -21.71
N LEU A 596 -5.08 -28.67 -20.92
CA LEU A 596 -4.06 -27.76 -21.44
C LEU A 596 -3.22 -28.41 -22.54
N GLN A 597 -3.00 -29.71 -22.44
CA GLN A 597 -2.27 -30.39 -23.50
C GLN A 597 -3.16 -30.60 -24.74
N ARG A 598 -4.40 -31.06 -24.54
CA ARG A 598 -5.22 -31.39 -25.71
C ARG A 598 -5.77 -30.13 -26.36
N GLU A 599 -6.35 -29.22 -25.58
CA GLU A 599 -6.92 -28.00 -26.15
C GLU A 599 -5.86 -26.92 -26.36
N GLY A 600 -4.91 -26.77 -25.44
CA GLY A 600 -3.90 -25.73 -25.57
C GLY A 600 -2.67 -26.11 -26.38
N GLY A 601 -2.45 -27.40 -26.58
CA GLY A 601 -1.24 -27.83 -27.27
C GLY A 601 0.03 -27.75 -26.46
N LYS A 602 -0.08 -27.70 -25.13
CA LYS A 602 1.07 -27.41 -24.28
C LYS A 602 1.83 -28.68 -23.92
N THR A 603 3.16 -28.58 -23.91
CA THR A 603 3.95 -29.66 -23.34
C THR A 603 3.62 -29.84 -21.85
N LEU A 604 4.12 -30.93 -21.27
CA LEU A 604 3.73 -31.27 -19.91
C LEU A 604 4.29 -30.27 -18.89
N ASP A 605 5.52 -29.76 -19.12
CA ASP A 605 6.07 -28.79 -18.19
C ASP A 605 5.30 -27.47 -18.26
N ASP A 606 4.92 -27.04 -19.46
CA ASP A 606 4.14 -25.81 -19.58
C ASP A 606 2.75 -25.97 -18.99
N ALA A 607 2.14 -27.15 -19.16
CA ALA A 607 0.80 -27.38 -18.63
C ALA A 607 0.83 -27.41 -17.10
N LEU A 608 1.73 -28.23 -16.53
CA LEU A 608 1.92 -28.21 -15.08
C LEU A 608 2.20 -26.80 -14.58
N SER A 609 3.04 -26.07 -15.30
CA SER A 609 3.41 -24.73 -14.85
C SER A 609 2.22 -23.79 -14.84
N GLU A 610 1.35 -23.90 -15.86
CA GLU A 610 0.18 -23.03 -15.93
C GLU A 610 -0.86 -23.41 -14.86
N LEU A 611 -1.02 -24.71 -14.60
CA LEU A 611 -1.90 -25.12 -13.50
C LEU A 611 -1.43 -24.52 -12.19
N ARG A 612 -0.11 -24.60 -11.91
CA ARG A 612 0.44 -23.99 -10.71
C ARG A 612 0.16 -22.50 -10.67
N GLU A 613 0.39 -21.82 -11.80
CA GLU A 613 0.15 -20.38 -11.89
C GLU A 613 -1.31 -20.04 -11.62
N ALA A 614 -2.23 -20.86 -12.12
CA ALA A 614 -3.66 -20.65 -11.88
C ALA A 614 -3.98 -20.72 -10.40
N ALA A 615 -3.49 -21.77 -9.70
CA ALA A 615 -3.68 -21.86 -8.25
C ALA A 615 -3.00 -20.70 -7.53
N ASP A 616 -1.79 -20.33 -7.99
CA ASP A 616 -1.06 -19.23 -7.35
C ASP A 616 -1.83 -17.91 -7.47
N PHE A 617 -2.40 -17.63 -8.65
CA PHE A 617 -3.26 -16.44 -8.80
C PHE A 617 -4.39 -16.43 -7.78
N CYS A 618 -5.08 -17.56 -7.61
CA CYS A 618 -6.20 -17.61 -6.66
C CYS A 618 -5.73 -17.26 -5.25
N ARG A 619 -4.64 -17.91 -4.80
CA ARG A 619 -4.22 -17.69 -3.41
C ARG A 619 -3.67 -16.29 -3.20
N TYR A 620 -2.99 -15.75 -4.20
CA TYR A 620 -2.34 -14.45 -4.06
C TYR A 620 -3.37 -13.33 -4.04
N TYR A 621 -4.29 -13.31 -5.01
CA TYR A 621 -5.37 -12.33 -4.98
C TYR A 621 -6.24 -12.50 -3.75
N ALA A 622 -6.41 -13.72 -3.24
CA ALA A 622 -7.16 -13.87 -2.00
C ALA A 622 -6.41 -13.21 -0.85
N ALA A 623 -5.10 -13.45 -0.74
CA ALA A 623 -4.33 -12.81 0.35
C ALA A 623 -4.31 -11.30 0.19
N GLN A 624 -4.02 -10.83 -1.02
CA GLN A 624 -4.13 -9.40 -1.30
C GLN A 624 -5.54 -8.89 -1.03
N GLY A 625 -6.54 -9.72 -1.33
CA GLY A 625 -7.92 -9.30 -1.14
C GLY A 625 -8.28 -9.00 0.30
N ARG A 626 -7.82 -9.84 1.23
CA ARG A 626 -8.08 -9.59 2.65
C ARG A 626 -7.40 -8.31 3.11
N LYS A 627 -6.14 -8.13 2.72
CA LYS A 627 -5.43 -6.89 3.06
C LYS A 627 -6.15 -5.66 2.52
N LEU A 628 -6.64 -5.70 1.27
CA LEU A 628 -7.14 -4.48 0.63
C LEU A 628 -8.60 -4.18 1.00
N PHE A 629 -9.47 -5.17 0.93
CA PHE A 629 -10.89 -4.96 1.15
C PHE A 629 -11.39 -5.52 2.48
N GLY A 630 -10.50 -6.06 3.32
CA GLY A 630 -10.93 -6.69 4.54
C GLY A 630 -11.27 -5.74 5.66
N SER A 631 -10.67 -4.54 5.65
CA SER A 631 -10.94 -3.57 6.70
C SER A 631 -10.66 -2.17 6.16
N GLU A 632 -11.07 -1.18 6.93
CA GLU A 632 -10.95 0.21 6.54
C GLU A 632 -9.64 0.80 7.05
N THR A 633 -9.18 1.83 6.35
CA THR A 633 -8.00 2.59 6.75
C THR A 633 -8.44 3.86 7.48
N ALA A 634 -7.99 4.01 8.73
CA ALA A 634 -8.28 5.22 9.48
C ALA A 634 -7.41 6.36 8.98
N MET A 635 -8.01 7.48 8.75
CA MET A 635 -7.21 8.62 8.34
C MET A 635 -6.99 9.52 9.55
N PRO A 636 -5.83 10.16 9.65
CA PRO A 636 -5.64 11.11 10.75
C PRO A 636 -6.52 12.31 10.53
N GLY A 637 -6.77 13.04 11.59
CA GLY A 637 -7.61 14.19 11.44
C GLY A 637 -7.96 14.78 12.76
N PRO A 638 -8.85 15.76 12.74
CA PRO A 638 -9.19 16.46 13.96
C PRO A 638 -9.93 15.53 14.89
N THR A 639 -9.89 15.88 16.16
CA THR A 639 -10.68 15.16 17.13
C THR A 639 -12.17 15.46 16.90
N GLY A 640 -13.04 14.59 17.44
CA GLY A 640 -14.47 14.72 17.22
C GLY A 640 -14.96 14.34 15.83
N GLU A 641 -14.17 13.60 15.06
CA GLU A 641 -14.52 13.26 13.69
C GLU A 641 -13.74 12.04 13.29
N SER A 642 -14.41 11.06 12.69
CA SER A 642 -13.73 9.87 12.19
C SER A 642 -13.76 9.87 10.67
N ASN A 643 -12.66 9.40 10.07
CA ASN A 643 -12.48 9.34 8.63
C ASN A 643 -11.93 7.97 8.27
N ALA A 644 -12.68 7.24 7.44
CA ALA A 644 -12.35 5.87 7.08
C ALA A 644 -12.36 5.72 5.57
N LEU A 645 -11.29 5.14 5.04
CA LEU A 645 -11.16 4.89 3.61
C LEU A 645 -11.34 3.41 3.35
N THR A 646 -12.17 3.08 2.38
CA THR A 646 -12.43 1.71 1.97
C THR A 646 -12.34 1.64 0.45
N MET A 647 -12.46 0.43 -0.06
CA MET A 647 -12.54 0.20 -1.49
C MET A 647 -13.65 -0.81 -1.74
N ARG A 648 -14.42 -0.60 -2.79
CA ARG A 648 -15.52 -1.52 -3.04
C ARG A 648 -15.61 -1.82 -4.52
N GLY A 649 -16.30 -2.90 -4.85
CA GLY A 649 -16.45 -3.31 -6.23
C GLY A 649 -17.01 -2.19 -7.09
N ARG A 650 -16.69 -2.20 -8.38
CA ARG A 650 -17.15 -1.14 -9.28
C ARG A 650 -18.49 -1.49 -9.93
N GLY A 651 -18.70 -2.76 -10.26
CA GLY A 651 -19.85 -3.18 -11.04
C GLY A 651 -19.62 -4.48 -11.77
N VAL A 652 -19.99 -4.53 -13.05
CA VAL A 652 -19.80 -5.69 -13.90
C VAL A 652 -18.51 -5.51 -14.68
N PHE A 653 -17.54 -6.38 -14.44
CA PHE A 653 -16.34 -6.42 -15.26
C PHE A 653 -16.51 -7.43 -16.40
N VAL A 654 -16.06 -7.04 -17.58
CA VAL A 654 -15.88 -7.95 -18.71
C VAL A 654 -14.43 -8.40 -18.73
N ALA A 655 -14.20 -9.71 -18.77
CA ALA A 655 -12.87 -10.30 -18.82
C ALA A 655 -12.69 -11.00 -20.15
N ILE A 656 -11.68 -10.59 -20.91
CA ILE A 656 -11.38 -11.19 -22.21
C ILE A 656 -9.98 -11.78 -22.16
N SER A 657 -9.87 -13.09 -22.44
CA SER A 657 -8.64 -13.81 -22.16
C SER A 657 -8.10 -14.49 -23.42
N PRO A 658 -6.79 -14.69 -23.50
CA PRO A 658 -6.18 -15.27 -24.70
C PRO A 658 -6.19 -16.80 -24.67
N TRP A 659 -5.78 -17.37 -25.81
CA TRP A 659 -5.68 -18.83 -25.93
C TRP A 659 -4.36 -19.38 -25.42
N ASN A 660 -3.35 -18.53 -25.20
CA ASN A 660 -2.02 -19.06 -24.91
C ASN A 660 -1.78 -19.33 -23.43
N PHE A 661 -2.57 -18.73 -22.54
CA PHE A 661 -2.67 -19.15 -21.14
C PHE A 661 -4.16 -19.25 -20.82
N PRO A 662 -4.81 -20.30 -21.34
CA PRO A 662 -6.27 -20.34 -21.34
C PRO A 662 -6.86 -20.66 -19.98
N LEU A 663 -6.04 -21.03 -19.00
CA LEU A 663 -6.53 -21.28 -17.66
C LEU A 663 -6.05 -20.23 -16.67
N ALA A 664 -4.73 -19.95 -16.65
CA ALA A 664 -4.16 -19.10 -15.61
C ALA A 664 -4.47 -17.62 -15.84
N ILE A 665 -4.33 -17.14 -17.09
CA ILE A 665 -4.67 -15.75 -17.32
C ILE A 665 -6.18 -15.60 -17.33
N PHE A 666 -6.90 -16.61 -17.82
CA PHE A 666 -8.34 -16.61 -17.68
C PHE A 666 -8.75 -16.48 -16.21
N LEU A 667 -8.12 -17.25 -15.32
CA LEU A 667 -8.51 -17.21 -13.92
C LEU A 667 -7.90 -16.04 -13.15
N GLY A 668 -6.69 -15.61 -13.52
CA GLY A 668 -6.13 -14.43 -12.88
C GLY A 668 -7.03 -13.22 -13.05
N GLN A 669 -7.45 -12.96 -14.28
CA GLN A 669 -8.31 -11.81 -14.57
C GLN A 669 -9.66 -11.95 -13.87
N VAL A 670 -10.25 -13.15 -13.92
CA VAL A 670 -11.61 -13.34 -13.40
C VAL A 670 -11.60 -13.28 -11.87
N THR A 671 -10.69 -14.01 -11.22
CA THR A 671 -10.66 -13.97 -9.77
C THR A 671 -10.18 -12.63 -9.23
N ALA A 672 -9.40 -11.86 -9.99
CA ALA A 672 -9.08 -10.52 -9.51
C ALA A 672 -10.34 -9.66 -9.45
N ALA A 673 -11.11 -9.66 -10.54
CA ALA A 673 -12.35 -8.90 -10.58
C ALA A 673 -13.32 -9.37 -9.50
N LEU A 674 -13.48 -10.70 -9.37
CA LEU A 674 -14.33 -11.24 -8.32
C LEU A 674 -13.86 -10.82 -6.93
N MET A 675 -12.54 -10.93 -6.66
CA MET A 675 -12.03 -10.62 -5.32
C MET A 675 -12.30 -9.16 -4.96
N ALA A 676 -12.22 -8.27 -5.94
CA ALA A 676 -12.50 -6.85 -5.70
C ALA A 676 -13.99 -6.55 -5.55
N GLY A 677 -14.85 -7.54 -5.62
CA GLY A 677 -16.26 -7.33 -5.38
C GLY A 677 -17.10 -7.07 -6.62
N ASN A 678 -16.56 -7.31 -7.81
CA ASN A 678 -17.30 -7.18 -9.04
C ASN A 678 -17.90 -8.51 -9.45
N SER A 679 -19.08 -8.48 -10.07
CA SER A 679 -19.52 -9.61 -10.87
C SER A 679 -18.79 -9.60 -12.19
N VAL A 680 -18.77 -10.74 -12.87
CA VAL A 680 -17.90 -10.92 -14.05
C VAL A 680 -18.66 -11.61 -15.17
N VAL A 681 -18.56 -11.05 -16.38
CA VAL A 681 -18.86 -11.76 -17.61
C VAL A 681 -17.53 -12.04 -18.32
N ALA A 682 -17.23 -13.32 -18.53
CA ALA A 682 -15.91 -13.75 -19.02
C ALA A 682 -16.06 -14.32 -20.43
N LYS A 683 -15.26 -13.80 -21.35
CA LYS A 683 -15.30 -14.23 -22.74
C LYS A 683 -13.95 -14.84 -23.06
N PRO A 684 -13.84 -16.16 -23.17
CA PRO A 684 -12.53 -16.78 -23.44
C PRO A 684 -12.22 -16.73 -24.92
N ALA A 685 -10.95 -17.00 -25.24
CA ALA A 685 -10.55 -17.10 -26.64
C ALA A 685 -11.37 -18.16 -27.37
N GLU A 686 -11.65 -17.89 -28.63
CA GLU A 686 -12.40 -18.82 -29.45
C GLU A 686 -11.78 -20.21 -29.47
N GLN A 687 -10.44 -20.28 -29.44
CA GLN A 687 -9.74 -21.56 -29.56
C GLN A 687 -9.76 -22.40 -28.27
N THR A 688 -10.01 -21.81 -27.10
CA THR A 688 -9.87 -22.54 -25.84
C THR A 688 -11.05 -22.33 -24.89
N PRO A 689 -12.30 -22.65 -25.32
CA PRO A 689 -13.45 -22.46 -24.42
C PRO A 689 -13.63 -23.60 -23.43
N ARG A 690 -13.15 -24.81 -23.76
CA ARG A 690 -13.47 -25.94 -22.91
C ARG A 690 -12.81 -25.81 -21.55
N ILE A 691 -11.54 -25.40 -21.50
CA ILE A 691 -10.90 -25.22 -20.22
C ILE A 691 -11.53 -24.07 -19.46
N ALA A 692 -11.98 -23.03 -20.18
CA ALA A 692 -12.64 -21.91 -19.50
C ALA A 692 -13.97 -22.36 -18.88
N ARG A 693 -14.73 -23.18 -19.61
CA ARG A 693 -15.96 -23.75 -19.04
C ARG A 693 -15.66 -24.52 -17.77
N GLU A 694 -14.61 -25.36 -17.79
CA GLU A 694 -14.29 -26.13 -16.60
C GLU A 694 -13.91 -25.23 -15.43
N ALA A 695 -13.11 -24.19 -15.71
CA ALA A 695 -12.65 -23.28 -14.66
C ALA A 695 -13.83 -22.55 -14.02
N VAL A 696 -14.76 -22.07 -14.83
CA VAL A 696 -15.95 -21.40 -14.30
C VAL A 696 -16.74 -22.36 -13.43
N ALA A 697 -16.97 -23.59 -13.93
CA ALA A 697 -17.67 -24.58 -13.12
C ALA A 697 -16.91 -24.84 -11.83
N LEU A 698 -15.59 -24.84 -11.89
CA LEU A 698 -14.83 -25.04 -10.66
C LEU A 698 -15.00 -23.85 -9.71
N LEU A 699 -14.99 -22.62 -10.24
CA LEU A 699 -15.15 -21.47 -9.36
C LEU A 699 -16.53 -21.45 -8.69
N HIS A 700 -17.58 -21.79 -9.45
CA HIS A 700 -18.91 -21.91 -8.85
C HIS A 700 -18.91 -22.96 -7.76
N GLU A 701 -18.33 -24.13 -8.04
CA GLU A 701 -18.24 -25.16 -7.02
C GLU A 701 -17.43 -24.70 -5.82
N ALA A 702 -16.41 -23.88 -6.04
CA ALA A 702 -15.59 -23.35 -4.96
C ALA A 702 -16.28 -22.26 -4.14
N GLY A 703 -17.42 -21.74 -4.60
CA GLY A 703 -18.15 -20.79 -3.77
C GLY A 703 -18.48 -19.46 -4.43
N ILE A 704 -18.11 -19.27 -5.69
CA ILE A 704 -18.51 -18.07 -6.43
C ILE A 704 -19.98 -18.25 -6.83
N PRO A 705 -20.90 -17.40 -6.37
CA PRO A 705 -22.31 -17.58 -6.72
C PRO A 705 -22.53 -17.59 -8.22
N LYS A 706 -23.55 -18.34 -8.64
CA LYS A 706 -23.90 -18.34 -10.07
C LYS A 706 -24.19 -16.93 -10.57
N SER A 707 -24.80 -16.07 -9.74
CA SER A 707 -25.14 -14.72 -10.15
C SER A 707 -23.95 -13.79 -10.25
N ALA A 708 -22.76 -14.20 -9.81
CA ALA A 708 -21.60 -13.34 -9.81
C ALA A 708 -20.64 -13.60 -10.97
N LEU A 709 -20.86 -14.67 -11.74
CA LEU A 709 -19.90 -15.05 -12.77
C LEU A 709 -20.65 -15.76 -13.89
N TYR A 710 -20.51 -15.25 -15.13
CA TYR A 710 -21.14 -15.82 -16.31
C TYR A 710 -20.10 -15.99 -17.41
N LEU A 711 -20.16 -17.11 -18.12
CA LEU A 711 -19.28 -17.40 -19.23
C LEU A 711 -20.05 -17.18 -20.53
N VAL A 712 -19.44 -16.45 -21.46
CA VAL A 712 -20.00 -16.20 -22.79
C VAL A 712 -18.94 -16.54 -23.82
N THR A 713 -19.22 -17.53 -24.67
CA THR A 713 -18.26 -17.96 -25.68
C THR A 713 -18.68 -17.44 -27.05
N GLY A 714 -17.70 -17.22 -27.92
CA GLY A 714 -18.02 -16.78 -29.26
C GLY A 714 -16.91 -15.94 -29.87
N ASP A 715 -17.29 -15.25 -30.94
CA ASP A 715 -16.39 -14.56 -31.85
C ASP A 715 -15.91 -13.23 -31.25
N GLY A 716 -15.11 -12.52 -32.06
CA GLY A 716 -14.73 -11.17 -31.68
C GLY A 716 -15.89 -10.20 -31.70
N ARG A 717 -16.96 -10.53 -32.44
CA ARG A 717 -18.17 -9.71 -32.40
C ARG A 717 -18.93 -9.88 -31.09
N ILE A 718 -18.83 -11.06 -30.47
CA ILE A 718 -19.45 -11.28 -29.17
C ILE A 718 -18.63 -10.58 -28.08
N GLY A 719 -17.30 -10.61 -28.22
CA GLY A 719 -16.46 -9.82 -27.33
C GLY A 719 -16.73 -8.33 -27.44
N ALA A 720 -17.00 -7.85 -28.67
CA ALA A 720 -17.30 -6.44 -28.87
C ALA A 720 -18.63 -6.05 -28.22
N ALA A 721 -19.65 -6.88 -28.39
CA ALA A 721 -20.96 -6.58 -27.80
C ALA A 721 -20.86 -6.45 -26.28
N LEU A 722 -20.04 -7.30 -25.64
CA LEU A 722 -19.88 -7.21 -24.20
C LEU A 722 -19.24 -5.89 -23.80
N THR A 723 -18.15 -5.50 -24.46
CA THR A 723 -17.41 -4.29 -24.09
C THR A 723 -18.11 -3.01 -24.53
N ALA A 724 -19.00 -3.07 -25.53
CA ALA A 724 -19.80 -1.90 -25.85
C ALA A 724 -21.04 -1.76 -24.97
N HIS A 725 -21.39 -2.80 -24.21
CA HIS A 725 -22.63 -2.77 -23.42
C HIS A 725 -22.60 -1.62 -22.40
N PRO A 726 -23.63 -0.77 -22.38
CA PRO A 726 -23.58 0.43 -21.53
C PRO A 726 -23.61 0.18 -20.03
N ASP A 727 -23.89 -1.03 -19.56
CA ASP A 727 -24.00 -1.27 -18.12
C ASP A 727 -22.73 -1.82 -17.46
N ILE A 728 -21.68 -2.08 -18.21
CA ILE A 728 -20.48 -2.66 -17.60
C ILE A 728 -19.63 -1.56 -16.97
N ALA A 729 -18.86 -1.94 -15.94
CA ALA A 729 -18.06 -1.00 -15.16
C ALA A 729 -16.57 -1.13 -15.42
N GLY A 730 -16.14 -1.97 -16.34
CA GLY A 730 -14.72 -2.05 -16.64
C GLY A 730 -14.44 -3.26 -17.49
N VAL A 731 -13.23 -3.26 -18.05
CA VAL A 731 -12.77 -4.31 -18.94
C VAL A 731 -11.35 -4.72 -18.56
N VAL A 732 -11.11 -6.01 -18.41
CA VAL A 732 -9.78 -6.53 -18.21
C VAL A 732 -9.48 -7.43 -19.41
N PHE A 733 -8.39 -7.12 -20.13
CA PHE A 733 -8.17 -7.67 -21.45
C PHE A 733 -6.71 -8.08 -21.61
N THR A 734 -6.51 -9.26 -22.19
CA THR A 734 -5.18 -9.72 -22.55
C THR A 734 -5.23 -10.24 -23.98
N GLY A 735 -4.47 -9.60 -24.86
CA GLY A 735 -4.48 -9.96 -26.27
C GLY A 735 -3.66 -9.00 -27.11
N SER A 736 -4.11 -8.71 -28.33
CA SER A 736 -3.35 -7.91 -29.26
C SER A 736 -3.58 -6.42 -29.04
N THR A 737 -2.58 -5.63 -29.46
CA THR A 737 -2.69 -4.18 -29.37
C THR A 737 -3.92 -3.67 -30.10
N GLU A 738 -4.19 -4.20 -31.30
CA GLU A 738 -5.28 -3.68 -32.12
C GLU A 738 -6.63 -3.87 -31.45
N VAL A 739 -6.86 -5.05 -30.85
CA VAL A 739 -8.16 -5.28 -30.25
C VAL A 739 -8.31 -4.43 -28.99
N ALA A 740 -7.21 -4.23 -28.25
CA ALA A 740 -7.25 -3.37 -27.07
C ALA A 740 -7.63 -1.95 -27.44
N ARG A 741 -7.09 -1.43 -28.55
CA ARG A 741 -7.41 -0.08 -28.98
C ARG A 741 -8.89 0.05 -29.35
N SER A 742 -9.44 -0.94 -30.07
CA SER A 742 -10.84 -0.83 -30.46
C SER A 742 -11.76 -0.95 -29.24
N ILE A 743 -11.40 -1.80 -28.28
CA ILE A 743 -12.12 -1.81 -27.00
C ILE A 743 -12.06 -0.43 -26.37
N ASN A 744 -10.85 0.12 -26.24
CA ASN A 744 -10.70 1.45 -25.65
C ASN A 744 -11.57 2.47 -26.37
N ARG A 745 -11.61 2.40 -27.70
CA ARG A 745 -12.43 3.33 -28.48
C ARG A 745 -13.91 3.11 -28.23
N ALA A 746 -14.34 1.84 -28.13
CA ALA A 746 -15.74 1.57 -27.85
C ALA A 746 -16.13 2.03 -26.43
N LEU A 747 -15.20 1.96 -25.48
CA LEU A 747 -15.49 2.50 -24.15
C LEU A 747 -15.59 4.03 -24.18
N ALA A 748 -14.62 4.69 -24.82
CA ALA A 748 -14.62 6.14 -24.82
C ALA A 748 -15.79 6.72 -25.60
N ALA A 749 -16.35 5.94 -26.54
CA ALA A 749 -17.47 6.43 -27.34
C ALA A 749 -18.74 6.53 -26.51
N LYS A 750 -18.87 5.75 -25.44
CA LYS A 750 -20.09 5.77 -24.63
C LYS A 750 -20.30 7.15 -24.01
N ASP A 751 -21.56 7.47 -23.74
CA ASP A 751 -21.87 8.69 -22.98
C ASP A 751 -21.85 8.48 -21.48
N GLY A 752 -21.77 7.23 -21.01
CA GLY A 752 -21.78 6.97 -19.59
C GLY A 752 -20.45 7.25 -18.92
N PRO A 753 -20.25 6.62 -17.77
CA PRO A 753 -18.99 6.80 -17.02
C PRO A 753 -17.75 6.36 -17.82
N ILE A 754 -16.63 7.02 -17.52
CA ILE A 754 -15.32 6.57 -18.01
C ILE A 754 -14.91 5.42 -17.10
N VAL A 755 -14.87 4.20 -17.65
CA VAL A 755 -14.61 3.01 -16.86
C VAL A 755 -13.17 2.55 -17.08
N PRO A 756 -12.58 1.81 -16.15
CA PRO A 756 -11.18 1.40 -16.34
C PRO A 756 -11.03 0.38 -17.45
N LEU A 757 -9.92 0.48 -18.19
CA LEU A 757 -9.49 -0.56 -19.12
C LEU A 757 -8.12 -1.06 -18.66
N ILE A 758 -8.03 -2.35 -18.37
CA ILE A 758 -6.77 -3.00 -17.98
C ILE A 758 -6.37 -3.91 -19.13
N ALA A 759 -5.25 -3.61 -19.78
CA ALA A 759 -4.87 -4.32 -21.00
C ALA A 759 -3.40 -4.71 -20.92
N GLU A 760 -3.10 -5.97 -21.26
CA GLU A 760 -1.74 -6.45 -21.49
C GLU A 760 -1.66 -6.90 -22.94
N THR A 761 -0.75 -6.32 -23.72
CA THR A 761 -0.82 -6.45 -25.18
C THR A 761 0.51 -6.84 -25.82
N GLY A 762 1.31 -7.67 -25.15
CA GLY A 762 2.47 -8.23 -25.79
C GLY A 762 3.68 -7.32 -25.80
N GLY A 763 4.66 -7.70 -26.62
CA GLY A 763 5.87 -6.92 -26.74
C GLY A 763 6.73 -7.46 -27.87
N ILE A 764 7.70 -6.63 -28.26
CA ILE A 764 8.80 -7.10 -29.08
C ILE A 764 10.00 -7.10 -28.14
N ASN A 765 10.17 -8.21 -27.42
CA ASN A 765 11.01 -8.22 -26.24
C ASN A 765 12.44 -8.53 -26.64
N ALA A 766 13.38 -7.71 -26.16
CA ALA A 766 14.78 -7.83 -26.51
C ALA A 766 15.56 -8.50 -25.37
N MET A 767 16.75 -8.97 -25.70
CA MET A 767 17.76 -9.37 -24.73
C MET A 767 19.08 -8.76 -25.18
N ILE A 768 19.86 -8.27 -24.22
CA ILE A 768 21.20 -7.73 -24.47
C ILE A 768 22.21 -8.61 -23.76
N ALA A 769 23.15 -9.19 -24.53
CA ALA A 769 24.19 -10.05 -24.00
C ALA A 769 25.53 -9.45 -24.38
N ASP A 770 26.39 -9.18 -23.38
CA ASP A 770 27.73 -8.68 -23.67
C ASP A 770 28.75 -9.80 -23.55
N ALA A 771 30.02 -9.48 -23.83
CA ALA A 771 31.04 -10.52 -23.88
C ALA A 771 31.48 -11.01 -22.51
N THR A 772 30.97 -10.42 -21.42
CA THR A 772 31.26 -10.99 -20.11
C THR A 772 30.27 -12.07 -19.71
N ALA A 773 29.18 -12.24 -20.45
CA ALA A 773 28.23 -13.29 -20.10
C ALA A 773 28.76 -14.66 -20.52
N LEU A 774 28.36 -15.68 -19.79
CA LEU A 774 28.70 -17.05 -20.11
C LEU A 774 27.95 -17.49 -21.36
N PRO A 775 28.62 -17.74 -22.50
CA PRO A 775 27.87 -18.04 -23.73
C PRO A 775 26.94 -19.24 -23.62
N GLU A 776 27.29 -20.26 -22.83
CA GLU A 776 26.38 -21.38 -22.72
C GLU A 776 25.16 -21.07 -21.87
N GLN A 777 25.22 -20.07 -20.98
CA GLN A 777 24.03 -19.69 -20.24
C GLN A 777 23.14 -18.76 -21.07
N VAL A 778 23.74 -17.84 -21.82
CA VAL A 778 22.99 -17.05 -22.80
C VAL A 778 22.26 -17.96 -23.75
N ALA A 779 22.96 -18.98 -24.26
CA ALA A 779 22.35 -19.88 -25.22
C ALA A 779 21.15 -20.59 -24.59
N ASP A 780 21.35 -21.17 -23.39
CA ASP A 780 20.25 -21.82 -22.69
C ASP A 780 19.06 -20.86 -22.56
N ASP A 781 19.34 -19.65 -22.07
CA ASP A 781 18.26 -18.72 -21.76
C ASP A 781 17.62 -18.17 -23.04
N VAL A 782 18.39 -18.03 -24.12
CA VAL A 782 17.80 -17.58 -25.38
C VAL A 782 16.89 -18.66 -25.95
N VAL A 783 17.34 -19.92 -25.88
CA VAL A 783 16.55 -21.02 -26.44
C VAL A 783 15.22 -21.14 -25.69
N THR A 784 15.28 -21.06 -24.36
CA THR A 784 14.08 -21.12 -23.55
C THR A 784 13.16 -19.94 -23.82
N SER A 785 13.70 -18.72 -23.74
CA SER A 785 12.86 -17.54 -23.85
C SER A 785 12.24 -17.40 -25.23
N ALA A 786 12.93 -17.87 -26.26
CA ALA A 786 12.41 -17.65 -27.60
C ALA A 786 11.58 -18.81 -28.10
N PHE A 787 11.82 -20.03 -27.62
CA PHE A 787 11.25 -21.22 -28.25
C PHE A 787 10.37 -22.07 -27.35
N ARG A 788 10.49 -21.98 -26.03
CA ARG A 788 9.52 -22.60 -25.14
C ARG A 788 8.10 -22.17 -25.51
N SER A 789 7.17 -23.12 -25.47
CA SER A 789 5.77 -22.90 -25.86
C SER A 789 5.66 -22.41 -27.30
N ALA A 790 6.60 -22.83 -28.16
CA ALA A 790 6.63 -22.38 -29.56
C ALA A 790 6.63 -20.85 -29.67
N GLY A 791 7.25 -20.16 -28.70
CA GLY A 791 7.24 -18.72 -28.74
C GLY A 791 5.87 -18.11 -28.52
N GLN A 792 4.89 -18.90 -28.10
CA GLN A 792 3.52 -18.41 -27.90
C GLN A 792 3.34 -17.88 -26.48
N ARG A 793 4.15 -16.87 -26.17
CA ARG A 793 4.13 -16.20 -24.86
C ARG A 793 4.36 -14.72 -25.11
N ALA A 794 3.62 -13.88 -24.39
CA ALA A 794 3.78 -12.44 -24.56
C ALA A 794 5.16 -11.99 -24.10
N SER A 795 5.77 -12.74 -23.19
CA SER A 795 7.08 -12.46 -22.61
C SER A 795 8.25 -12.93 -23.46
N ALA A 796 7.99 -13.66 -24.54
CA ALA A 796 9.05 -14.40 -25.23
C ALA A 796 10.08 -13.46 -25.84
N LEU A 797 11.31 -13.94 -25.90
CA LEU A 797 12.39 -13.20 -26.54
C LEU A 797 12.17 -13.17 -28.04
N ARG A 798 12.13 -11.97 -28.63
CA ARG A 798 12.00 -11.78 -30.06
C ARG A 798 13.26 -11.24 -30.71
N LEU A 799 14.09 -10.51 -29.97
CA LEU A 799 15.20 -9.78 -30.56
C LEU A 799 16.42 -9.88 -29.65
N LEU A 800 17.45 -10.63 -30.06
CA LEU A 800 18.70 -10.76 -29.31
C LEU A 800 19.73 -9.77 -29.84
N PHE A 801 20.24 -8.91 -28.96
CA PHE A 801 21.43 -8.10 -29.24
C PHE A 801 22.64 -8.76 -28.59
N VAL A 802 23.69 -9.01 -29.38
CA VAL A 802 24.89 -9.70 -28.91
C VAL A 802 26.13 -8.95 -29.36
N GLN A 803 27.06 -8.71 -28.44
CA GLN A 803 28.26 -7.97 -28.81
C GLN A 803 29.03 -8.75 -29.87
N GLU A 804 29.60 -8.01 -30.83
CA GLU A 804 30.17 -8.67 -32.01
C GLU A 804 31.31 -9.62 -31.66
N ASP A 805 32.09 -9.32 -30.61
CA ASP A 805 33.23 -10.19 -30.29
C ASP A 805 32.82 -11.60 -29.89
N VAL A 806 31.58 -11.80 -29.45
CA VAL A 806 31.11 -13.14 -29.08
C VAL A 806 29.90 -13.57 -29.91
N ALA A 807 29.50 -12.78 -30.90
CA ALA A 807 28.29 -13.07 -31.66
C ALA A 807 28.39 -14.41 -32.39
N ASP A 808 29.52 -14.71 -33.03
CA ASP A 808 29.62 -15.96 -33.77
C ASP A 808 29.38 -17.16 -32.85
N ARG A 809 30.07 -17.20 -31.73
CA ARG A 809 29.92 -18.35 -30.84
C ARG A 809 28.50 -18.40 -30.26
N MET A 810 27.97 -17.25 -29.85
CA MET A 810 26.63 -17.24 -29.25
C MET A 810 25.56 -17.65 -30.25
N ILE A 811 25.60 -17.12 -31.47
CA ILE A 811 24.58 -17.47 -32.46
C ILE A 811 24.67 -18.94 -32.83
N GLU A 812 25.88 -19.44 -33.03
CA GLU A 812 26.09 -20.84 -33.38
C GLU A 812 25.64 -21.78 -32.25
N MET A 813 25.84 -21.36 -31.00
CA MET A 813 25.43 -22.21 -29.89
C MET A 813 23.90 -22.21 -29.72
N VAL A 814 23.26 -21.06 -29.94
CA VAL A 814 21.80 -21.03 -29.90
C VAL A 814 21.21 -21.88 -31.02
N ALA A 815 21.78 -21.78 -32.23
CA ALA A 815 21.28 -22.58 -33.35
C ALA A 815 21.48 -24.07 -33.12
N GLY A 816 22.66 -24.47 -32.64
CA GLY A 816 22.89 -25.87 -32.36
C GLY A 816 21.97 -26.40 -31.27
N ALA A 817 21.70 -25.57 -30.27
CA ALA A 817 20.78 -25.94 -29.21
C ALA A 817 19.34 -26.02 -29.72
N ALA A 818 18.93 -25.05 -30.54
CA ALA A 818 17.58 -25.10 -31.09
C ALA A 818 17.36 -26.35 -31.94
N ARG A 819 18.43 -26.82 -32.60
CA ARG A 819 18.32 -28.03 -33.40
C ARG A 819 18.06 -29.26 -32.53
N GLU A 820 18.43 -29.25 -31.26
CA GLU A 820 18.20 -30.41 -30.42
C GLU A 820 16.82 -30.42 -29.75
N LEU A 821 15.99 -29.38 -29.97
CA LEU A 821 14.64 -29.39 -29.42
C LEU A 821 13.76 -30.36 -30.20
N LYS A 822 13.07 -31.26 -29.50
CA LYS A 822 12.14 -32.15 -30.17
C LYS A 822 10.81 -31.46 -30.40
N ILE A 823 10.35 -31.41 -31.65
CA ILE A 823 9.08 -30.83 -32.05
C ILE A 823 8.09 -31.97 -32.32
N GLY A 824 6.91 -31.91 -31.72
CA GLY A 824 5.93 -32.95 -31.99
C GLY A 824 4.74 -32.91 -31.05
N ASP A 825 4.09 -34.07 -30.93
CA ASP A 825 2.90 -34.22 -30.10
C ASP A 825 3.20 -33.77 -28.67
N PRO A 826 2.46 -32.78 -28.16
CA PRO A 826 2.73 -32.31 -26.79
C PRO A 826 2.53 -33.35 -25.69
N SER A 827 1.77 -34.42 -25.94
CA SER A 827 1.61 -35.45 -24.92
C SER A 827 2.82 -36.36 -24.78
N ASP A 828 3.68 -36.44 -25.80
CA ASP A 828 4.90 -37.22 -25.66
C ASP A 828 5.84 -36.52 -24.67
N VAL A 829 6.37 -37.28 -23.71
CA VAL A 829 7.19 -36.69 -22.65
C VAL A 829 8.43 -36.01 -23.23
N ALA A 830 8.91 -36.45 -24.38
CA ALA A 830 10.18 -35.96 -24.92
C ALA A 830 10.02 -34.67 -25.73
N THR A 831 8.79 -34.20 -25.93
CA THR A 831 8.57 -33.04 -26.80
C THR A 831 9.02 -31.77 -26.09
N HIS A 832 9.77 -30.93 -26.81
CA HIS A 832 10.11 -29.60 -26.33
C HIS A 832 9.24 -28.52 -26.97
N VAL A 833 8.79 -28.73 -28.20
CA VAL A 833 8.05 -27.71 -28.94
C VAL A 833 6.80 -28.38 -29.48
N GLY A 834 5.64 -28.02 -28.92
CA GLY A 834 4.36 -28.48 -29.44
C GLY A 834 3.89 -27.66 -30.62
N PRO A 835 2.69 -27.98 -31.10
CA PRO A 835 2.15 -27.26 -32.25
C PRO A 835 1.76 -25.84 -31.88
N VAL A 836 1.64 -24.99 -32.90
CA VAL A 836 1.05 -23.67 -32.71
C VAL A 836 -0.47 -23.83 -32.67
N ILE A 837 -1.18 -22.79 -32.22
CA ILE A 837 -2.56 -22.96 -31.76
C ILE A 837 -3.47 -23.45 -32.87
N ASP A 838 -3.37 -22.89 -34.07
CA ASP A 838 -4.22 -23.33 -35.17
C ASP A 838 -3.59 -22.96 -36.51
N VAL A 839 -4.27 -23.36 -37.59
CA VAL A 839 -3.79 -23.20 -38.96
C VAL A 839 -3.60 -21.72 -39.31
N GLU A 840 -4.46 -20.85 -38.79
CA GLU A 840 -4.32 -19.43 -39.07
C GLU A 840 -3.07 -18.87 -38.43
N ALA A 841 -2.77 -19.30 -37.20
CA ALA A 841 -1.52 -18.89 -36.57
C ALA A 841 -0.33 -19.36 -37.39
N LYS A 842 -0.31 -20.63 -37.78
CA LYS A 842 0.83 -21.16 -38.54
C LYS A 842 1.03 -20.40 -39.84
N GLN A 843 -0.06 -20.01 -40.50
CA GLN A 843 0.01 -19.26 -41.74
C GLN A 843 0.62 -17.86 -41.55
N ARG A 844 0.26 -17.19 -40.47
CA ARG A 844 0.85 -15.89 -40.17
C ARG A 844 2.35 -16.04 -39.92
N LEU A 845 2.74 -17.06 -39.18
CA LEU A 845 4.15 -17.26 -38.85
C LEU A 845 4.95 -17.61 -40.09
N ASP A 846 4.40 -18.50 -40.93
CA ASP A 846 5.08 -18.88 -42.15
C ASP A 846 5.22 -17.71 -43.10
N ALA A 847 4.26 -16.78 -43.09
CA ALA A 847 4.40 -15.59 -43.92
C ALA A 847 5.57 -14.72 -43.47
N HIS A 848 5.72 -14.51 -42.15
CA HIS A 848 6.85 -13.73 -41.65
C HIS A 848 8.18 -14.45 -41.93
N ILE A 849 8.18 -15.78 -41.83
CA ILE A 849 9.39 -16.56 -42.13
C ILE A 849 9.79 -16.38 -43.60
N ALA A 850 8.82 -16.52 -44.52
CA ALA A 850 9.13 -16.33 -45.93
C ALA A 850 9.68 -14.93 -46.20
N ARG A 851 9.12 -13.92 -45.54
CA ARG A 851 9.56 -12.54 -45.71
C ARG A 851 10.99 -12.36 -45.18
N MET A 852 11.27 -12.90 -43.99
CA MET A 852 12.59 -12.75 -43.41
C MET A 852 13.66 -13.48 -44.22
N LYS A 853 13.32 -14.63 -44.81
CA LYS A 853 14.28 -15.34 -45.66
C LYS A 853 14.75 -14.47 -46.83
N THR A 854 13.88 -13.63 -47.37
CA THR A 854 14.34 -12.77 -48.45
C THR A 854 14.99 -11.49 -47.95
N GLU A 855 14.80 -11.14 -46.68
CA GLU A 855 15.18 -9.83 -46.16
C GLU A 855 16.39 -9.86 -45.24
N ALA A 856 16.70 -11.01 -44.64
CA ALA A 856 17.71 -11.05 -43.59
C ALA A 856 18.40 -12.40 -43.60
N ARG A 857 19.54 -12.43 -42.94
CA ARG A 857 20.37 -13.63 -42.88
C ARG A 857 19.67 -14.74 -42.12
N LEU A 858 19.67 -15.93 -42.68
CA LEU A 858 19.10 -17.07 -41.99
C LEU A 858 20.21 -17.87 -41.31
N HIS A 859 20.05 -18.14 -40.02
CA HIS A 859 21.00 -18.97 -39.29
C HIS A 859 20.45 -20.34 -38.99
N PHE A 860 19.13 -20.48 -38.84
CA PHE A 860 18.54 -21.77 -38.52
C PHE A 860 17.08 -21.77 -38.92
N ALA A 861 16.68 -22.86 -39.57
CA ALA A 861 15.29 -23.13 -39.91
C ALA A 861 15.11 -24.62 -39.62
N GLY A 862 14.49 -24.94 -38.50
CA GLY A 862 14.39 -26.30 -38.05
C GLY A 862 13.42 -27.12 -38.88
N PRO A 863 13.47 -28.44 -38.72
CA PRO A 863 12.53 -29.30 -39.46
C PRO A 863 11.22 -29.45 -38.71
N ALA A 864 10.15 -29.02 -39.32
CA ALA A 864 8.84 -29.10 -38.67
C ALA A 864 8.15 -30.41 -39.06
N PRO A 865 7.59 -31.14 -38.11
CA PRO A 865 6.81 -32.33 -38.45
C PRO A 865 5.55 -31.96 -39.22
N GLU A 866 4.98 -32.97 -39.87
CA GLU A 866 3.70 -32.77 -40.53
C GLU A 866 2.67 -32.31 -39.49
N GLY A 867 1.89 -31.31 -39.87
CA GLY A 867 0.82 -30.87 -39.02
C GLY A 867 0.93 -29.40 -38.70
N CYS A 868 0.27 -28.98 -37.63
CA CYS A 868 0.14 -27.58 -37.30
C CYS A 868 1.34 -27.09 -36.47
N PHE A 869 2.53 -27.24 -37.07
CA PHE A 869 3.79 -26.98 -36.39
C PHE A 869 4.57 -25.89 -37.12
N VAL A 870 5.25 -25.06 -36.35
CA VAL A 870 6.31 -24.20 -36.84
C VAL A 870 7.57 -24.50 -36.03
N ALA A 871 8.65 -24.74 -36.72
CA ALA A 871 9.91 -25.06 -36.06
C ALA A 871 10.62 -23.77 -35.63
N PRO A 872 11.49 -23.84 -34.62
CA PRO A 872 12.32 -22.69 -34.27
C PRO A 872 13.06 -22.15 -35.49
N HIS A 873 13.10 -20.82 -35.61
CA HIS A 873 13.85 -20.14 -36.66
C HIS A 873 14.74 -19.08 -36.04
N ILE A 874 15.88 -18.83 -36.67
CA ILE A 874 16.80 -17.79 -36.20
C ILE A 874 17.22 -16.97 -37.40
N PHE A 875 16.93 -15.67 -37.36
CA PHE A 875 17.32 -14.74 -38.40
C PHE A 875 18.21 -13.66 -37.80
N GLU A 876 19.17 -13.21 -38.58
CA GLU A 876 20.02 -12.10 -38.18
C GLU A 876 19.65 -10.89 -39.03
N LEU A 877 19.46 -9.76 -38.37
CA LEU A 877 19.11 -8.54 -39.06
C LEU A 877 20.31 -7.62 -39.13
N THR A 878 20.28 -6.74 -40.12
CA THR A 878 21.27 -5.68 -40.19
C THR A 878 21.02 -4.65 -39.10
N GLU A 879 19.75 -4.31 -38.85
CA GLU A 879 19.37 -3.38 -37.81
C GLU A 879 18.03 -3.81 -37.20
N ALA A 880 17.85 -3.47 -35.92
CA ALA A 880 16.62 -3.84 -35.21
C ALA A 880 15.37 -3.37 -35.94
N GLY A 881 15.42 -2.18 -36.54
CA GLY A 881 14.35 -1.61 -37.34
C GLY A 881 13.75 -2.53 -38.39
N GLN A 882 14.45 -3.61 -38.74
CA GLN A 882 13.87 -4.56 -39.68
C GLN A 882 12.78 -5.42 -39.06
N LEU A 883 12.67 -5.45 -37.73
CA LEU A 883 11.64 -6.20 -37.04
C LEU A 883 10.57 -5.21 -36.57
N THR A 884 9.41 -5.21 -37.21
CA THR A 884 8.41 -4.18 -36.93
C THR A 884 7.15 -4.69 -36.25
N GLU A 885 7.02 -6.00 -36.05
CA GLU A 885 5.84 -6.55 -35.39
C GLU A 885 6.25 -7.57 -34.35
N GLU A 886 5.38 -7.73 -33.36
CA GLU A 886 5.42 -8.92 -32.54
C GLU A 886 4.99 -10.12 -33.39
N VAL A 887 5.86 -11.12 -33.52
CA VAL A 887 5.52 -12.31 -34.29
C VAL A 887 5.43 -13.46 -33.30
N PHE A 888 4.22 -13.98 -33.11
CA PHE A 888 3.86 -14.79 -31.95
C PHE A 888 4.18 -16.27 -32.21
N GLY A 889 5.47 -16.55 -32.35
CA GLY A 889 5.93 -17.88 -32.70
C GLY A 889 7.39 -18.08 -32.37
N PRO A 890 7.92 -19.26 -32.69
CA PRO A 890 9.30 -19.62 -32.30
C PRO A 890 10.34 -19.06 -33.27
N ILE A 891 10.38 -17.74 -33.37
CA ILE A 891 11.15 -17.05 -34.41
C ILE A 891 12.01 -16.00 -33.72
N LEU A 892 13.30 -16.28 -33.58
CA LEU A 892 14.25 -15.38 -32.95
C LEU A 892 14.91 -14.49 -33.99
N HIS A 893 15.10 -13.22 -33.66
CA HIS A 893 15.85 -12.29 -34.47
C HIS A 893 17.07 -11.83 -33.69
N VAL A 894 18.22 -11.69 -34.37
CA VAL A 894 19.49 -11.40 -33.72
C VAL A 894 20.18 -10.23 -34.42
N VAL A 895 20.64 -9.26 -33.65
CA VAL A 895 21.44 -8.15 -34.13
C VAL A 895 22.77 -8.17 -33.38
N ARG A 896 23.88 -8.14 -34.11
CA ARG A 896 25.18 -7.99 -33.46
C ARG A 896 25.57 -6.52 -33.46
N TYR A 897 26.26 -6.09 -32.40
CA TYR A 897 26.53 -4.67 -32.20
C TYR A 897 27.93 -4.50 -31.62
N ARG A 898 28.50 -3.31 -31.83
CA ARG A 898 29.79 -2.92 -31.26
C ARG A 898 29.60 -2.35 -29.86
N PRO A 899 30.47 -2.70 -28.92
CA PRO A 899 30.28 -2.28 -27.52
C PRO A 899 30.14 -0.79 -27.34
N GLU A 900 30.78 0.01 -28.19
CA GLU A 900 30.63 1.46 -28.14
C GLU A 900 29.23 1.94 -28.54
N ASN A 901 28.39 1.06 -29.10
CA ASN A 901 27.08 1.44 -29.63
C ASN A 901 25.91 0.96 -28.75
N LEU A 902 26.12 0.80 -27.44
CA LEU A 902 25.01 0.36 -26.60
C LEU A 902 23.85 1.36 -26.64
N GLU A 903 24.15 2.64 -26.89
CA GLU A 903 23.12 3.66 -26.99
C GLU A 903 22.21 3.43 -28.20
N ARG A 904 22.79 3.03 -29.33
CA ARG A 904 22.01 2.71 -30.51
C ARG A 904 21.11 1.50 -30.26
N VAL A 905 21.58 0.55 -29.44
CA VAL A 905 20.78 -0.61 -29.06
C VAL A 905 19.59 -0.17 -28.22
N LEU A 906 19.84 0.66 -27.21
CA LEU A 906 18.77 1.07 -26.33
C LEU A 906 17.75 1.93 -27.05
N ARG A 907 18.20 2.78 -27.99
CA ARG A 907 17.27 3.54 -28.82
C ARG A 907 16.47 2.60 -29.72
N ALA A 908 17.10 1.55 -30.22
CA ALA A 908 16.38 0.58 -31.03
C ALA A 908 15.27 -0.10 -30.23
N ILE A 909 15.54 -0.39 -28.96
CA ILE A 909 14.52 -1.02 -28.13
C ILE A 909 13.39 -0.03 -27.84
N GLU A 910 13.73 1.23 -27.55
CA GLU A 910 12.72 2.25 -27.33
C GLU A 910 11.85 2.48 -28.55
N ARG A 911 12.45 2.33 -29.74
CA ARG A 911 11.77 2.72 -30.98
C ARG A 911 10.55 1.86 -31.26
N THR A 912 10.53 0.59 -30.79
CA THR A 912 9.37 -0.24 -31.12
C THR A 912 8.10 0.26 -30.42
N GLY A 913 8.22 0.97 -29.31
CA GLY A 913 7.09 1.38 -28.53
C GLY A 913 6.61 0.37 -27.50
N TYR A 914 7.09 -0.87 -27.56
CA TYR A 914 6.70 -1.88 -26.59
C TYR A 914 7.60 -1.80 -25.35
N GLY A 915 7.18 -2.49 -24.29
CA GLY A 915 8.00 -2.52 -23.10
C GLY A 915 7.55 -3.55 -22.09
N LEU A 916 7.59 -4.83 -22.48
CA LEU A 916 7.08 -5.89 -21.62
C LEU A 916 8.23 -6.60 -20.91
N THR A 917 9.00 -7.42 -21.61
CA THR A 917 10.19 -8.02 -20.98
C THR A 917 11.47 -7.57 -21.68
N LEU A 918 12.57 -7.69 -20.92
CA LEU A 918 13.92 -7.34 -21.38
C LEU A 918 14.91 -8.22 -20.64
N GLY A 919 15.76 -8.94 -21.36
CA GLY A 919 16.80 -9.75 -20.77
C GLY A 919 18.14 -9.03 -20.85
N VAL A 920 18.93 -9.13 -19.78
CA VAL A 920 20.27 -8.56 -19.73
C VAL A 920 21.19 -9.65 -19.24
N HIS A 921 22.18 -10.02 -20.06
CA HIS A 921 23.17 -11.02 -19.70
C HIS A 921 24.54 -10.33 -19.67
N SER A 922 25.10 -10.25 -18.47
CA SER A 922 26.31 -9.48 -18.25
C SER A 922 26.81 -9.75 -16.84
N ARG A 923 28.14 -9.85 -16.70
CA ARG A 923 28.76 -9.90 -15.39
C ARG A 923 28.86 -8.52 -14.77
N ILE A 924 28.71 -7.46 -15.57
CA ILE A 924 29.12 -6.12 -15.17
C ILE A 924 27.92 -5.38 -14.55
N ASP A 925 27.97 -5.20 -13.23
CA ASP A 925 26.85 -4.57 -12.54
C ASP A 925 26.60 -3.15 -13.04
N ASP A 926 27.66 -2.39 -13.34
CA ASP A 926 27.43 -1.03 -13.82
C ASP A 926 26.73 -1.04 -15.18
N SER A 927 27.01 -2.04 -16.02
CA SER A 927 26.31 -2.14 -17.29
C SER A 927 24.84 -2.49 -17.09
N ILE A 928 24.59 -3.52 -16.28
CA ILE A 928 23.22 -3.91 -15.96
C ILE A 928 22.43 -2.71 -15.46
N GLU A 929 23.04 -1.95 -14.54
CA GLU A 929 22.33 -0.82 -13.92
C GLU A 929 22.08 0.30 -14.92
N ALA A 930 23.06 0.60 -15.78
CA ALA A 930 22.86 1.63 -16.80
C ALA A 930 21.70 1.27 -17.72
N ILE A 931 21.55 -0.02 -18.03
CA ILE A 931 20.43 -0.47 -18.87
C ILE A 931 19.12 -0.30 -18.12
N ILE A 932 19.07 -0.73 -16.85
CA ILE A 932 17.85 -0.62 -16.07
C ILE A 932 17.43 0.84 -15.93
N ASP A 933 18.39 1.73 -15.69
CA ASP A 933 18.07 3.15 -15.53
C ASP A 933 17.52 3.75 -16.81
N ARG A 934 17.95 3.26 -17.97
CA ARG A 934 17.61 3.88 -19.25
C ARG A 934 16.23 3.44 -19.76
N VAL A 935 15.90 2.15 -19.66
CA VAL A 935 14.69 1.59 -20.27
C VAL A 935 13.50 1.69 -19.32
N GLN A 936 12.29 1.59 -19.88
CA GLN A 936 11.06 1.64 -19.09
C GLN A 936 10.35 0.29 -18.98
N VAL A 937 10.93 -0.74 -19.60
CA VAL A 937 10.37 -2.08 -19.70
C VAL A 937 9.87 -2.59 -18.35
N GLY A 938 8.72 -3.29 -18.38
CA GLY A 938 8.06 -3.67 -17.13
C GLY A 938 8.74 -4.79 -16.36
N ASN A 939 9.33 -5.75 -17.06
CA ASN A 939 9.98 -6.90 -16.42
C ASN A 939 11.37 -7.04 -17.00
N ILE A 940 12.39 -6.81 -16.17
CA ILE A 940 13.78 -6.92 -16.55
C ILE A 940 14.35 -8.16 -15.87
N TYR A 941 14.87 -9.08 -16.67
CA TYR A 941 15.43 -10.34 -16.20
C TYR A 941 16.93 -10.35 -16.49
N VAL A 942 17.73 -10.46 -15.43
CA VAL A 942 19.18 -10.34 -15.51
C VAL A 942 19.80 -11.72 -15.31
N ASN A 943 20.50 -12.19 -16.33
CA ASN A 943 21.26 -13.44 -16.28
C ASN A 943 20.37 -14.65 -16.05
N ARG A 944 19.15 -14.60 -16.60
CA ARG A 944 18.26 -15.76 -16.60
C ARG A 944 17.28 -15.58 -17.75
N ASN A 945 16.44 -16.59 -17.96
CA ASN A 945 15.50 -16.45 -19.07
C ASN A 945 14.43 -15.39 -18.73
N MET A 946 13.60 -15.08 -19.72
CA MET A 946 12.67 -13.94 -19.62
C MET A 946 11.23 -14.36 -19.42
N ILE A 947 10.97 -15.64 -19.17
CA ILE A 947 9.62 -16.19 -19.24
C ILE A 947 9.25 -16.84 -17.89
N GLY A 948 7.99 -17.24 -17.78
CA GLY A 948 7.54 -17.92 -16.57
C GLY A 948 7.49 -17.05 -15.32
N ALA A 949 7.00 -15.81 -15.43
CA ALA A 949 6.84 -14.96 -14.25
C ALA A 949 6.03 -15.69 -13.17
N VAL A 950 6.45 -15.56 -11.93
CA VAL A 950 5.81 -16.26 -10.81
C VAL A 950 4.93 -15.26 -10.06
N VAL A 951 3.66 -15.64 -9.85
CA VAL A 951 2.71 -14.77 -9.16
C VAL A 951 3.28 -14.34 -7.81
N GLY A 952 3.21 -13.05 -7.52
CA GLY A 952 3.70 -12.56 -6.25
C GLY A 952 5.20 -12.52 -6.13
N VAL A 953 5.94 -12.88 -7.18
CA VAL A 953 7.40 -12.87 -7.21
C VAL A 953 7.91 -11.95 -8.32
N GLN A 954 7.48 -12.18 -9.56
CA GLN A 954 7.69 -11.23 -10.64
C GLN A 954 6.33 -10.69 -11.04
N PRO A 955 5.82 -9.61 -10.38
CA PRO A 955 4.64 -8.91 -10.92
C PRO A 955 4.83 -8.65 -12.41
N PHE A 956 3.89 -9.10 -13.24
CA PHE A 956 4.08 -9.13 -14.68
C PHE A 956 3.24 -8.07 -15.39
N GLY A 957 3.90 -7.29 -16.24
CA GLY A 957 3.22 -6.31 -17.08
C GLY A 957 4.10 -5.11 -17.32
N GLY A 958 3.82 -4.40 -18.41
CA GLY A 958 4.66 -3.31 -18.85
C GLY A 958 3.86 -2.09 -19.29
N ASN A 959 4.39 -1.34 -20.25
CA ASN A 959 3.87 -0.02 -20.57
C ASN A 959 3.99 0.20 -22.07
N GLY A 960 3.72 1.43 -22.50
CA GLY A 960 3.69 1.72 -23.93
C GLY A 960 2.72 0.79 -24.62
N LEU A 961 3.09 0.32 -25.82
CA LEU A 961 2.24 -0.59 -26.56
C LEU A 961 2.11 -1.96 -25.90
N SER A 962 2.82 -2.21 -24.79
CA SER A 962 2.61 -3.45 -24.07
C SER A 962 1.43 -3.40 -23.09
N GLY A 963 0.83 -2.25 -22.83
CA GLY A 963 -0.41 -2.23 -22.09
C GLY A 963 -0.46 -1.13 -21.05
N THR A 964 -1.44 -1.24 -20.15
CA THR A 964 -1.79 -0.15 -19.23
C THR A 964 -1.29 -0.35 -17.83
N GLY A 965 -0.94 -1.57 -17.44
CA GLY A 965 -0.87 -1.88 -16.03
C GLY A 965 -2.28 -1.90 -15.46
N PRO A 966 -2.42 -2.15 -14.15
CA PRO A 966 -1.30 -2.51 -13.27
C PRO A 966 -0.79 -3.94 -13.53
N LYS A 967 0.33 -4.30 -12.92
CA LYS A 967 0.96 -5.59 -13.14
C LYS A 967 0.13 -6.71 -12.52
N ALA A 968 -0.13 -7.75 -13.31
CA ALA A 968 -0.78 -8.94 -12.80
C ALA A 968 0.13 -9.66 -11.82
N GLY A 969 -0.47 -10.25 -10.79
CA GLY A 969 0.33 -10.93 -9.79
C GLY A 969 1.20 -10.05 -8.93
N GLY A 970 0.88 -8.75 -8.83
CA GLY A 970 1.59 -7.83 -7.98
C GLY A 970 0.63 -7.04 -7.09
N PRO A 971 1.18 -6.22 -6.19
CA PRO A 971 0.37 -5.60 -5.14
C PRO A 971 -0.48 -4.42 -5.59
N HIS A 972 -0.42 -4.01 -6.85
CA HIS A 972 -1.25 -2.91 -7.31
C HIS A 972 -2.39 -3.37 -8.20
N TYR A 973 -2.57 -4.67 -8.35
CA TYR A 973 -3.53 -5.17 -9.32
C TYR A 973 -4.97 -5.00 -8.84
N LEU A 974 -5.29 -5.53 -7.65
CA LEU A 974 -6.68 -5.63 -7.22
C LEU A 974 -7.33 -4.26 -7.11
N ALA A 975 -6.60 -3.26 -6.62
CA ALA A 975 -7.19 -1.95 -6.39
C ALA A 975 -7.78 -1.35 -7.65
N ARG A 976 -7.16 -1.61 -8.80
CA ARG A 976 -7.65 -1.02 -10.06
C ARG A 976 -9.07 -1.51 -10.40
N PHE A 977 -9.49 -2.66 -9.88
CA PHE A 977 -10.83 -3.18 -10.10
C PHE A 977 -11.85 -2.61 -9.10
N ALA A 978 -11.42 -1.69 -8.25
CA ALA A 978 -12.25 -1.19 -7.17
C ALA A 978 -12.33 0.31 -7.27
N THR A 979 -13.25 0.90 -6.49
CA THR A 979 -13.33 2.34 -6.34
C THR A 979 -13.24 2.65 -4.86
N GLU A 980 -12.74 3.85 -4.54
CA GLU A 980 -12.51 4.25 -3.16
C GLU A 980 -13.75 4.90 -2.55
N GLN A 981 -13.88 4.80 -1.23
CA GLN A 981 -14.96 5.49 -0.52
C GLN A 981 -14.44 6.05 0.78
N THR A 982 -14.67 7.33 0.99
CA THR A 982 -14.37 7.97 2.27
C THR A 982 -15.67 8.15 3.03
N VAL A 983 -15.69 7.75 4.30
CA VAL A 983 -16.80 8.02 5.20
C VAL A 983 -16.28 8.90 6.31
N THR A 984 -16.87 10.08 6.45
CA THR A 984 -16.51 11.09 7.43
C THR A 984 -17.71 11.30 8.34
N ILE A 985 -17.54 11.01 9.62
CA ILE A 985 -18.62 11.09 10.59
C ILE A 985 -18.24 12.12 11.64
N ASN A 986 -19.09 13.12 11.83
CA ASN A 986 -18.89 14.07 12.91
C ASN A 986 -19.35 13.37 14.20
N THR A 987 -18.39 12.88 14.98
CA THR A 987 -18.70 12.09 16.17
C THR A 987 -18.89 12.97 17.40
N ALA A 988 -18.82 14.30 17.27
CA ALA A 988 -18.76 15.17 18.44
C ALA A 988 -20.00 15.08 19.30
N ALA A 989 -21.17 14.75 18.70
CA ALA A 989 -22.38 14.60 19.50
C ALA A 989 -22.21 13.61 20.65
N ALA A 990 -21.37 12.59 20.46
CA ALA A 990 -21.05 11.59 21.47
C ALA A 990 -19.84 12.02 22.31
N ILE B 6 -12.66 54.22 30.12
CA ILE B 6 -13.12 53.08 29.32
C ILE B 6 -11.93 52.29 28.80
N PRO B 7 -11.92 50.97 29.04
CA PRO B 7 -10.85 50.14 28.50
C PRO B 7 -10.97 50.04 26.98
N PRO B 8 -9.86 49.87 26.27
CA PRO B 8 -9.94 49.65 24.82
C PRO B 8 -10.60 48.32 24.50
N PRO B 9 -11.01 48.10 23.25
CA PRO B 9 -11.60 46.81 22.87
C PRO B 9 -10.71 45.65 23.28
N PHE B 10 -11.32 44.68 23.95
CA PHE B 10 -10.56 43.57 24.54
C PHE B 10 -9.82 42.79 23.45
N THR B 11 -8.52 42.56 23.65
CA THR B 11 -7.72 41.84 22.66
C THR B 11 -6.53 41.11 23.30
N ALA B 12 -6.79 40.14 24.16
CA ALA B 12 -5.72 39.35 24.75
C ALA B 12 -5.22 38.28 23.78
N PRO B 13 -4.00 37.79 23.96
CA PRO B 13 -3.50 36.69 23.13
C PRO B 13 -4.42 35.48 23.21
N TYR B 14 -4.57 34.81 22.07
CA TYR B 14 -5.62 33.80 21.95
C TYR B 14 -5.24 32.50 22.64
N ALA B 15 -4.01 32.04 22.45
CA ALA B 15 -3.59 30.71 22.90
C ALA B 15 -2.16 30.74 23.42
N PRO B 16 -1.90 31.49 24.50
CA PRO B 16 -0.55 31.52 25.07
C PRO B 16 -0.16 30.16 25.64
N ASP B 17 1.11 30.05 25.98
CA ASP B 17 1.68 28.77 26.37
C ASP B 17 1.20 28.35 27.77
N ASP B 18 0.76 27.09 27.89
CA ASP B 18 0.22 26.59 29.16
C ASP B 18 1.27 26.61 30.26
N ALA B 19 2.52 26.31 29.91
CA ALA B 19 3.58 26.16 30.91
C ALA B 19 3.86 27.48 31.62
N GLU B 20 3.92 28.59 30.87
CA GLU B 20 4.16 29.90 31.49
C GLU B 20 3.02 30.28 32.43
N ILE B 21 1.78 29.91 32.09
CA ILE B 21 0.64 30.17 32.97
C ILE B 21 0.73 29.32 34.23
N ALA B 22 1.04 28.04 34.07
CA ALA B 22 1.16 27.15 35.23
C ALA B 22 2.31 27.56 36.12
N ALA B 23 3.36 28.18 35.55
CA ALA B 23 4.49 28.59 36.37
C ALA B 23 4.09 29.65 37.38
N ARG B 24 3.07 30.47 37.07
CA ARG B 24 2.60 31.46 38.02
C ARG B 24 1.53 30.88 38.94
N LEU B 25 0.59 30.11 38.39
CA LEU B 25 -0.54 29.61 39.17
C LEU B 25 -0.12 28.53 40.16
N LEU B 26 0.85 27.68 39.81
CA LEU B 26 1.22 26.58 40.70
C LEU B 26 1.78 27.05 42.04
N PRO B 27 2.74 27.97 42.11
CA PRO B 27 3.17 28.43 43.45
C PRO B 27 2.10 29.19 44.17
N ALA B 28 1.25 29.93 43.45
CA ALA B 28 0.24 30.77 44.10
C ALA B 28 -0.94 29.98 44.63
N SER B 29 -1.06 28.70 44.26
CA SER B 29 -2.17 27.89 44.74
C SER B 29 -1.97 27.44 46.17
N HIS B 30 -0.73 27.54 46.67
CA HIS B 30 -0.40 27.05 48.00
C HIS B 30 -1.31 27.69 49.03
N LEU B 31 -2.05 26.85 49.75
CA LEU B 31 -2.86 27.28 50.88
C LEU B 31 -2.25 26.73 52.16
N SER B 32 -2.49 27.41 53.29
CA SER B 32 -1.81 27.02 54.52
C SER B 32 -2.36 25.66 54.99
N PRO B 33 -1.63 24.97 55.86
CA PRO B 33 -2.07 23.66 56.32
C PRO B 33 -3.44 23.71 56.99
N PRO B 34 -3.71 24.67 57.89
CA PRO B 34 -5.07 24.70 58.47
C PRO B 34 -6.13 25.11 57.47
N GLN B 35 -5.76 25.88 56.44
CA GLN B 35 -6.70 26.20 55.36
C GLN B 35 -7.04 24.95 54.55
N GLU B 36 -6.02 24.20 54.17
CA GLU B 36 -6.23 22.99 53.39
C GLU B 36 -7.00 21.93 54.17
N ALA B 37 -6.77 21.83 55.47
CA ALA B 37 -7.52 20.89 56.29
C ALA B 37 -9.01 21.24 56.34
N ARG B 38 -9.34 22.54 56.46
CA ARG B 38 -10.75 22.91 56.46
C ARG B 38 -11.39 22.60 55.11
N ILE B 39 -10.62 22.81 54.04
CA ILE B 39 -11.09 22.48 52.69
C ILE B 39 -11.36 20.99 52.59
N HIS B 40 -10.45 20.17 53.12
CA HIS B 40 -10.59 18.72 53.04
C HIS B 40 -11.83 18.25 53.78
N ARG B 41 -12.11 18.85 54.95
CA ARG B 41 -13.26 18.44 55.75
C ARG B 41 -14.57 18.90 55.11
N THR B 42 -14.65 20.18 54.73
CA THR B 42 -15.83 20.68 54.02
C THR B 42 -16.17 19.79 52.82
N ALA B 43 -15.18 19.54 51.97
CA ALA B 43 -15.45 18.77 50.76
C ALA B 43 -15.80 17.31 51.06
N THR B 44 -15.19 16.73 52.11
CA THR B 44 -15.59 15.39 52.54
C THR B 44 -17.06 15.36 52.97
N ARG B 45 -17.47 16.32 53.79
CA ARG B 45 -18.86 16.37 54.22
C ARG B 45 -19.80 16.58 53.02
N LEU B 46 -19.38 17.41 52.06
CA LEU B 46 -20.21 17.64 50.88
C LEU B 46 -20.35 16.36 50.06
N ILE B 47 -19.26 15.60 49.90
CA ILE B 47 -19.32 14.38 49.09
C ILE B 47 -20.12 13.31 49.82
N GLU B 48 -19.98 13.24 51.14
CA GLU B 48 -20.80 12.30 51.92
C GLU B 48 -22.28 12.57 51.74
N ALA B 49 -22.68 13.85 51.68
CA ALA B 49 -24.08 14.16 51.42
C ALA B 49 -24.49 13.78 50.00
N ILE B 50 -23.61 13.99 49.02
CA ILE B 50 -23.91 13.58 47.66
C ILE B 50 -24.16 12.08 47.61
N ARG B 51 -23.41 11.31 48.38
CA ARG B 51 -23.54 9.86 48.43
C ARG B 51 -24.55 9.38 49.47
N LYS B 52 -25.33 10.29 50.07
CA LYS B 52 -26.38 9.86 50.99
C LYS B 52 -27.44 9.02 50.26
N ARG B 53 -27.99 9.55 49.18
CA ARG B 53 -28.96 8.85 48.32
C ARG B 53 -30.16 8.34 49.12
N ARG B 56 -33.18 10.88 46.98
CA ARG B 56 -33.63 9.84 46.08
C ARG B 56 -34.09 10.40 44.73
N LEU B 57 -34.12 11.74 44.61
CA LEU B 57 -34.32 12.34 43.30
C LEU B 57 -33.11 12.04 42.42
N GLY B 58 -33.34 11.42 41.26
CA GLY B 58 -32.26 11.09 40.37
C GLY B 58 -31.87 12.23 39.46
N GLY B 59 -30.72 12.04 38.80
CA GLY B 59 -30.20 13.02 37.87
C GLY B 59 -29.92 12.38 36.52
N VAL B 60 -29.46 13.20 35.59
CA VAL B 60 -29.09 12.70 34.27
C VAL B 60 -27.95 11.72 34.39
N GLU B 61 -26.89 12.12 35.09
CA GLU B 61 -25.74 11.24 35.27
C GLU B 61 -26.14 9.94 35.95
N ASP B 62 -27.11 9.97 36.86
CA ASP B 62 -27.55 8.74 37.52
C ASP B 62 -28.20 7.79 36.51
N MET B 63 -29.05 8.33 35.64
CA MET B 63 -29.69 7.50 34.61
C MET B 63 -28.66 6.95 33.64
N LEU B 64 -27.71 7.78 33.19
CA LEU B 64 -26.67 7.30 32.28
C LEU B 64 -25.89 6.15 32.89
N ARG B 65 -25.49 6.30 34.16
CA ARG B 65 -24.70 5.28 34.85
C ARG B 65 -25.52 4.02 35.12
N GLU B 66 -26.74 4.19 35.61
CA GLU B 66 -27.59 3.05 35.95
C GLU B 66 -27.77 2.10 34.77
N PHE B 67 -28.07 2.62 33.57
CA PHE B 67 -28.32 1.76 32.43
C PHE B 67 -27.15 1.72 31.45
N ALA B 68 -26.00 2.28 31.85
CA ALA B 68 -24.79 2.23 31.05
C ALA B 68 -25.08 2.74 29.65
N LEU B 69 -25.73 3.90 29.60
CA LEU B 69 -26.13 4.52 28.35
C LEU B 69 -25.03 5.40 27.80
N SER B 70 -24.87 5.38 26.48
CA SER B 70 -24.11 6.42 25.81
C SER B 70 -24.90 7.74 25.82
N THR B 71 -24.24 8.82 25.42
CA THR B 71 -24.94 10.10 25.35
C THR B 71 -26.03 10.10 24.28
N LYS B 72 -25.82 9.37 23.18
CA LYS B 72 -26.87 9.27 22.17
C LYS B 72 -28.11 8.61 22.75
N GLU B 73 -27.92 7.55 23.55
CA GLU B 73 -29.04 6.81 24.11
C GLU B 73 -29.75 7.61 25.20
N GLY B 74 -28.99 8.28 26.04
CA GLY B 74 -29.61 9.23 26.96
C GLY B 74 -30.48 10.25 26.23
N LEU B 75 -29.94 10.82 25.15
CA LEU B 75 -30.68 11.80 24.35
C LEU B 75 -31.99 11.20 23.82
N ALA B 76 -31.91 10.01 23.20
CA ALA B 76 -33.11 9.43 22.61
C ALA B 76 -34.19 9.20 23.65
N LEU B 77 -33.81 8.69 24.83
CA LEU B 77 -34.81 8.40 25.84
C LEU B 77 -35.40 9.67 26.44
N MET B 78 -34.59 10.71 26.59
CA MET B 78 -35.13 11.96 27.15
C MET B 78 -36.06 12.65 26.17
N VAL B 79 -35.79 12.52 24.88
CA VAL B 79 -36.67 13.07 23.87
C VAL B 79 -37.98 12.29 23.85
N LEU B 80 -37.87 10.95 23.81
CA LEU B 80 -39.06 10.11 23.93
C LEU B 80 -39.83 10.44 25.21
N ALA B 81 -39.11 10.67 26.32
CA ALA B 81 -39.76 11.00 27.58
C ALA B 81 -40.54 12.31 27.47
N GLU B 82 -39.92 13.33 26.87
CA GLU B 82 -40.61 14.61 26.80
C GLU B 82 -41.89 14.49 25.97
N ALA B 83 -41.81 13.78 24.83
CA ALA B 83 -43.00 13.56 24.03
C ALA B 83 -44.08 12.83 24.82
N LEU B 84 -43.71 11.83 25.61
CA LEU B 84 -44.69 11.03 26.34
C LEU B 84 -45.36 11.84 27.46
N LEU B 85 -44.63 12.79 28.06
CA LEU B 85 -45.19 13.65 29.09
C LEU B 85 -46.28 14.57 28.55
N ARG B 86 -46.23 14.89 27.26
CA ARG B 86 -47.19 15.79 26.66
C ARG B 86 -48.34 15.07 25.97
N VAL B 87 -48.40 13.75 26.10
CA VAL B 87 -49.63 13.02 25.76
C VAL B 87 -50.72 13.38 26.78
N PRO B 88 -51.90 13.83 26.34
CA PRO B 88 -52.88 14.40 27.28
C PRO B 88 -53.25 13.49 28.45
N ASP B 89 -53.22 12.18 28.26
CA ASP B 89 -53.72 11.23 29.24
C ASP B 89 -52.55 10.34 29.69
N ALA B 90 -52.15 10.48 30.96
CA ALA B 90 -51.02 9.72 31.48
C ALA B 90 -51.23 8.23 31.31
N ARG B 91 -52.48 7.76 31.41
CA ARG B 91 -52.78 6.35 31.20
C ARG B 91 -52.50 5.95 29.76
N THR B 92 -52.68 6.88 28.82
CA THR B 92 -52.33 6.60 27.44
C THR B 92 -50.83 6.42 27.26
N ALA B 93 -50.01 7.22 27.94
CA ALA B 93 -48.56 7.03 27.81
C ALA B 93 -48.14 5.71 28.42
N ASP B 94 -48.75 5.33 29.55
CA ASP B 94 -48.40 4.06 30.21
C ASP B 94 -48.72 2.87 29.32
N GLN B 95 -49.90 2.87 28.70
CA GLN B 95 -50.22 1.80 27.76
C GLN B 95 -49.18 1.72 26.66
N PHE B 96 -48.74 2.87 26.15
CA PHE B 96 -47.73 2.90 25.11
C PHE B 96 -46.43 2.26 25.58
N ILE B 97 -45.95 2.66 26.76
CA ILE B 97 -44.69 2.14 27.28
C ILE B 97 -44.76 0.62 27.46
N GLU B 98 -45.87 0.12 27.99
CA GLU B 98 -46.00 -1.32 28.22
C GLU B 98 -46.15 -2.09 26.91
N ASP B 99 -47.05 -1.64 26.02
CA ASP B 99 -47.46 -2.47 24.89
C ASP B 99 -46.69 -2.24 23.60
N LYS B 100 -46.18 -1.04 23.37
CA LYS B 100 -45.58 -0.66 22.08
C LYS B 100 -44.09 -0.40 22.16
N LEU B 101 -43.69 0.46 23.09
CA LEU B 101 -42.27 0.75 23.29
C LEU B 101 -41.52 -0.55 23.55
N GLY B 102 -40.43 -0.77 22.82
CA GLY B 102 -39.63 -1.97 23.01
C GLY B 102 -40.18 -3.22 22.34
N GLU B 103 -41.45 -3.23 21.96
CA GLU B 103 -42.01 -4.34 21.20
C GLU B 103 -41.65 -4.27 19.72
N GLY B 104 -41.38 -3.07 19.22
CA GLY B 104 -41.13 -2.88 17.81
C GLY B 104 -41.29 -1.42 17.47
N ASP B 105 -41.42 -1.15 16.17
CA ASP B 105 -41.50 0.21 15.65
C ASP B 105 -40.41 1.09 16.25
N PHE B 106 -39.20 0.54 16.36
CA PHE B 106 -38.19 1.25 17.14
C PHE B 106 -37.81 2.58 16.49
N ILE B 107 -37.44 2.55 15.20
CA ILE B 107 -37.04 3.75 14.49
C ILE B 107 -38.22 4.73 14.35
N HIS B 108 -39.44 4.21 14.09
CA HIS B 108 -40.64 5.03 14.08
C HIS B 108 -40.81 5.79 15.40
N HIS B 109 -40.62 5.13 16.54
CA HIS B 109 -40.79 5.83 17.82
C HIS B 109 -39.72 6.90 18.02
N GLU B 110 -38.49 6.57 17.65
CA GLU B 110 -37.41 7.55 17.78
C GLU B 110 -37.61 8.73 16.84
N THR B 111 -38.09 8.46 15.62
CA THR B 111 -38.29 9.52 14.65
C THR B 111 -39.46 10.43 15.03
N LYS B 112 -40.59 9.82 15.40
CA LYS B 112 -41.77 10.59 15.77
C LYS B 112 -41.51 11.44 17.02
N SER B 113 -40.90 10.85 18.04
CA SER B 113 -40.73 11.60 19.28
C SER B 113 -39.81 12.79 19.04
N THR B 114 -38.79 12.64 18.16
CA THR B 114 -37.91 13.77 17.88
C THR B 114 -38.61 14.81 17.00
N ALA B 115 -39.39 14.37 16.00
CA ALA B 115 -40.15 15.31 15.17
C ALA B 115 -41.12 16.14 16.01
N PHE B 116 -41.70 15.52 17.04
CA PHE B 116 -42.58 16.21 17.97
C PHE B 116 -41.97 17.50 18.49
N LEU B 117 -40.65 17.54 18.69
CA LEU B 117 -40.06 18.75 19.26
C LEU B 117 -40.20 19.96 18.33
N VAL B 118 -40.25 19.77 17.01
CA VAL B 118 -40.45 20.88 16.10
C VAL B 118 -41.84 20.92 15.50
N ASN B 119 -42.55 19.80 15.50
CA ASN B 119 -43.84 19.70 14.81
C ASN B 119 -44.73 18.86 15.72
N ALA B 120 -45.40 19.53 16.67
CA ALA B 120 -46.17 18.83 17.68
C ALA B 120 -47.19 17.87 17.08
N SER B 121 -47.75 18.22 15.93
CA SER B 121 -48.77 17.37 15.32
C SER B 121 -48.19 16.13 14.65
N ALA B 122 -46.86 16.03 14.51
CA ALA B 122 -46.25 14.89 13.84
C ALA B 122 -46.64 13.56 14.46
N TRP B 123 -46.82 13.53 15.79
CA TRP B 123 -47.01 12.27 16.51
C TRP B 123 -48.36 12.24 17.18
N ALA B 124 -49.14 11.20 16.87
CA ALA B 124 -50.37 10.87 17.58
C ALA B 124 -50.35 9.36 17.82
N LEU B 125 -50.64 8.96 19.06
CA LEU B 125 -50.57 7.54 19.44
C LEU B 125 -51.93 6.85 19.23
N ARG B 130 -50.01 3.35 14.59
CA ARG B 130 -49.88 2.13 13.80
C ARG B 130 -50.03 0.87 14.68
N VAL B 131 -49.65 -0.29 14.14
CA VAL B 131 -49.69 -1.55 14.87
C VAL B 131 -48.40 -2.32 14.61
N ILE B 132 -47.97 -3.09 15.62
CA ILE B 132 -46.65 -3.72 15.64
C ILE B 132 -46.80 -5.21 15.40
N GLN B 133 -46.21 -5.70 14.30
CA GLN B 133 -46.03 -7.13 14.08
C GLN B 133 -44.90 -7.63 14.98
N PRO B 134 -45.00 -8.86 15.48
CA PRO B 134 -43.93 -9.38 16.34
C PRO B 134 -42.71 -9.80 15.53
N GLY B 135 -41.60 -10.01 16.25
CA GLY B 135 -40.38 -10.44 15.62
C GLY B 135 -39.61 -9.37 14.88
N GLU B 136 -39.88 -8.09 15.14
CA GLU B 136 -39.21 -7.03 14.41
C GLU B 136 -37.73 -6.96 14.81
N THR B 137 -36.85 -6.93 13.81
CA THR B 137 -35.42 -6.82 14.05
C THR B 137 -35.11 -5.55 14.83
N PRO B 138 -34.53 -5.64 16.01
CA PRO B 138 -34.31 -4.43 16.81
C PRO B 138 -33.24 -3.51 16.27
N ASP B 139 -33.64 -2.47 15.55
CA ASP B 139 -32.68 -1.48 15.06
C ASP B 139 -33.03 -0.11 15.61
N GLY B 140 -32.27 0.90 15.19
CA GLY B 140 -32.38 2.21 15.77
C GLY B 140 -31.68 2.33 17.12
N THR B 141 -31.65 3.57 17.63
CA THR B 141 -31.10 3.79 18.97
C THR B 141 -31.89 3.02 20.02
N ILE B 142 -33.21 2.95 19.86
CA ILE B 142 -34.04 2.26 20.84
C ILE B 142 -33.95 0.74 20.65
N GLY B 143 -33.96 0.28 19.39
CA GLY B 143 -33.87 -1.14 19.14
C GLY B 143 -32.55 -1.72 19.63
N ARG B 144 -31.44 -1.02 19.39
CA ARG B 144 -30.14 -1.49 19.89
C ARG B 144 -30.13 -1.51 21.40
N LEU B 145 -30.76 -0.49 22.03
CA LEU B 145 -30.92 -0.48 23.47
C LEU B 145 -31.74 -1.67 23.94
N VAL B 146 -32.79 -2.03 23.20
CA VAL B 146 -33.60 -3.18 23.60
C VAL B 146 -32.81 -4.48 23.47
N LYS B 147 -32.06 -4.65 22.37
CA LYS B 147 -31.24 -5.84 22.23
C LYS B 147 -30.19 -5.93 23.33
N ARG B 148 -29.64 -4.79 23.77
CA ARG B 148 -28.60 -4.79 24.78
CA ARG B 148 -28.59 -4.82 24.78
C ARG B 148 -29.14 -4.99 26.19
N LEU B 149 -30.22 -4.27 26.56
CA LEU B 149 -30.74 -4.34 27.92
C LEU B 149 -32.03 -5.17 28.04
N GLY B 150 -32.75 -5.41 26.96
CA GLY B 150 -34.05 -6.04 27.07
C GLY B 150 -35.14 -4.99 27.13
N ALA B 151 -36.28 -5.28 26.50
CA ALA B 151 -37.38 -4.32 26.51
C ALA B 151 -37.81 -3.85 27.90
N PRO B 152 -37.90 -4.72 28.93
CA PRO B 152 -38.35 -4.21 30.24
C PRO B 152 -37.42 -3.14 30.83
N ALA B 153 -36.10 -3.29 30.67
CA ALA B 153 -35.21 -2.27 31.20
C ALA B 153 -35.36 -0.96 30.43
N VAL B 154 -35.61 -1.03 29.11
CA VAL B 154 -35.80 0.19 28.34
C VAL B 154 -37.05 0.92 28.82
N ARG B 155 -38.12 0.17 29.13
CA ARG B 155 -39.31 0.80 29.69
C ARG B 155 -38.99 1.50 31.00
N THR B 156 -38.26 0.83 31.89
CA THR B 156 -37.85 1.42 33.17
C THR B 156 -36.99 2.68 32.95
N ALA B 157 -36.02 2.62 32.03
CA ALA B 157 -35.18 3.79 31.78
C ALA B 157 -36.01 4.95 31.23
N THR B 158 -36.99 4.65 30.37
CA THR B 158 -37.84 5.69 29.80
C THR B 158 -38.70 6.34 30.88
N ARG B 159 -39.24 5.54 31.81
CA ARG B 159 -39.99 6.11 32.92
C ARG B 159 -39.11 6.97 33.81
N GLN B 160 -37.83 6.58 34.01
CA GLN B 160 -36.91 7.45 34.74
C GLN B 160 -36.59 8.71 33.97
N ALA B 161 -36.46 8.61 32.63
CA ALA B 161 -36.25 9.83 31.84
C ALA B 161 -37.45 10.78 31.96
N MET B 162 -38.67 10.23 32.02
CA MET B 162 -39.87 11.06 32.17
C MET B 162 -39.87 11.81 33.51
N ARG B 163 -39.39 11.15 34.57
CA ARG B 163 -39.27 11.85 35.85
C ARG B 163 -38.23 12.96 35.77
N LEU B 164 -37.10 12.69 35.12
CA LEU B 164 -36.07 13.73 34.99
C LEU B 164 -36.58 14.90 34.16
N MET B 165 -37.24 14.61 33.02
CA MET B 165 -37.69 15.67 32.13
C MET B 165 -38.75 16.52 32.80
N GLY B 166 -39.62 15.88 33.59
CA GLY B 166 -40.66 16.61 34.29
C GLY B 166 -40.19 17.40 35.49
N ASN B 167 -39.15 16.92 36.18
CA ASN B 167 -38.70 17.56 37.41
C ASN B 167 -37.63 18.63 37.21
N HIS B 168 -36.81 18.53 36.15
CA HIS B 168 -35.63 19.39 36.05
C HIS B 168 -35.65 20.32 34.84
N PHE B 169 -36.75 20.33 34.08
CA PHE B 169 -36.88 21.17 32.90
C PHE B 169 -38.25 21.84 32.95
N VAL B 170 -38.30 23.08 32.47
CA VAL B 170 -39.56 23.82 32.39
C VAL B 170 -39.83 24.04 30.90
N LEU B 171 -40.69 23.23 30.31
CA LEU B 171 -40.78 23.13 28.86
C LEU B 171 -42.21 23.37 28.38
N GLY B 172 -42.34 23.72 27.10
CA GLY B 172 -43.64 23.88 26.49
C GLY B 172 -43.52 23.88 24.98
N GLU B 173 -44.65 23.69 24.31
CA GLU B 173 -44.62 23.76 22.85
C GLU B 173 -44.27 25.16 22.37
N THR B 174 -44.57 26.18 23.20
CA THR B 174 -44.19 27.57 22.99
C THR B 174 -43.65 28.12 24.29
N ILE B 175 -43.00 29.29 24.23
CA ILE B 175 -42.48 29.87 25.46
C ILE B 175 -43.62 30.25 26.40
N GLU B 176 -44.76 30.71 25.87
CA GLU B 176 -45.89 31.07 26.73
C GLU B 176 -46.32 29.88 27.59
N GLN B 177 -46.28 28.68 27.03
CA GLN B 177 -46.72 27.52 27.78
C GLN B 177 -45.69 27.10 28.82
N ALA B 178 -44.40 27.19 28.46
CA ALA B 178 -43.31 26.92 29.40
C ALA B 178 -43.38 27.87 30.59
N LEU B 179 -43.48 29.18 30.31
CA LEU B 179 -43.59 30.19 31.36
C LEU B 179 -44.83 29.99 32.20
N GLU B 180 -45.92 29.54 31.58
CA GLU B 180 -47.12 29.27 32.36
C GLU B 180 -46.89 28.08 33.29
N ARG B 181 -46.18 27.06 32.80
CA ARG B 181 -45.91 25.88 33.61
C ARG B 181 -44.91 26.17 34.73
N GLY B 182 -43.97 27.08 34.50
CA GLY B 182 -43.01 27.46 35.51
C GLY B 182 -43.42 28.61 36.40
N LYS B 183 -44.70 29.02 36.32
CA LYS B 183 -45.22 30.12 37.12
C LYS B 183 -45.41 29.65 38.57
N PRO B 184 -45.08 30.48 39.54
CA PRO B 184 -45.40 30.16 40.93
C PRO B 184 -46.82 30.58 41.28
N ARG B 185 -47.29 30.09 42.43
CA ARG B 185 -48.60 30.48 42.91
C ARG B 185 -48.66 32.00 43.12
N SER B 186 -49.80 32.60 42.78
CA SER B 186 -49.96 34.04 42.90
C SER B 186 -49.54 34.52 44.28
N GLY B 187 -48.70 35.56 44.32
CA GLY B 187 -48.17 36.05 45.57
C GLY B 187 -46.86 35.43 46.02
N GLN B 188 -46.33 34.46 45.28
CA GLN B 188 -45.08 33.79 45.65
C GLN B 188 -43.92 34.16 44.71
N LYS B 189 -42.73 34.22 45.29
CA LYS B 189 -41.51 34.43 44.52
C LYS B 189 -41.07 33.11 43.90
N THR B 190 -40.48 33.19 42.71
CA THR B 190 -39.98 31.99 42.06
C THR B 190 -38.78 31.44 42.84
N ARG B 191 -38.82 30.13 43.13
CA ARG B 191 -37.75 29.49 43.88
C ARG B 191 -36.55 29.15 43.00
N TYR B 192 -36.47 29.71 41.79
CA TYR B 192 -35.34 29.47 40.92
C TYR B 192 -35.27 30.55 39.85
N SER B 193 -34.06 30.78 39.35
CA SER B 193 -33.85 31.69 38.24
C SER B 193 -33.95 30.92 36.91
N PHE B 194 -34.11 31.68 35.83
CA PHE B 194 -34.38 31.11 34.52
C PHE B 194 -33.10 31.08 33.68
N ASP B 195 -32.66 29.89 33.34
CA ASP B 195 -31.61 29.70 32.35
C ASP B 195 -32.36 29.41 31.06
N MET B 196 -32.53 30.45 30.22
CA MET B 196 -33.42 30.35 29.07
C MET B 196 -32.81 29.44 28.03
N LEU B 197 -33.61 28.48 27.57
CA LEU B 197 -33.20 27.71 26.40
C LEU B 197 -33.18 28.65 25.21
N GLY B 198 -32.22 28.42 24.31
CA GLY B 198 -32.16 29.23 23.11
C GLY B 198 -30.74 29.64 22.81
N GLU B 199 -30.28 29.30 21.62
CA GLU B 199 -28.94 29.67 21.20
C GLU B 199 -28.92 29.73 19.68
N GLY B 200 -28.01 30.53 19.15
CA GLY B 200 -27.77 30.58 17.73
C GLY B 200 -29.00 30.74 16.86
N ALA B 201 -29.52 31.96 16.83
CA ALA B 201 -30.56 32.27 15.86
C ALA B 201 -30.05 31.99 14.46
N ARG B 202 -30.83 31.24 13.69
CA ARG B 202 -30.50 31.02 12.30
C ARG B 202 -31.23 31.99 11.38
N THR B 203 -32.38 32.52 11.81
CA THR B 203 -33.23 33.35 10.97
C THR B 203 -33.57 34.64 11.71
N ALA B 204 -33.94 35.66 10.93
CA ALA B 204 -34.41 36.91 11.51
C ALA B 204 -35.55 36.67 12.48
N ALA B 205 -36.52 35.83 12.07
CA ALA B 205 -37.64 35.52 12.96
C ALA B 205 -37.16 34.83 14.24
N ASP B 206 -36.13 33.97 14.15
CA ASP B 206 -35.54 33.37 15.35
C ASP B 206 -35.13 34.44 16.36
N ALA B 207 -34.39 35.45 15.88
CA ALA B 207 -33.84 36.47 16.76
C ALA B 207 -34.95 37.26 17.43
N ARG B 208 -36.02 37.57 16.67
CA ARG B 208 -37.20 38.22 17.26
C ARG B 208 -37.89 37.30 18.26
N ARG B 209 -38.01 36.01 17.93
CA ARG B 209 -38.69 35.08 18.81
C ARG B 209 -37.95 34.92 20.14
N TYR B 210 -36.62 34.80 20.10
CA TYR B 210 -35.87 34.68 21.36
C TYR B 210 -35.93 35.99 22.15
N PHE B 211 -35.85 37.13 21.45
CA PHE B 211 -36.01 38.42 22.12
C PHE B 211 -37.32 38.45 22.90
N ASP B 212 -38.41 38.04 22.25
CA ASP B 212 -39.73 38.06 22.89
C ASP B 212 -39.81 37.06 24.03
N ALA B 213 -39.24 35.87 23.85
CA ALA B 213 -39.16 34.93 24.97
C ALA B 213 -38.45 35.55 26.16
N TYR B 214 -37.29 36.16 25.93
CA TYR B 214 -36.57 36.79 27.02
C TYR B 214 -37.42 37.88 27.69
N ALA B 215 -37.98 38.80 26.88
CA ALA B 215 -38.83 39.87 27.43
C ALA B 215 -40.00 39.27 28.20
N SER B 216 -40.66 38.28 27.61
CA SER B 216 -41.75 37.57 28.27
C SER B 216 -41.28 36.95 29.58
N ALA B 217 -40.12 36.27 29.56
CA ALA B 217 -39.60 35.65 30.79
C ALA B 217 -39.26 36.69 31.85
N ILE B 218 -38.77 37.86 31.44
CA ILE B 218 -38.44 38.91 32.40
C ILE B 218 -39.69 39.38 33.13
N GLU B 219 -40.82 39.48 32.41
CA GLU B 219 -42.06 39.87 33.08
C GLU B 219 -42.57 38.78 34.02
N THR B 220 -42.49 37.51 33.59
CA THR B 220 -42.94 36.42 34.46
C THR B 220 -42.19 36.41 35.78
N ILE B 221 -40.86 36.43 35.75
CA ILE B 221 -40.13 36.45 37.01
C ILE B 221 -40.17 37.81 37.67
N GLY B 222 -40.37 38.87 36.90
CA GLY B 222 -40.51 40.19 37.49
C GLY B 222 -41.69 40.27 38.42
N LYS B 223 -42.84 39.75 37.98
CA LYS B 223 -44.05 39.75 38.79
C LYS B 223 -43.93 38.81 40.01
N ALA B 224 -42.98 37.89 40.00
CA ALA B 224 -42.81 36.97 41.13
C ALA B 224 -41.40 37.10 41.72
N ALA B 225 -41.04 38.30 42.15
CA ALA B 225 -39.66 38.62 42.50
C ALA B 225 -39.43 38.93 43.98
N GLY B 226 -40.47 38.98 44.80
CA GLY B 226 -40.31 39.33 46.19
C GLY B 226 -40.08 40.82 46.39
N ASN B 227 -39.84 41.20 47.64
CA ASN B 227 -39.62 42.58 48.01
C ASN B 227 -38.19 42.83 48.51
N HIS B 228 -37.33 41.82 48.42
CA HIS B 228 -35.93 41.97 48.82
C HIS B 228 -35.12 42.66 47.73
N ALA B 229 -34.01 43.27 48.14
CA ALA B 229 -33.08 43.86 47.19
C ALA B 229 -32.16 42.79 46.63
N LEU B 230 -31.48 43.13 45.53
CA LEU B 230 -30.38 42.33 45.03
C LEU B 230 -29.36 42.14 46.16
N PRO B 231 -28.70 40.97 46.23
CA PRO B 231 -28.71 39.90 45.23
C PRO B 231 -29.87 38.93 45.40
N ASP B 232 -30.74 39.18 46.38
CA ASP B 232 -31.80 38.24 46.74
C ASP B 232 -33.06 38.49 45.91
N ARG B 233 -32.88 38.39 44.60
CA ARG B 233 -33.95 38.52 43.63
C ARG B 233 -33.65 37.58 42.47
N PRO B 234 -34.66 37.18 41.71
CA PRO B 234 -34.45 36.19 40.64
C PRO B 234 -33.59 36.75 39.52
N GLY B 235 -32.96 35.84 38.79
CA GLY B 235 -32.17 36.19 37.64
C GLY B 235 -32.64 35.54 36.36
N ILE B 236 -32.18 36.07 35.23
CA ILE B 236 -32.40 35.49 33.93
C ILE B 236 -31.07 35.43 33.19
N SER B 237 -30.88 34.37 32.39
CA SER B 237 -29.67 34.17 31.59
C SER B 237 -30.02 34.19 30.11
N VAL B 238 -29.25 34.93 29.30
CA VAL B 238 -29.50 35.07 27.87
C VAL B 238 -28.21 34.81 27.09
N LYS B 239 -28.37 34.42 25.83
CA LYS B 239 -27.26 34.20 24.92
C LYS B 239 -27.30 35.23 23.79
N LEU B 240 -26.17 35.90 23.55
CA LEU B 240 -26.08 36.84 22.43
C LEU B 240 -26.35 36.16 21.09
N SER B 241 -25.91 34.91 20.92
CA SER B 241 -26.13 34.24 19.63
C SER B 241 -27.62 33.99 19.35
N ALA B 242 -28.45 33.94 20.39
CA ALA B 242 -29.89 33.80 20.18
C ALA B 242 -30.53 35.08 19.64
N LEU B 243 -29.89 36.23 19.85
CA LEU B 243 -30.47 37.52 19.55
C LEU B 243 -29.99 38.08 18.22
N HIS B 244 -29.14 37.35 17.48
CA HIS B 244 -28.66 37.85 16.22
C HIS B 244 -28.31 36.68 15.31
N PRO B 245 -28.79 36.67 14.06
CA PRO B 245 -28.63 35.47 13.21
C PRO B 245 -27.26 35.30 12.55
N ARG B 246 -26.37 36.30 12.60
CA ARG B 246 -24.99 36.12 12.18
C ARG B 246 -24.10 36.70 13.28
N PHE B 247 -24.16 36.10 14.46
CA PHE B 247 -23.34 36.56 15.58
C PHE B 247 -21.94 36.01 15.38
N GLU B 248 -21.11 36.78 14.70
CA GLU B 248 -19.79 36.35 14.29
C GLU B 248 -18.92 37.59 14.09
N ALA B 249 -17.61 37.41 14.26
CA ALA B 249 -16.68 38.53 14.21
C ALA B 249 -16.67 39.23 12.85
N ILE B 250 -16.80 38.48 11.76
CA ILE B 250 -16.74 39.12 10.44
C ILE B 250 -18.00 39.92 10.17
N SER B 251 -19.10 39.65 10.89
CA SER B 251 -20.30 40.47 10.79
C SER B 251 -20.40 41.46 11.93
N ARG B 252 -19.26 41.79 12.58
CA ARG B 252 -19.26 42.70 13.72
C ARG B 252 -20.03 43.98 13.44
N ALA B 253 -19.86 44.54 12.23
CA ALA B 253 -20.41 45.86 11.96
C ALA B 253 -21.93 45.86 12.08
N ARG B 254 -22.60 44.89 11.46
CA ARG B 254 -24.06 44.85 11.62
C ARG B 254 -24.45 44.41 13.03
N VAL B 255 -23.63 43.59 13.69
CA VAL B 255 -23.93 43.15 15.06
C VAL B 255 -23.99 44.35 16.00
N MET B 256 -22.99 45.23 15.93
CA MET B 256 -22.96 46.38 16.82
C MET B 256 -24.15 47.31 16.57
N VAL B 257 -24.63 47.38 15.32
CA VAL B 257 -25.75 48.27 15.02
C VAL B 257 -27.06 47.61 15.43
N GLU B 258 -27.20 46.31 15.22
CA GLU B 258 -28.50 45.67 15.42
C GLU B 258 -28.66 45.07 16.82
N LEU B 259 -27.63 44.42 17.35
CA LEU B 259 -27.78 43.66 18.58
C LEU B 259 -27.78 44.57 19.81
N VAL B 260 -26.89 45.57 19.83
CA VAL B 260 -26.76 46.43 21.02
C VAL B 260 -28.09 47.05 21.43
N PRO B 261 -28.88 47.67 20.53
CA PRO B 261 -30.17 48.18 20.99
C PRO B 261 -31.06 47.08 21.55
N GLN B 262 -31.02 45.87 20.96
CA GLN B 262 -31.82 44.75 21.44
C GLN B 262 -31.43 44.35 22.85
N LEU B 263 -30.13 44.13 23.08
CA LEU B 263 -29.66 43.76 24.40
C LEU B 263 -29.95 44.85 25.40
N LEU B 264 -29.83 46.12 24.98
CA LEU B 264 -30.20 47.22 25.88
C LEU B 264 -31.67 47.17 26.28
N ASP B 265 -32.57 46.93 25.32
CA ASP B 265 -34.00 46.90 25.62
C ASP B 265 -34.32 45.84 26.66
N LEU B 266 -33.76 44.63 26.51
CA LEU B 266 -33.96 43.58 27.50
C LEU B 266 -33.33 43.94 28.84
N ALA B 267 -32.16 44.58 28.82
CA ALA B 267 -31.50 44.98 30.06
C ALA B 267 -32.32 46.02 30.82
N GLN B 268 -32.92 46.98 30.10
CA GLN B 268 -33.81 47.94 30.72
C GLN B 268 -35.03 47.26 31.34
N ARG B 269 -35.60 46.28 30.63
CA ARG B 269 -36.75 45.57 31.18
C ARG B 269 -36.35 44.79 32.43
N ALA B 270 -35.15 44.23 32.43
CA ALA B 270 -34.63 43.57 33.62
C ALA B 270 -34.46 44.57 34.75
N LYS B 271 -33.85 45.72 34.46
CA LYS B 271 -33.63 46.71 35.50
C LYS B 271 -34.95 47.17 36.13
N ALA B 272 -35.98 47.42 35.30
CA ALA B 272 -37.26 47.88 35.84
C ALA B 272 -37.85 46.91 36.86
N HIS B 273 -37.44 45.65 36.84
CA HIS B 273 -37.79 44.70 37.90
C HIS B 273 -36.64 44.44 38.85
N ASP B 274 -35.52 45.13 38.69
CA ASP B 274 -34.36 44.97 39.57
C ASP B 274 -33.90 43.51 39.58
N LEU B 275 -33.84 42.90 38.40
CA LEU B 275 -33.45 41.50 38.28
C LEU B 275 -31.94 41.39 38.08
N ASN B 276 -31.44 40.18 38.29
CA ASN B 276 -30.10 39.82 37.83
C ASN B 276 -30.23 39.44 36.35
N PHE B 277 -29.48 40.13 35.48
CA PHE B 277 -29.51 39.94 34.04
C PHE B 277 -28.11 39.52 33.60
N THR B 278 -27.97 38.28 33.11
CA THR B 278 -26.67 37.67 32.86
C THR B 278 -26.51 37.28 31.40
N VAL B 279 -25.45 37.75 30.76
CA VAL B 279 -25.07 37.30 29.43
C VAL B 279 -24.21 36.03 29.53
N ASP B 280 -24.72 34.92 29.01
CA ASP B 280 -23.97 33.67 29.01
C ASP B 280 -22.71 33.80 28.17
N ALA B 281 -21.71 32.98 28.48
CA ALA B 281 -20.48 32.96 27.71
C ALA B 281 -20.52 31.77 26.77
N GLU B 282 -20.12 31.99 25.53
CA GLU B 282 -20.24 30.97 24.49
C GLU B 282 -18.85 30.63 23.94
N GLU B 283 -18.75 30.32 22.65
CA GLU B 283 -17.50 29.80 22.13
C GLU B 283 -16.39 30.85 22.21
N ALA B 284 -15.15 30.38 22.13
CA ALA B 284 -14.00 31.25 22.32
C ALA B 284 -13.86 32.28 21.19
N ASP B 285 -14.25 31.93 19.96
CA ASP B 285 -14.15 32.91 18.87
C ASP B 285 -15.24 33.99 18.94
N ARG B 286 -16.15 33.93 19.91
CA ARG B 286 -17.13 34.98 20.14
C ARG B 286 -16.83 35.82 21.37
N LEU B 287 -15.76 35.50 22.10
CA LEU B 287 -15.43 36.26 23.31
C LEU B 287 -15.28 37.76 23.03
N GLU B 288 -14.37 38.12 22.12
CA GLU B 288 -14.14 39.54 21.85
C GLU B 288 -15.42 40.25 21.40
N LEU B 289 -16.18 39.62 20.49
CA LEU B 289 -17.42 40.22 20.02
C LEU B 289 -18.42 40.41 21.15
N SER B 290 -18.52 39.43 22.05
CA SER B 290 -19.46 39.54 23.15
C SER B 290 -19.09 40.69 24.08
N LEU B 291 -17.80 40.89 24.33
CA LEU B 291 -17.39 41.99 25.20
C LEU B 291 -17.63 43.34 24.54
N ASP B 292 -17.43 43.43 23.22
CA ASP B 292 -17.80 44.65 22.48
C ASP B 292 -19.27 44.96 22.66
N VAL B 293 -20.13 43.97 22.45
CA VAL B 293 -21.58 44.17 22.57
C VAL B 293 -21.95 44.52 24.00
N ILE B 294 -21.35 43.81 24.97
CA ILE B 294 -21.64 44.04 26.38
C ILE B 294 -21.17 45.43 26.80
N ALA B 295 -19.97 45.83 26.37
CA ALA B 295 -19.48 47.16 26.73
C ALA B 295 -20.39 48.26 26.18
N ALA B 296 -20.77 48.16 24.90
CA ALA B 296 -21.64 49.19 24.32
C ALA B 296 -23.01 49.22 25.02
N THR B 297 -23.52 48.06 25.43
CA THR B 297 -24.80 48.03 26.12
C THR B 297 -24.70 48.65 27.50
N LEU B 298 -23.71 48.22 28.29
CA LEU B 298 -23.56 48.76 29.65
C LEU B 298 -23.34 50.26 29.64
N ALA B 299 -22.74 50.78 28.57
CA ALA B 299 -22.41 52.20 28.49
C ALA B 299 -23.67 53.07 28.52
N ASP B 300 -24.82 52.54 28.09
CA ASP B 300 -26.01 53.39 28.01
C ASP B 300 -26.35 53.91 29.39
N PRO B 301 -26.55 55.22 29.54
CA PRO B 301 -26.85 55.76 30.88
C PRO B 301 -28.19 55.31 31.44
N SER B 302 -29.05 54.69 30.62
CA SER B 302 -30.32 54.20 31.14
C SER B 302 -30.14 53.06 32.14
N LEU B 303 -28.96 52.43 32.21
CA LEU B 303 -28.73 51.31 33.11
C LEU B 303 -27.99 51.69 34.39
N LYS B 304 -27.75 52.99 34.61
CA LYS B 304 -27.22 53.46 35.89
C LYS B 304 -28.16 53.08 37.05
N GLY B 305 -27.57 52.99 38.24
CA GLY B 305 -28.38 52.81 39.43
C GLY B 305 -29.02 51.44 39.55
N TRP B 306 -28.50 50.45 38.82
CA TRP B 306 -29.01 49.09 38.84
C TRP B 306 -27.82 48.16 38.86
N ASP B 307 -27.81 47.23 39.82
CA ASP B 307 -26.64 46.42 40.12
C ASP B 307 -26.76 44.98 39.62
N GLY B 308 -27.73 44.67 38.78
CA GLY B 308 -27.95 43.31 38.37
C GLY B 308 -27.40 42.90 37.02
N PHE B 309 -26.82 43.83 36.25
CA PHE B 309 -26.27 43.48 34.95
C PHE B 309 -25.00 42.66 35.12
N GLY B 310 -24.80 41.68 34.25
CA GLY B 310 -23.57 40.93 34.32
C GLY B 310 -23.40 39.94 33.18
N LEU B 311 -22.36 39.11 33.32
CA LEU B 311 -21.96 38.17 32.29
C LEU B 311 -21.27 36.98 32.95
N ALA B 312 -21.19 35.88 32.21
CA ALA B 312 -20.41 34.73 32.64
C ALA B 312 -19.00 34.80 32.06
N ILE B 313 -18.03 34.29 32.82
CA ILE B 313 -16.63 34.22 32.39
C ILE B 313 -16.17 32.79 32.57
N GLN B 314 -15.54 32.24 31.52
CA GLN B 314 -15.16 30.82 31.48
C GLN B 314 -13.70 30.65 31.93
N ALA B 315 -13.51 30.00 33.07
CA ALA B 315 -12.17 29.81 33.61
C ALA B 315 -11.31 28.88 32.77
N TYR B 316 -11.91 28.03 31.93
CA TYR B 316 -11.04 27.16 31.15
C TYR B 316 -10.33 27.89 30.02
N GLN B 317 -10.58 29.18 29.85
CA GLN B 317 -9.90 29.98 28.84
C GLN B 317 -8.66 30.64 29.43
N LYS B 318 -7.57 30.60 28.68
CA LYS B 318 -6.36 31.29 29.12
C LYS B 318 -6.58 32.78 29.26
N ARG B 319 -7.57 33.33 28.56
CA ARG B 319 -7.87 34.75 28.64
C ARG B 319 -8.77 35.10 29.83
N ALA B 320 -9.20 34.13 30.64
CA ALA B 320 -10.21 34.39 31.67
C ALA B 320 -9.79 35.52 32.59
N SER B 321 -8.54 35.46 33.10
CA SER B 321 -8.06 36.46 34.03
C SER B 321 -8.04 37.86 33.43
N ALA B 322 -7.71 37.99 32.13
CA ALA B 322 -7.75 39.30 31.49
C ALA B 322 -9.18 39.77 31.30
N VAL B 323 -10.12 38.85 31.03
CA VAL B 323 -11.52 39.22 30.94
C VAL B 323 -11.99 39.79 32.27
N ILE B 324 -11.54 39.21 33.38
CA ILE B 324 -11.92 39.74 34.68
C ILE B 324 -11.42 41.17 34.83
N ASP B 325 -10.16 41.42 34.44
CA ASP B 325 -9.62 42.79 34.48
C ASP B 325 -10.44 43.72 33.61
N TYR B 326 -10.78 43.29 32.40
CA TYR B 326 -11.53 44.13 31.48
C TYR B 326 -12.91 44.46 32.04
N VAL B 327 -13.61 43.46 32.58
CA VAL B 327 -14.95 43.69 33.09
C VAL B 327 -14.89 44.65 34.27
N ASP B 328 -13.82 44.56 35.09
CA ASP B 328 -13.71 45.43 36.25
C ASP B 328 -13.44 46.87 35.85
N ALA B 329 -12.56 47.09 34.87
CA ALA B 329 -12.31 48.44 34.37
C ALA B 329 -13.55 49.04 33.72
N LEU B 330 -14.36 48.19 33.07
CA LEU B 330 -15.65 48.63 32.55
C LEU B 330 -16.54 49.14 33.67
N ALA B 331 -16.71 48.32 34.72
CA ALA B 331 -17.54 48.72 35.84
C ALA B 331 -16.99 49.97 36.52
N ARG B 332 -15.65 50.07 36.61
CA ARG B 332 -15.05 51.28 37.18
C ARG B 332 -15.28 52.49 36.28
N ALA B 333 -15.17 52.30 34.96
CA ALA B 333 -15.27 53.43 34.04
C ALA B 333 -16.68 54.01 34.03
N HIS B 334 -17.70 53.16 34.14
CA HIS B 334 -19.09 53.61 34.12
C HIS B 334 -19.67 53.72 35.51
N ASP B 335 -18.85 53.57 36.55
CA ASP B 335 -19.27 53.59 37.95
C ASP B 335 -20.50 52.71 38.16
N ARG B 336 -20.36 51.44 37.80
CA ARG B 336 -21.42 50.45 37.99
C ARG B 336 -20.96 49.35 38.93
N LYS B 337 -21.94 48.68 39.50
CA LYS B 337 -21.76 47.39 40.12
C LYS B 337 -22.28 46.30 39.18
N LEU B 338 -21.51 45.22 39.06
CA LEU B 338 -21.84 44.13 38.16
C LEU B 338 -21.88 42.82 38.94
N MET B 339 -22.76 41.93 38.50
CA MET B 339 -22.79 40.56 39.00
C MET B 339 -22.14 39.65 37.95
N VAL B 340 -21.06 38.97 38.33
CA VAL B 340 -20.20 38.27 37.39
C VAL B 340 -20.16 36.79 37.77
N ARG B 341 -20.56 35.94 36.84
CA ARG B 341 -20.63 34.50 37.06
C ARG B 341 -19.35 33.84 36.52
N LEU B 342 -18.68 33.07 37.38
CA LEU B 342 -17.50 32.32 36.97
C LEU B 342 -17.89 30.87 36.74
N VAL B 343 -17.67 30.37 35.53
CA VAL B 343 -17.88 28.97 35.20
C VAL B 343 -16.55 28.40 34.70
N LYS B 344 -16.49 27.08 34.58
CA LYS B 344 -15.30 26.50 33.98
C LYS B 344 -15.38 26.57 32.45
N GLY B 345 -16.51 26.15 31.87
CA GLY B 345 -16.70 26.27 30.43
C GLY B 345 -17.41 25.10 29.80
N ALA B 346 -18.38 25.37 28.93
CA ALA B 346 -19.26 24.34 28.38
C ALA B 346 -18.88 23.84 27.00
N TYR B 347 -17.86 24.39 26.36
CA TYR B 347 -17.56 24.11 24.96
C TYR B 347 -16.16 23.52 24.76
N TRP B 348 -15.63 22.78 25.74
CA TRP B 348 -14.24 22.32 25.67
C TRP B 348 -13.97 21.50 24.40
N ASP B 349 -14.79 20.48 24.15
CA ASP B 349 -14.55 19.64 22.98
C ASP B 349 -14.64 20.44 21.70
N THR B 350 -15.57 21.40 21.63
CA THR B 350 -15.68 22.25 20.45
C THR B 350 -14.42 23.07 20.25
N GLU B 351 -13.91 23.67 21.33
CA GLU B 351 -12.71 24.49 21.16
C GLU B 351 -11.52 23.67 20.68
N ILE B 352 -11.34 22.45 21.18
CA ILE B 352 -10.24 21.60 20.73
C ILE B 352 -10.37 21.31 19.25
N LYS B 353 -11.52 20.75 18.86
CA LYS B 353 -11.78 20.43 17.45
C LYS B 353 -11.60 21.66 16.56
N ARG B 354 -12.17 22.80 16.97
CA ARG B 354 -12.07 23.99 16.13
C ARG B 354 -10.63 24.43 15.93
N ALA B 355 -9.84 24.41 17.01
CA ALA B 355 -8.45 24.85 16.86
C ALA B 355 -7.69 23.93 15.91
N GLN B 356 -7.96 22.63 15.96
CA GLN B 356 -7.30 21.69 15.06
C GLN B 356 -7.70 21.92 13.61
N GLU B 357 -9.02 21.97 13.36
CA GLU B 357 -9.52 22.23 12.01
C GLU B 357 -8.97 23.52 11.44
N ARG B 358 -8.94 24.56 12.26
CA ARG B 358 -8.52 25.88 11.83
C ARG B 358 -7.02 26.08 11.82
N GLY B 359 -6.25 25.05 12.16
CA GLY B 359 -4.78 25.17 12.14
C GLY B 359 -4.24 26.30 12.97
N LEU B 360 -4.84 26.54 14.15
CA LEU B 360 -4.37 27.63 15.00
C LEU B 360 -3.05 27.25 15.66
N ASP B 361 -2.33 28.26 16.17
CA ASP B 361 -1.04 27.98 16.80
C ASP B 361 -1.18 27.54 18.29
N GLY B 362 -2.35 27.14 18.71
CA GLY B 362 -2.55 26.72 20.08
C GLY B 362 -4.03 26.66 20.37
N TYR B 363 -4.35 26.20 21.57
CA TYR B 363 -5.73 26.12 22.02
C TYR B 363 -6.06 27.29 22.92
N PRO B 364 -7.20 27.97 22.72
CA PRO B 364 -7.59 29.03 23.65
C PRO B 364 -7.98 28.50 25.04
N VAL B 365 -8.19 27.19 25.18
CA VAL B 365 -8.54 26.62 26.47
C VAL B 365 -7.37 25.77 26.96
N PHE B 366 -7.32 25.55 28.27
CA PHE B 366 -6.44 24.52 28.80
C PHE B 366 -6.89 23.16 28.30
N THR B 367 -5.93 22.23 28.27
CA THR B 367 -6.15 20.87 27.81
C THR B 367 -6.06 19.84 28.94
N ARG B 368 -5.71 20.25 30.15
CA ARG B 368 -5.77 19.39 31.32
C ARG B 368 -6.81 19.93 32.28
N LYS B 369 -7.70 19.04 32.74
CA LYS B 369 -8.76 19.42 33.66
C LYS B 369 -8.22 20.14 34.90
N ALA B 370 -7.12 19.64 35.48
CA ALA B 370 -6.58 20.28 36.66
C ALA B 370 -6.12 21.72 36.37
N MET B 371 -5.74 22.02 35.12
CA MET B 371 -5.38 23.42 34.79
C MET B 371 -6.62 24.31 34.82
N THR B 372 -7.73 23.83 34.27
CA THR B 372 -9.00 24.55 34.41
C THR B 372 -9.37 24.72 35.87
N ASP B 373 -9.24 23.64 36.67
CA ASP B 373 -9.57 23.73 38.09
C ASP B 373 -8.64 24.70 38.80
N LEU B 374 -7.35 24.65 38.47
CA LEU B 374 -6.39 25.60 39.02
C LEU B 374 -6.77 27.03 38.65
N ASN B 375 -6.99 27.27 37.35
CA ASN B 375 -7.36 28.62 36.90
C ASN B 375 -8.71 29.06 37.47
N TYR B 376 -9.63 28.12 37.71
CA TYR B 376 -10.91 28.51 38.29
C TYR B 376 -10.72 29.06 39.71
N VAL B 377 -9.87 28.43 40.51
CA VAL B 377 -9.66 28.90 41.88
C VAL B 377 -8.89 30.22 41.88
N ALA B 378 -7.88 30.36 41.02
CA ALA B 378 -7.20 31.64 40.88
C ALA B 378 -8.18 32.75 40.48
N CYS B 379 -9.04 32.49 39.49
CA CYS B 379 -10.01 33.50 39.06
C CYS B 379 -10.99 33.82 40.19
N ALA B 380 -11.39 32.81 40.97
CA ALA B 380 -12.29 33.05 42.09
C ALA B 380 -11.64 33.94 43.14
N SER B 381 -10.37 33.71 43.42
CA SER B 381 -9.66 34.56 44.38
C SER B 381 -9.58 36.00 43.88
N LYS B 382 -9.35 36.16 42.57
CA LYS B 382 -9.32 37.48 41.95
C LYS B 382 -10.69 38.16 42.06
N LEU B 383 -11.77 37.41 41.82
CA LEU B 383 -13.10 37.99 41.88
C LEU B 383 -13.49 38.35 43.32
N LEU B 384 -13.11 37.52 44.29
CA LEU B 384 -13.47 37.84 45.68
C LEU B 384 -12.83 39.16 46.12
N ALA B 385 -11.60 39.43 45.66
CA ALA B 385 -10.92 40.68 45.99
C ALA B 385 -11.48 41.89 45.26
N LEU B 386 -12.27 41.70 44.20
CA LEU B 386 -12.90 42.80 43.47
C LEU B 386 -14.25 43.19 44.04
N ARG B 387 -14.71 42.53 45.10
CA ARG B 387 -15.86 43.02 45.83
C ARG B 387 -15.51 44.36 46.47
N PRO B 388 -16.49 45.27 46.64
CA PRO B 388 -17.93 45.12 46.36
C PRO B 388 -18.39 45.52 44.97
N ARG B 389 -17.51 46.12 44.15
CA ARG B 389 -17.94 46.54 42.83
C ARG B 389 -18.36 45.34 41.98
N ILE B 390 -17.67 44.23 42.15
CA ILE B 390 -18.02 42.97 41.50
C ILE B 390 -18.65 42.06 42.53
N PHE B 391 -19.87 41.59 42.26
CA PHE B 391 -20.53 40.56 43.05
C PHE B 391 -20.32 39.23 42.34
N PRO B 392 -19.42 38.37 42.79
CA PRO B 392 -19.13 37.13 42.05
C PRO B 392 -20.16 36.04 42.29
N GLN B 393 -20.36 35.21 41.27
CA GLN B 393 -21.28 34.07 41.30
C GLN B 393 -20.51 32.85 40.81
N PHE B 394 -20.27 31.88 41.70
CA PHE B 394 -19.44 30.73 41.37
C PHE B 394 -20.36 29.57 40.99
N ALA B 395 -20.48 29.34 39.69
CA ALA B 395 -21.39 28.30 39.18
C ALA B 395 -20.57 27.03 38.98
N THR B 396 -20.76 26.07 39.88
CA THR B 396 -20.06 24.79 39.84
C THR B 396 -20.83 23.80 40.70
N HIS B 397 -20.75 22.52 40.34
CA HIS B 397 -21.27 21.44 41.16
C HIS B 397 -20.14 20.56 41.70
N ASN B 398 -18.93 21.09 41.73
CA ASN B 398 -17.76 20.38 42.21
C ASN B 398 -17.59 20.68 43.68
N ALA B 399 -17.68 19.63 44.52
CA ALA B 399 -17.60 19.82 45.96
C ALA B 399 -16.24 20.36 46.39
N LEU B 400 -15.17 19.92 45.72
CA LEU B 400 -13.84 20.44 46.03
C LEU B 400 -13.72 21.92 45.67
N THR B 401 -14.17 22.28 44.47
CA THR B 401 -14.12 23.67 44.04
C THR B 401 -14.91 24.55 45.00
N VAL B 402 -16.11 24.10 45.37
CA VAL B 402 -16.92 24.85 46.33
C VAL B 402 -16.18 25.01 47.65
N ALA B 403 -15.64 23.90 48.18
CA ALA B 403 -14.92 23.94 49.45
C ALA B 403 -13.76 24.91 49.41
N THR B 404 -13.03 24.93 48.30
CA THR B 404 -11.86 25.79 48.18
C THR B 404 -12.26 27.26 48.08
N VAL B 405 -13.25 27.57 47.23
CA VAL B 405 -13.74 28.95 47.09
C VAL B 405 -14.26 29.45 48.42
N LEU B 406 -15.02 28.61 49.13
CA LEU B 406 -15.56 29.01 50.43
C LEU B 406 -14.43 29.37 51.41
N GLU B 407 -13.36 28.59 51.42
CA GLU B 407 -12.23 28.87 52.31
C GLU B 407 -11.55 30.19 51.95
N MET B 408 -11.40 30.48 50.67
CA MET B 408 -10.73 31.72 50.31
C MET B 408 -11.56 32.94 50.67
N ALA B 409 -12.88 32.86 50.61
CA ALA B 409 -13.71 33.99 51.04
C ALA B 409 -13.58 34.27 52.54
N GLU B 410 -13.11 33.29 53.31
CA GLU B 410 -12.83 33.44 54.75
C GLU B 410 -14.10 33.78 55.54
N GLY B 411 -15.24 33.26 55.10
CA GLY B 411 -16.48 33.36 55.85
C GLY B 411 -17.29 34.61 55.63
N SER B 412 -16.99 35.39 54.60
CA SER B 412 -17.67 36.64 54.34
C SER B 412 -18.93 36.41 53.49
N SER B 413 -19.53 37.50 53.03
CA SER B 413 -20.66 37.45 52.10
C SER B 413 -20.31 38.33 50.90
N GLY B 414 -21.34 38.81 50.19
CA GLY B 414 -21.11 39.59 48.98
C GLY B 414 -20.80 38.76 47.75
N PHE B 415 -21.07 37.46 47.79
CA PHE B 415 -20.93 36.58 46.63
C PHE B 415 -22.03 35.52 46.72
N GLU B 416 -22.09 34.62 45.74
CA GLU B 416 -23.04 33.52 45.84
C GLU B 416 -22.48 32.33 45.07
N PHE B 417 -23.02 31.14 45.35
CA PHE B 417 -22.82 29.99 44.49
C PHE B 417 -24.01 29.83 43.56
N GLN B 418 -23.83 29.02 42.51
CA GLN B 418 -24.89 28.80 41.53
C GLN B 418 -24.91 27.33 41.11
N ARG B 419 -26.11 26.83 40.81
CA ARG B 419 -26.22 25.47 40.31
C ARG B 419 -27.35 25.40 39.30
N LEU B 420 -27.39 24.28 38.60
CA LEU B 420 -28.45 23.97 37.65
C LEU B 420 -29.42 22.97 38.28
N HIS B 421 -30.71 23.21 38.09
CA HIS B 421 -31.73 22.32 38.65
C HIS B 421 -31.44 20.88 38.22
N GLY B 422 -31.46 19.98 39.19
CA GLY B 422 -31.10 18.60 38.96
C GLY B 422 -29.64 18.27 39.16
N MET B 423 -28.83 19.23 39.62
CA MET B 423 -27.43 19.00 39.91
C MET B 423 -27.03 19.78 41.16
N GLY B 424 -26.11 19.21 41.93
CA GLY B 424 -25.60 19.88 43.12
C GLY B 424 -26.60 20.11 44.24
N GLU B 425 -27.76 19.45 44.22
CA GLU B 425 -28.74 19.69 45.26
C GLU B 425 -28.22 19.21 46.62
N ALA B 426 -27.77 17.97 46.71
CA ALA B 426 -27.25 17.49 48.00
C ALA B 426 -26.01 18.29 48.42
N LEU B 427 -25.15 18.61 47.45
CA LEU B 427 -23.98 19.43 47.74
C LEU B 427 -24.36 20.74 48.46
N TYR B 428 -25.23 21.53 47.83
CA TYR B 428 -25.49 22.86 48.37
C TYR B 428 -26.43 22.83 49.59
N GLU B 429 -27.29 21.83 49.72
CA GLU B 429 -28.03 21.68 50.98
C GLU B 429 -27.09 21.44 52.15
N GLN B 430 -26.09 20.56 51.97
CA GLN B 430 -25.12 20.30 53.02
C GLN B 430 -24.27 21.52 53.30
N LEU B 431 -23.83 22.23 52.25
CA LEU B 431 -23.12 23.48 52.46
C LEU B 431 -23.96 24.44 53.28
N ALA B 432 -25.26 24.52 52.98
CA ALA B 432 -26.13 25.41 53.72
C ALA B 432 -26.28 24.97 55.18
N LYS B 433 -26.24 23.67 55.44
CA LYS B 433 -26.36 23.20 56.82
C LYS B 433 -25.13 23.57 57.65
N ASP B 434 -23.94 23.46 57.06
CA ASP B 434 -22.69 23.65 57.79
C ASP B 434 -22.23 25.11 57.82
N HIS B 435 -22.74 25.95 56.93
CA HIS B 435 -22.37 27.37 56.89
C HIS B 435 -23.67 28.13 56.60
N ALA B 436 -24.25 28.72 57.64
CA ALA B 436 -25.61 29.24 57.52
C ALA B 436 -25.72 30.45 56.61
N ASP B 437 -24.65 31.25 56.49
CA ASP B 437 -24.72 32.50 55.74
C ASP B 437 -24.46 32.33 54.24
N ILE B 438 -24.47 31.12 53.72
CA ILE B 438 -24.11 30.90 52.32
C ILE B 438 -25.36 30.97 51.47
N ALA B 439 -25.28 31.73 50.37
CA ALA B 439 -26.34 31.84 49.40
C ALA B 439 -25.97 31.09 48.14
N TYR B 440 -26.94 30.39 47.57
CA TYR B 440 -26.73 29.82 46.25
C TYR B 440 -27.99 30.02 45.41
N ARG B 441 -27.76 30.32 44.14
CA ARG B 441 -28.82 30.54 43.17
C ARG B 441 -29.01 29.26 42.36
N THR B 442 -30.27 28.85 42.21
CA THR B 442 -30.64 27.67 41.43
C THR B 442 -31.34 28.12 40.14
N TYR B 443 -30.83 27.67 38.99
CA TYR B 443 -31.42 27.96 37.70
C TYR B 443 -32.18 26.75 37.20
N ALA B 444 -33.31 26.99 36.59
CA ALA B 444 -34.00 25.95 35.85
C ALA B 444 -33.95 26.27 34.36
N PRO B 445 -33.76 25.27 33.50
CA PRO B 445 -33.89 25.52 32.06
C PRO B 445 -35.36 25.77 31.73
N VAL B 446 -35.61 26.84 30.99
CA VAL B 446 -36.96 27.24 30.60
C VAL B 446 -36.95 27.52 29.11
N GLY B 447 -37.87 26.89 28.38
CA GLY B 447 -37.99 27.17 26.97
C GLY B 447 -38.95 26.22 26.27
N SER B 448 -38.95 26.34 24.95
CA SER B 448 -39.84 25.55 24.11
C SER B 448 -39.11 24.33 23.54
N HIS B 449 -39.91 23.37 23.09
CA HIS B 449 -39.39 22.10 22.57
C HIS B 449 -38.40 22.28 21.43
N ARG B 450 -38.63 23.26 20.56
CA ARG B 450 -37.74 23.46 19.42
C ARG B 450 -36.34 23.85 19.84
N ASP B 451 -36.13 24.19 21.12
CA ASP B 451 -34.81 24.53 21.65
C ASP B 451 -34.24 23.46 22.56
N LEU B 452 -34.99 22.38 22.79
CA LEU B 452 -34.57 21.36 23.74
C LEU B 452 -33.39 20.56 23.21
N LEU B 453 -33.48 20.06 21.96
CA LEU B 453 -32.45 19.19 21.41
C LEU B 453 -31.06 19.79 21.49
N ALA B 454 -30.89 21.02 20.97
CA ALA B 454 -29.56 21.63 21.00
C ALA B 454 -29.03 21.74 22.42
N TYR B 455 -29.91 22.11 23.36
CA TYR B 455 -29.52 22.19 24.76
C TYR B 455 -29.15 20.82 25.34
N LEU B 456 -29.97 19.80 25.08
CA LEU B 456 -29.71 18.47 25.66
C LEU B 456 -28.35 17.94 25.22
N VAL B 457 -27.99 18.15 23.95
CA VAL B 457 -26.71 17.67 23.43
C VAL B 457 -25.55 18.20 24.26
N ARG B 458 -25.55 19.51 24.56
CA ARG B 458 -24.47 20.07 25.34
C ARG B 458 -24.52 19.60 26.79
N ARG B 459 -25.72 19.59 27.39
CA ARG B 459 -25.86 19.11 28.76
C ARG B 459 -25.40 17.66 28.90
N LEU B 460 -25.69 16.82 27.91
CA LEU B 460 -25.32 15.41 27.99
C LEU B 460 -23.81 15.20 27.88
N LEU B 461 -23.09 16.12 27.24
CA LEU B 461 -21.65 15.96 27.13
C LEU B 461 -20.95 16.11 28.48
N GLU B 462 -21.40 17.05 29.32
CA GLU B 462 -20.77 17.25 30.63
C GLU B 462 -21.14 16.13 31.60
N ASN B 463 -22.40 15.68 31.59
CA ASN B 463 -22.86 14.61 32.48
C ASN B 463 -22.30 13.24 32.12
N GLY B 464 -21.95 13.02 30.86
CA GLY B 464 -21.45 11.72 30.43
C GLY B 464 -19.94 11.66 30.41
N ALA B 465 -19.29 12.81 30.63
CA ALA B 465 -17.84 12.86 30.63
C ALA B 465 -17.25 12.05 31.79
N ASN B 466 -16.15 11.34 31.50
CA ASN B 466 -15.50 10.54 32.54
C ASN B 466 -14.83 11.43 33.59
N SER B 467 -14.30 12.59 33.17
CA SER B 467 -13.64 13.54 34.05
C SER B 467 -14.60 14.36 34.90
N SER B 468 -15.90 14.30 34.61
CA SER B 468 -16.91 15.09 35.32
C SER B 468 -16.90 14.77 36.82
N PHE B 469 -17.01 15.81 37.64
CA PHE B 469 -16.97 15.59 39.08
C PHE B 469 -18.28 14.97 39.58
N VAL B 470 -19.42 15.46 39.09
CA VAL B 470 -20.69 14.96 39.57
C VAL B 470 -20.87 13.51 39.15
N ALA B 471 -20.31 13.13 38.00
CA ALA B 471 -20.39 11.73 37.60
C ALA B 471 -19.51 10.86 38.50
N GLN B 472 -18.33 11.35 38.90
CA GLN B 472 -17.43 10.55 39.72
C GLN B 472 -17.87 10.53 41.18
N ALA B 473 -18.34 11.65 41.70
CA ALA B 473 -18.76 11.72 43.08
C ALA B 473 -20.02 10.89 43.35
N ALA B 474 -20.73 10.49 42.30
CA ALA B 474 -21.88 9.62 42.44
C ALA B 474 -21.57 8.16 42.13
N ASP B 475 -20.39 7.87 41.58
CA ASP B 475 -19.97 6.51 41.34
C ASP B 475 -19.24 6.00 42.57
N TYR B 476 -19.87 5.06 43.30
CA TYR B 476 -19.32 4.49 44.52
C TYR B 476 -18.02 3.74 44.27
N ARG B 477 -17.67 3.44 43.02
CA ARG B 477 -16.38 2.84 42.75
C ARG B 477 -15.24 3.82 42.98
N VAL B 478 -15.50 5.13 42.87
CA VAL B 478 -14.49 6.15 43.06
C VAL B 478 -14.45 6.50 44.55
N PRO B 479 -13.36 6.21 45.27
CA PRO B 479 -13.30 6.54 46.69
C PRO B 479 -13.32 8.05 46.89
N VAL B 480 -13.94 8.46 47.99
CA VAL B 480 -14.02 9.86 48.39
C VAL B 480 -12.65 10.54 48.38
N PRO B 481 -11.57 9.92 48.86
CA PRO B 481 -10.28 10.63 48.84
C PRO B 481 -9.79 10.97 47.44
N ALA B 482 -10.21 10.23 46.41
CA ALA B 482 -9.76 10.51 45.05
C ALA B 482 -10.26 11.87 44.57
N LEU B 483 -11.51 12.21 44.92
CA LEU B 483 -12.12 13.48 44.53
C LEU B 483 -11.56 14.67 45.29
N LEU B 484 -10.65 14.46 46.23
CA LEU B 484 -10.14 15.55 47.06
C LEU B 484 -8.73 15.97 46.67
N GLN B 485 -8.17 15.37 45.62
CA GLN B 485 -6.84 15.76 45.19
C GLN B 485 -6.86 17.20 44.69
N ARG B 486 -5.95 17.98 45.18
CA ARG B 486 -5.98 19.36 44.76
C ARG B 486 -5.34 19.50 43.38
N PRO B 487 -5.86 20.43 42.57
CA PRO B 487 -5.38 20.55 41.17
C PRO B 487 -3.87 20.67 41.05
N ALA B 488 -3.25 21.50 41.89
CA ALA B 488 -1.80 21.68 41.85
C ALA B 488 -1.07 20.36 42.02
N ASP B 489 -1.58 19.50 42.92
CA ASP B 489 -0.92 18.22 43.16
C ASP B 489 -1.03 17.27 41.98
N ALA B 490 -2.01 17.48 41.10
CA ALA B 490 -2.11 16.63 39.92
C ALA B 490 -1.17 17.09 38.81
N ILE B 491 -0.81 18.37 38.79
CA ILE B 491 0.04 18.92 37.75
C ILE B 491 1.52 18.90 38.16
N VAL B 492 1.81 19.19 39.42
CA VAL B 492 3.14 19.20 40.04
C VAL B 492 4.11 20.15 39.32
N ARG B 493 4.29 20.02 38.00
CA ARG B 493 5.34 20.76 37.32
C ARG B 493 4.79 21.53 36.13
N PRO B 494 5.26 22.75 35.88
CA PRO B 494 4.68 23.57 34.80
C PRO B 494 4.76 22.92 33.43
N GLN B 495 5.90 22.31 33.08
CA GLN B 495 6.07 21.65 31.78
C GLN B 495 5.02 20.56 31.54
N ALA B 496 4.20 20.24 32.54
CA ALA B 496 3.15 19.24 32.42
C ALA B 496 1.76 19.89 32.29
N ALA B 497 1.69 21.21 32.10
CA ALA B 497 0.39 21.88 32.06
C ALA B 497 -0.46 21.37 30.90
N ALA B 498 0.11 21.33 29.70
CA ALA B 498 -0.60 20.80 28.54
C ALA B 498 -0.80 19.29 28.65
N HIS B 499 -1.89 18.81 28.07
CA HIS B 499 -2.17 17.39 28.08
C HIS B 499 -1.23 16.70 27.11
N PRO B 500 -0.54 15.63 27.52
CA PRO B 500 0.49 15.04 26.66
C PRO B 500 -0.06 14.30 25.46
N ARG B 501 -1.35 13.93 25.47
CA ARG B 501 -1.93 13.18 24.36
C ARG B 501 -2.79 14.04 23.44
N ILE B 502 -2.65 15.35 23.48
CA ILE B 502 -3.36 16.25 22.58
C ILE B 502 -2.32 17.12 21.90
N PRO B 503 -2.00 16.84 20.63
CA PRO B 503 -0.99 17.62 19.93
C PRO B 503 -1.51 19.02 19.62
N LEU B 504 -0.57 19.95 19.43
CA LEU B 504 -0.94 21.24 18.89
C LEU B 504 -1.46 21.04 17.46
N PRO B 505 -2.36 21.92 17.00
CA PRO B 505 -2.85 21.81 15.61
C PRO B 505 -1.74 21.66 14.56
N CYS B 506 -0.61 22.33 14.75
CA CYS B 506 0.46 22.17 13.77
C CYS B 506 1.05 20.77 13.76
N ASP B 507 0.84 19.98 14.83
CA ASP B 507 1.37 18.62 14.93
C ASP B 507 0.33 17.55 14.64
N LEU B 508 -0.82 17.94 14.12
CA LEU B 508 -1.94 17.01 13.93
C LEU B 508 -1.53 15.82 13.08
N PHE B 509 -0.60 15.99 12.14
CA PHE B 509 -0.18 14.92 11.25
C PHE B 509 1.24 14.45 11.52
N ALA B 510 1.86 14.89 12.61
CA ALA B 510 3.24 14.51 12.89
C ALA B 510 3.32 13.00 13.19
N PRO B 511 4.44 12.35 12.85
CA PRO B 511 5.63 12.90 12.20
C PRO B 511 5.59 12.74 10.69
N GLU B 512 4.44 12.30 10.16
CA GLU B 512 4.30 12.09 8.71
C GLU B 512 4.62 13.37 7.96
N ARG B 513 4.03 14.49 8.38
CA ARG B 513 4.24 15.76 7.68
C ARG B 513 3.81 16.92 8.58
N ARG B 514 4.19 18.12 8.17
CA ARG B 514 3.72 19.32 8.83
C ARG B 514 2.32 19.71 8.35
N ASN B 515 1.71 20.59 9.12
CA ASN B 515 0.37 21.08 8.86
C ASN B 515 0.47 22.55 8.49
N SER B 516 -0.41 23.02 7.62
CA SER B 516 -0.46 24.43 7.29
C SER B 516 -1.12 25.24 8.41
N ARG B 517 -0.76 26.51 8.51
CA ARG B 517 -1.29 27.39 9.55
C ARG B 517 -2.52 28.13 9.06
N GLY B 518 -3.53 28.20 9.94
CA GLY B 518 -4.72 28.99 9.71
C GLY B 518 -4.73 30.22 10.59
N VAL B 519 -5.86 30.91 10.57
CA VAL B 519 -6.07 32.15 11.31
C VAL B 519 -7.42 32.07 12.01
N GLU B 520 -7.48 32.51 13.27
CA GLU B 520 -8.74 32.60 14.00
C GLU B 520 -9.34 33.96 13.74
N PHE B 521 -10.45 34.00 13.00
CA PHE B 521 -11.09 35.27 12.67
C PHE B 521 -11.71 35.95 13.89
N GLY B 522 -12.06 35.19 14.93
CA GLY B 522 -12.54 35.71 16.18
C GLY B 522 -11.51 36.33 17.09
N ALA B 523 -10.25 36.45 16.62
CA ALA B 523 -9.20 37.16 17.32
C ALA B 523 -8.89 38.42 16.52
N ARG B 524 -9.34 39.58 17.02
CA ARG B 524 -9.33 40.80 16.18
C ARG B 524 -7.93 41.14 15.67
N THR B 525 -6.88 40.88 16.47
CA THR B 525 -5.53 41.13 15.99
C THR B 525 -5.19 40.24 14.81
N ALA B 526 -5.61 38.97 14.85
CA ALA B 526 -5.30 38.06 13.77
C ALA B 526 -6.06 38.43 12.50
N LEU B 527 -7.35 38.73 12.64
CA LEU B 527 -8.15 39.06 11.46
C LEU B 527 -7.68 40.37 10.85
N ASP B 528 -7.34 41.37 11.69
CA ASP B 528 -6.89 42.66 11.16
C ASP B 528 -5.55 42.53 10.46
N GLN B 529 -4.63 41.77 11.05
CA GLN B 529 -3.33 41.57 10.41
C GLN B 529 -3.49 40.93 9.04
N LEU B 530 -4.33 39.90 8.94
CA LEU B 530 -4.57 39.25 7.65
C LEU B 530 -5.21 40.22 6.65
N LEU B 531 -6.24 40.97 7.08
CA LEU B 531 -6.89 41.90 6.17
C LEU B 531 -5.91 42.94 5.66
N THR B 532 -5.01 43.39 6.52
CA THR B 532 -4.00 44.38 6.15
C THR B 532 -2.99 43.79 5.16
N ASP B 533 -2.46 42.61 5.46
CA ASP B 533 -1.49 41.98 4.56
C ASP B 533 -2.09 41.79 3.18
N VAL B 534 -3.34 41.31 3.11
CA VAL B 534 -3.95 41.05 1.81
C VAL B 534 -4.19 42.35 1.06
N LYS B 535 -4.64 43.40 1.76
CA LYS B 535 -4.84 44.69 1.11
C LYS B 535 -3.54 45.25 0.55
N ALA B 536 -2.41 44.91 1.18
CA ALA B 536 -1.12 45.43 0.76
C ALA B 536 -0.62 44.82 -0.55
N GLU B 537 -1.28 43.81 -1.08
CA GLU B 537 -0.82 43.17 -2.32
C GLU B 537 -1.58 43.69 -3.53
N ILE B 544 -1.47 38.42 -19.94
CA ILE B 544 -1.01 37.11 -20.40
C ILE B 544 -1.50 36.78 -21.80
N ALA B 545 -0.61 36.77 -22.77
CA ALA B 545 -1.00 36.37 -24.12
C ALA B 545 -1.19 34.86 -24.19
N ASP B 546 -2.16 34.45 -24.99
CA ASP B 546 -2.44 33.03 -25.18
C ASP B 546 -1.27 32.37 -25.90
N ALA B 547 -1.24 31.04 -25.82
CA ALA B 547 -0.23 30.27 -26.53
C ALA B 547 -0.71 29.98 -27.94
N THR B 548 0.17 30.14 -28.91
CA THR B 548 -0.14 29.67 -30.25
C THR B 548 -0.14 28.15 -30.24
N PRO B 549 -0.84 27.51 -31.18
CA PRO B 549 -0.71 26.05 -31.29
C PRO B 549 0.72 25.59 -31.45
N ASP B 550 1.59 26.43 -32.01
CA ASP B 550 3.00 26.09 -32.13
C ASP B 550 3.71 26.16 -30.78
N GLN B 551 3.36 27.13 -29.94
CA GLN B 551 4.03 27.23 -28.63
C GLN B 551 3.56 26.14 -27.68
N ALA B 552 2.31 25.71 -27.80
CA ALA B 552 1.86 24.55 -27.04
C ALA B 552 2.56 23.29 -27.52
N HIS B 553 2.70 23.16 -28.84
CA HIS B 553 3.43 22.06 -29.44
C HIS B 553 4.89 22.06 -29.00
N ALA B 554 5.50 23.24 -28.94
CA ALA B 554 6.86 23.35 -28.43
C ALA B 554 6.93 23.01 -26.95
N ALA B 555 5.90 23.36 -26.18
CA ALA B 555 5.90 23.04 -24.75
C ALA B 555 5.96 21.54 -24.50
N VAL B 556 5.14 20.77 -25.24
CA VAL B 556 5.19 19.31 -25.10
C VAL B 556 6.59 18.80 -25.41
N ALA B 557 7.19 19.30 -26.51
CA ALA B 557 8.50 18.83 -26.92
C ALA B 557 9.54 19.16 -25.85
N ALA B 558 9.45 20.34 -25.24
CA ALA B 558 10.41 20.71 -24.22
C ALA B 558 10.19 19.88 -22.95
N ALA B 559 8.93 19.66 -22.55
CA ALA B 559 8.66 18.78 -21.43
C ALA B 559 9.13 17.36 -21.73
N ARG B 560 8.90 16.89 -22.96
CA ARG B 560 9.35 15.56 -23.37
C ARG B 560 10.86 15.43 -23.25
N ALA B 561 11.60 16.51 -23.52
CA ALA B 561 13.06 16.44 -23.40
C ALA B 561 13.52 16.50 -21.96
N GLY B 562 12.75 17.16 -21.08
CA GLY B 562 13.14 17.21 -19.68
C GLY B 562 12.72 15.99 -18.87
N PHE B 563 11.92 15.10 -19.47
CA PHE B 563 11.37 13.97 -18.72
C PHE B 563 12.47 13.08 -18.15
N ALA B 564 13.41 12.66 -18.99
CA ALA B 564 14.42 11.68 -18.58
C ALA B 564 15.16 12.12 -17.33
N GLY B 565 15.62 13.38 -17.31
CA GLY B 565 16.36 13.86 -16.15
C GLY B 565 15.50 14.01 -14.90
N TRP B 566 14.27 14.49 -15.06
CA TRP B 566 13.41 14.62 -13.89
C TRP B 566 13.01 13.25 -13.37
N SER B 567 12.67 12.33 -14.28
CA SER B 567 12.34 10.96 -13.90
C SER B 567 13.45 10.30 -13.09
N ARG B 568 14.71 10.55 -13.44
CA ARG B 568 15.83 9.92 -12.73
C ARG B 568 16.33 10.75 -11.53
N THR B 569 15.79 11.94 -11.29
CA THR B 569 16.10 12.67 -10.08
C THR B 569 15.58 11.91 -8.86
N PRO B 570 16.38 11.75 -7.81
CA PRO B 570 15.93 10.94 -6.65
C PRO B 570 14.65 11.48 -6.02
N ALA B 571 13.79 10.55 -5.58
CA ALA B 571 12.49 10.92 -5.02
C ALA B 571 12.62 11.92 -3.89
N GLY B 572 13.64 11.77 -3.05
CA GLY B 572 13.82 12.69 -1.94
C GLY B 572 14.09 14.10 -2.40
N ILE B 573 14.71 14.25 -3.57
CA ILE B 573 14.93 15.59 -4.12
C ILE B 573 13.64 16.16 -4.71
N ARG B 574 12.86 15.33 -5.41
CA ARG B 574 11.55 15.78 -5.87
C ARG B 574 10.67 16.16 -4.67
N ALA B 575 10.70 15.34 -3.62
CA ALA B 575 9.92 15.58 -2.42
C ALA B 575 10.37 16.86 -1.72
N ALA B 576 11.67 17.10 -1.67
CA ALA B 576 12.17 18.34 -1.08
C ALA B 576 11.61 19.55 -1.80
N ALA B 577 11.52 19.46 -3.14
CA ALA B 577 11.04 20.57 -3.93
C ALA B 577 9.59 20.90 -3.59
N LEU B 578 8.77 19.87 -3.39
CA LEU B 578 7.37 20.08 -3.02
C LEU B 578 7.26 20.69 -1.62
N GLU B 579 8.09 20.23 -0.68
CA GLU B 579 8.05 20.77 0.67
C GLU B 579 8.52 22.23 0.70
N GLN B 580 9.51 22.56 -0.13
CA GLN B 580 9.91 23.96 -0.25
C GLN B 580 8.82 24.78 -0.92
N ALA B 581 8.11 24.19 -1.88
CA ALA B 581 6.96 24.89 -2.46
C ALA B 581 5.91 25.19 -1.39
N ALA B 582 5.67 24.23 -0.50
CA ALA B 582 4.74 24.46 0.60
C ALA B 582 5.23 25.58 1.51
N HIS B 583 6.53 25.57 1.82
CA HIS B 583 7.09 26.64 2.63
C HIS B 583 6.85 28.01 1.98
N LEU B 584 7.09 28.12 0.67
CA LEU B 584 6.96 29.40 0.00
C LEU B 584 5.51 29.86 -0.08
N LEU B 585 4.57 28.93 -0.33
CA LEU B 585 3.16 29.28 -0.36
C LEU B 585 2.72 29.91 0.95
N GLU B 586 3.04 29.26 2.07
CA GLU B 586 2.60 29.80 3.36
C GLU B 586 3.33 31.09 3.70
N SER B 587 4.60 31.19 3.34
CA SER B 587 5.33 32.43 3.55
C SER B 587 4.74 33.58 2.74
N ARG B 588 4.21 33.29 1.54
CA ARG B 588 3.65 34.30 0.67
C ARG B 588 2.12 34.21 0.62
N SER B 589 1.50 33.72 1.71
CA SER B 589 0.07 33.48 1.74
C SER B 589 -0.74 34.74 1.42
N ALA B 590 -0.26 35.91 1.83
CA ALA B 590 -1.00 37.14 1.58
C ALA B 590 -1.12 37.43 0.08
N HIS B 591 -0.03 37.22 -0.66
CA HIS B 591 -0.03 37.41 -2.11
C HIS B 591 -1.02 36.47 -2.80
N PHE B 592 -0.98 35.18 -2.48
CA PHE B 592 -1.85 34.24 -3.16
C PHE B 592 -3.30 34.43 -2.74
N ILE B 593 -3.54 34.74 -1.46
CA ILE B 593 -4.90 35.03 -1.00
C ILE B 593 -5.48 36.20 -1.77
N ALA B 594 -4.70 37.28 -1.91
CA ALA B 594 -5.14 38.42 -2.70
C ALA B 594 -5.47 38.01 -4.12
N LEU B 595 -4.62 37.17 -4.74
CA LEU B 595 -4.90 36.70 -6.09
C LEU B 595 -6.19 35.89 -6.12
N LEU B 596 -6.40 35.04 -5.11
CA LEU B 596 -7.64 34.25 -5.04
C LEU B 596 -8.86 35.14 -4.86
N GLN B 597 -8.70 36.26 -4.18
CA GLN B 597 -9.85 37.14 -4.05
C GLN B 597 -10.11 37.94 -5.32
N ARG B 598 -9.05 38.51 -5.91
CA ARG B 598 -9.27 39.39 -7.07
C ARG B 598 -9.56 38.59 -8.34
N GLU B 599 -8.75 37.58 -8.62
CA GLU B 599 -8.95 36.78 -9.82
C GLU B 599 -9.98 35.67 -9.61
N GLY B 600 -9.98 35.03 -8.43
CA GLY B 600 -10.90 33.93 -8.18
C GLY B 600 -12.28 34.34 -7.68
N GLY B 601 -12.41 35.57 -7.17
CA GLY B 601 -13.67 36.00 -6.58
C GLY B 601 -13.99 35.40 -5.24
N LYS B 602 -13.00 34.86 -4.54
CA LYS B 602 -13.24 34.10 -3.32
C LYS B 602 -13.29 35.02 -2.09
N THR B 603 -14.22 34.71 -1.19
CA THR B 603 -14.23 35.35 0.12
C THR B 603 -12.93 34.99 0.86
N LEU B 604 -12.69 35.72 1.95
CA LEU B 604 -11.41 35.57 2.64
C LEU B 604 -11.29 34.19 3.30
N ASP B 605 -12.39 33.62 3.80
CA ASP B 605 -12.28 32.29 4.38
C ASP B 605 -11.98 31.24 3.31
N ASP B 606 -12.59 31.37 2.12
CA ASP B 606 -12.33 30.40 1.05
C ASP B 606 -10.91 30.53 0.51
N ALA B 607 -10.38 31.75 0.43
CA ALA B 607 -9.04 31.95 -0.10
C ALA B 607 -7.99 31.37 0.83
N LEU B 608 -8.04 31.74 2.12
CA LEU B 608 -7.17 31.15 3.12
C LEU B 608 -7.26 29.63 3.09
N SER B 609 -8.48 29.09 2.99
CA SER B 609 -8.62 27.64 3.01
C SER B 609 -7.96 27.01 1.78
N GLU B 610 -8.10 27.63 0.60
CA GLU B 610 -7.49 27.06 -0.59
C GLU B 610 -5.97 27.20 -0.54
N LEU B 611 -5.47 28.31 0.01
CA LEU B 611 -4.03 28.45 0.20
C LEU B 611 -3.49 27.36 1.11
N ARG B 612 -4.18 27.09 2.22
CA ARG B 612 -3.78 25.99 3.10
C ARG B 612 -3.82 24.65 2.37
N GLU B 613 -4.90 24.41 1.62
CA GLU B 613 -5.04 23.16 0.87
C GLU B 613 -3.90 22.97 -0.14
N ALA B 614 -3.49 24.06 -0.80
CA ALA B 614 -2.39 23.99 -1.76
C ALA B 614 -1.10 23.56 -1.09
N ALA B 615 -0.76 24.18 0.04
CA ALA B 615 0.42 23.74 0.79
C ALA B 615 0.27 22.30 1.28
N ASP B 616 -0.94 21.93 1.72
CA ASP B 616 -1.19 20.57 2.18
C ASP B 616 -0.99 19.55 1.06
N PHE B 617 -1.46 19.86 -0.15
CA PHE B 617 -1.18 18.98 -1.29
C PHE B 617 0.33 18.77 -1.45
N CYS B 618 1.11 19.85 -1.39
CA CYS B 618 2.56 19.72 -1.58
C CYS B 618 3.19 18.80 -0.54
N ARG B 619 2.90 19.03 0.74
CA ARG B 619 3.55 18.21 1.77
C ARG B 619 3.03 16.77 1.75
N TYR B 620 1.74 16.58 1.44
CA TYR B 620 1.18 15.24 1.47
C TYR B 620 1.73 14.39 0.33
N TYR B 621 1.67 14.92 -0.90
CA TYR B 621 2.27 14.21 -2.02
C TYR B 621 3.77 14.02 -1.82
N ALA B 622 4.44 14.95 -1.14
CA ALA B 622 5.86 14.73 -0.88
C ALA B 622 6.06 13.53 0.04
N ALA B 623 5.30 13.47 1.13
CA ALA B 623 5.47 12.35 2.05
C ALA B 623 5.07 11.03 1.39
N GLN B 624 3.93 11.02 0.69
CA GLN B 624 3.56 9.84 -0.10
C GLN B 624 4.65 9.54 -1.14
N GLY B 625 5.27 10.58 -1.67
CA GLY B 625 6.27 10.37 -2.71
C GLY B 625 7.47 9.60 -2.22
N ARG B 626 7.95 9.90 -1.01
CA ARG B 626 9.07 9.15 -0.44
C ARG B 626 8.70 7.70 -0.16
N LYS B 627 7.54 7.46 0.42
CA LYS B 627 7.10 6.09 0.65
C LYS B 627 7.02 5.31 -0.66
N LEU B 628 6.47 5.92 -1.71
CA LEU B 628 6.13 5.17 -2.93
C LEU B 628 7.32 5.02 -3.87
N PHE B 629 8.03 6.11 -4.14
CA PHE B 629 9.12 6.08 -5.11
C PHE B 629 10.50 6.15 -4.45
N GLY B 630 10.57 6.15 -3.12
CA GLY B 630 11.84 6.32 -2.44
C GLY B 630 12.68 5.07 -2.37
N SER B 631 12.05 3.91 -2.39
CA SER B 631 12.80 2.65 -2.28
C SER B 631 12.02 1.56 -2.98
N GLU B 632 12.69 0.44 -3.18
CA GLU B 632 12.11 -0.69 -3.88
C GLU B 632 11.45 -1.63 -2.89
N THR B 633 10.45 -2.35 -3.37
CA THR B 633 9.79 -3.38 -2.58
C THR B 633 10.39 -4.73 -2.96
N ALA B 634 10.96 -5.40 -1.98
CA ALA B 634 11.48 -6.74 -2.19
C ALA B 634 10.32 -7.72 -2.26
N MET B 635 10.35 -8.62 -3.24
CA MET B 635 9.36 -9.67 -3.40
C MET B 635 9.89 -10.99 -2.85
N PRO B 636 9.05 -11.83 -2.25
CA PRO B 636 9.53 -13.12 -1.80
C PRO B 636 9.82 -13.96 -3.03
N GLY B 637 10.61 -15.00 -2.85
CA GLY B 637 10.93 -15.84 -3.95
C GLY B 637 12.01 -16.82 -3.61
N PRO B 638 12.48 -17.54 -4.62
CA PRO B 638 13.47 -18.58 -4.37
C PRO B 638 14.79 -17.97 -3.97
N THR B 639 15.58 -18.78 -3.29
CA THR B 639 16.95 -18.40 -3.01
C THR B 639 17.75 -18.33 -4.31
N GLY B 640 18.87 -17.62 -4.28
CA GLY B 640 19.65 -17.41 -5.48
C GLY B 640 19.03 -16.44 -6.49
N GLU B 641 18.08 -15.61 -6.07
CA GLU B 641 17.40 -14.72 -7.01
C GLU B 641 16.77 -13.57 -6.24
N SER B 642 16.96 -12.35 -6.74
CA SER B 642 16.34 -11.18 -6.15
C SER B 642 15.27 -10.64 -7.09
N ASN B 643 14.19 -10.15 -6.51
CA ASN B 643 13.05 -9.59 -7.24
C ASN B 643 12.65 -8.30 -6.53
N ALA B 644 12.72 -7.17 -7.24
CA ALA B 644 12.46 -5.86 -6.68
C ALA B 644 11.46 -5.11 -7.52
N LEU B 645 10.44 -4.56 -6.87
CA LEU B 645 9.39 -3.80 -7.53
C LEU B 645 9.59 -2.32 -7.24
N THR B 646 9.52 -1.50 -8.29
CA THR B 646 9.67 -0.06 -8.19
C THR B 646 8.56 0.58 -9.01
N MET B 647 8.49 1.89 -8.93
CA MET B 647 7.56 2.66 -9.73
C MET B 647 8.33 3.86 -10.27
N ARG B 648 8.08 4.21 -11.51
CA ARG B 648 8.81 5.31 -12.12
C ARG B 648 7.86 6.17 -12.96
N GLY B 649 8.31 7.39 -13.26
CA GLY B 649 7.52 8.31 -14.06
C GLY B 649 7.10 7.72 -15.39
N ARG B 650 5.99 8.19 -15.94
CA ARG B 650 5.48 7.66 -17.21
C ARG B 650 6.00 8.44 -18.40
N GLY B 651 6.13 9.75 -18.29
CA GLY B 651 6.44 10.62 -19.42
C GLY B 651 5.94 12.04 -19.15
N VAL B 652 5.31 12.65 -20.15
CA VAL B 652 4.77 14.00 -20.05
C VAL B 652 3.29 13.91 -19.68
N PHE B 653 2.91 14.46 -18.53
CA PHE B 653 1.50 14.61 -18.17
C PHE B 653 0.98 15.96 -18.60
N VAL B 654 -0.21 15.98 -19.19
CA VAL B 654 -0.96 17.22 -19.40
C VAL B 654 -1.89 17.39 -18.21
N ALA B 655 -1.84 18.56 -17.56
CA ALA B 655 -2.67 18.86 -16.40
C ALA B 655 -3.62 20.00 -16.76
N ILE B 656 -4.91 19.76 -16.66
CA ILE B 656 -5.91 20.77 -16.99
C ILE B 656 -6.74 21.05 -15.74
N SER B 657 -6.80 22.31 -15.33
CA SER B 657 -7.29 22.68 -14.04
C SER B 657 -8.48 23.65 -14.14
N PRO B 658 -9.38 23.64 -13.17
CA PRO B 658 -10.57 24.48 -13.24
C PRO B 658 -10.33 25.87 -12.66
N TRP B 659 -11.32 26.75 -12.88
CA TRP B 659 -11.23 28.10 -12.33
C TRP B 659 -11.67 28.18 -10.87
N ASN B 660 -12.36 27.16 -10.35
CA ASN B 660 -12.98 27.28 -9.03
C ASN B 660 -12.05 26.91 -7.87
N PHE B 661 -10.96 26.20 -8.14
CA PHE B 661 -9.85 26.07 -7.20
C PHE B 661 -8.58 26.31 -8.01
N PRO B 662 -8.34 27.56 -8.38
CA PRO B 662 -7.34 27.85 -9.41
C PRO B 662 -5.91 27.72 -8.92
N LEU B 663 -5.72 27.55 -7.62
CA LEU B 663 -4.41 27.36 -7.03
C LEU B 663 -4.21 25.97 -6.49
N ALA B 664 -5.16 25.48 -5.67
CA ALA B 664 -4.98 24.22 -4.96
C ALA B 664 -5.18 23.01 -5.88
N ILE B 665 -6.20 23.02 -6.72
CA ILE B 665 -6.34 21.89 -7.62
C ILE B 665 -5.31 21.99 -8.74
N PHE B 666 -4.98 23.20 -9.17
CA PHE B 666 -3.88 23.38 -10.10
C PHE B 666 -2.59 22.77 -9.56
N LEU B 667 -2.28 23.02 -8.28
CA LEU B 667 -1.03 22.51 -7.71
C LEU B 667 -1.13 21.06 -7.26
N GLY B 668 -2.30 20.60 -6.82
CA GLY B 668 -2.43 19.19 -6.49
C GLY B 668 -2.14 18.30 -7.67
N GLN B 669 -2.77 18.59 -8.81
CA GLN B 669 -2.58 17.82 -10.03
C GLN B 669 -1.14 17.89 -10.52
N VAL B 670 -0.56 19.10 -10.50
CA VAL B 670 0.77 19.32 -11.06
C VAL B 670 1.84 18.69 -10.19
N THR B 671 1.79 18.92 -8.87
CA THR B 671 2.81 18.33 -8.01
C THR B 671 2.64 16.83 -7.87
N ALA B 672 1.44 16.28 -8.06
CA ALA B 672 1.31 14.83 -8.07
C ALA B 672 2.06 14.24 -9.25
N ALA B 673 1.82 14.77 -10.45
CA ALA B 673 2.51 14.28 -11.63
C ALA B 673 4.03 14.45 -11.51
N LEU B 674 4.48 15.64 -11.07
CA LEU B 674 5.91 15.88 -10.84
C LEU B 674 6.49 14.91 -9.81
N MET B 675 5.79 14.72 -8.67
CA MET B 675 6.33 13.86 -7.62
C MET B 675 6.51 12.44 -8.12
N ALA B 676 5.63 11.98 -9.01
CA ALA B 676 5.74 10.64 -9.57
C ALA B 676 6.81 10.55 -10.66
N GLY B 677 7.54 11.62 -10.94
CA GLY B 677 8.63 11.56 -11.89
C GLY B 677 8.27 11.96 -13.30
N ASN B 678 7.10 12.54 -13.52
CA ASN B 678 6.73 13.01 -14.84
C ASN B 678 7.07 14.48 -15.00
N SER B 679 7.45 14.87 -16.23
CA SER B 679 7.37 16.29 -16.54
C SER B 679 5.92 16.65 -16.82
N VAL B 680 5.60 17.94 -16.78
CA VAL B 680 4.21 18.39 -16.83
C VAL B 680 4.05 19.58 -17.77
N VAL B 681 3.04 19.53 -18.64
CA VAL B 681 2.51 20.72 -19.31
C VAL B 681 1.14 21.04 -18.71
N ALA B 682 1.01 22.24 -18.15
CA ALA B 682 -0.16 22.62 -17.38
C ALA B 682 -0.94 23.72 -18.10
N LYS B 683 -2.22 23.47 -18.31
CA LYS B 683 -3.13 24.41 -18.98
C LYS B 683 -4.18 24.84 -17.96
N PRO B 684 -4.10 26.06 -17.43
CA PRO B 684 -5.07 26.48 -16.42
C PRO B 684 -6.36 26.94 -17.09
N ALA B 685 -7.40 27.08 -16.28
CA ALA B 685 -8.67 27.62 -16.76
C ALA B 685 -8.45 28.99 -17.39
N GLU B 686 -9.21 29.27 -18.44
CA GLU B 686 -9.09 30.57 -19.11
C GLU B 686 -9.30 31.74 -18.15
N GLN B 687 -10.21 31.59 -17.17
CA GLN B 687 -10.55 32.72 -16.30
C GLN B 687 -9.48 33.02 -15.24
N THR B 688 -8.58 32.08 -14.95
CA THR B 688 -7.64 32.23 -13.84
C THR B 688 -6.20 31.85 -14.19
N PRO B 689 -5.61 32.48 -15.22
CA PRO B 689 -4.22 32.12 -15.57
C PRO B 689 -3.18 32.79 -14.68
N ARG B 690 -3.48 33.96 -14.10
CA ARG B 690 -2.47 34.70 -13.36
C ARG B 690 -2.05 33.94 -12.10
N ILE B 691 -3.00 33.37 -11.37
CA ILE B 691 -2.62 32.60 -10.20
C ILE B 691 -1.79 31.40 -10.63
N ALA B 692 -2.11 30.83 -11.80
CA ALA B 692 -1.36 29.67 -12.26
C ALA B 692 0.09 30.04 -12.59
N ARG B 693 0.29 31.19 -13.25
CA ARG B 693 1.64 31.68 -13.54
C ARG B 693 2.45 31.84 -12.27
N GLU B 694 1.85 32.45 -11.24
CA GLU B 694 2.57 32.62 -9.98
C GLU B 694 2.92 31.27 -9.37
N ALA B 695 1.97 30.34 -9.42
CA ALA B 695 2.22 29.02 -8.86
C ALA B 695 3.35 28.30 -9.58
N VAL B 696 3.34 28.34 -10.92
CA VAL B 696 4.43 27.73 -11.71
C VAL B 696 5.75 28.40 -11.37
N ALA B 697 5.79 29.73 -11.36
CA ALA B 697 7.01 30.43 -11.00
C ALA B 697 7.49 30.03 -9.61
N LEU B 698 6.55 29.85 -8.67
CA LEU B 698 6.92 29.42 -7.33
C LEU B 698 7.50 28.00 -7.31
N LEU B 699 6.91 27.08 -8.09
CA LEU B 699 7.44 25.73 -8.11
C LEU B 699 8.85 25.68 -8.69
N HIS B 700 9.09 26.45 -9.75
CA HIS B 700 10.45 26.58 -10.29
C HIS B 700 11.40 27.08 -9.21
N GLU B 701 11.03 28.15 -8.52
CA GLU B 701 11.87 28.68 -7.45
C GLU B 701 12.08 27.66 -6.33
N ALA B 702 11.07 26.83 -6.04
CA ALA B 702 11.22 25.81 -5.01
C ALA B 702 12.08 24.64 -5.46
N GLY B 703 12.43 24.55 -6.73
CA GLY B 703 13.35 23.52 -7.17
C GLY B 703 12.88 22.66 -8.31
N ILE B 704 11.69 22.91 -8.85
CA ILE B 704 11.22 22.18 -10.02
C ILE B 704 12.00 22.71 -11.22
N PRO B 705 12.80 21.89 -11.90
CA PRO B 705 13.59 22.41 -13.03
C PRO B 705 12.71 23.03 -14.11
N LYS B 706 13.30 24.00 -14.81
CA LYS B 706 12.59 24.66 -15.91
C LYS B 706 12.14 23.63 -16.95
N SER B 707 12.95 22.60 -17.22
CA SER B 707 12.62 21.60 -18.22
C SER B 707 11.54 20.62 -17.77
N ALA B 708 11.15 20.63 -16.50
CA ALA B 708 10.18 19.65 -16.01
C ALA B 708 8.76 20.19 -15.92
N LEU B 709 8.54 21.48 -16.12
CA LEU B 709 7.22 22.05 -15.90
C LEU B 709 7.03 23.24 -16.84
N TYR B 710 5.97 23.20 -17.66
CA TYR B 710 5.65 24.26 -18.60
C TYR B 710 4.19 24.67 -18.46
N LEU B 711 3.93 25.97 -18.52
CA LEU B 711 2.57 26.51 -18.46
C LEU B 711 2.16 26.95 -19.85
N VAL B 712 0.97 26.53 -20.28
CA VAL B 712 0.40 26.89 -21.58
C VAL B 712 -0.99 27.44 -21.30
N THR B 713 -1.21 28.72 -21.62
CA THR B 713 -2.50 29.35 -21.36
C THR B 713 -3.27 29.53 -22.67
N GLY B 714 -4.59 29.51 -22.57
CA GLY B 714 -5.42 29.70 -23.74
C GLY B 714 -6.74 28.96 -23.63
N ASP B 715 -7.38 28.81 -24.79
CA ASP B 715 -8.74 28.32 -24.92
C ASP B 715 -8.82 26.79 -24.80
N GLY B 716 -10.03 26.26 -24.95
CA GLY B 716 -10.24 24.83 -25.00
C GLY B 716 -9.66 24.16 -26.22
N ARG B 717 -9.43 24.92 -27.29
CA ARG B 717 -8.73 24.38 -28.44
C ARG B 717 -7.26 24.15 -28.15
N ILE B 718 -6.68 24.95 -27.26
CA ILE B 718 -5.30 24.74 -26.84
C ILE B 718 -5.22 23.56 -25.89
N GLY B 719 -6.23 23.44 -25.02
CA GLY B 719 -6.33 22.24 -24.20
C GLY B 719 -6.50 20.99 -25.04
N ALA B 720 -7.27 21.10 -26.13
CA ALA B 720 -7.44 19.96 -27.02
C ALA B 720 -6.15 19.59 -27.73
N ALA B 721 -5.40 20.59 -28.20
CA ALA B 721 -4.13 20.30 -28.87
C ALA B 721 -3.16 19.57 -27.93
N LEU B 722 -3.13 19.97 -26.65
CA LEU B 722 -2.25 19.30 -25.70
C LEU B 722 -2.64 17.85 -25.48
N THR B 723 -3.95 17.58 -25.28
CA THR B 723 -4.36 16.21 -25.00
C THR B 723 -4.37 15.33 -26.24
N ALA B 724 -4.43 15.93 -27.43
CA ALA B 724 -4.31 15.17 -28.66
C ALA B 724 -2.86 14.90 -29.08
N HIS B 725 -1.89 15.55 -28.44
CA HIS B 725 -0.49 15.40 -28.83
C HIS B 725 -0.01 13.97 -28.65
N PRO B 726 0.57 13.34 -29.69
CA PRO B 726 0.90 11.89 -29.59
C PRO B 726 2.03 11.55 -28.63
N ASP B 727 2.76 12.52 -28.07
CA ASP B 727 3.90 12.22 -27.20
C ASP B 727 3.59 12.29 -25.72
N ILE B 728 2.39 12.67 -25.32
CA ILE B 728 2.11 12.79 -23.90
C ILE B 728 1.80 11.42 -23.32
N ALA B 729 2.06 11.25 -22.03
CA ALA B 729 1.90 9.95 -21.39
C ALA B 729 0.70 9.88 -20.45
N GLY B 730 -0.10 10.92 -20.37
CA GLY B 730 -1.28 10.89 -19.53
C GLY B 730 -1.88 12.26 -19.40
N VAL B 731 -3.12 12.27 -18.90
CA VAL B 731 -3.88 13.50 -18.70
C VAL B 731 -4.49 13.45 -17.30
N VAL B 732 -4.32 14.53 -16.56
CA VAL B 732 -5.00 14.73 -15.29
C VAL B 732 -5.88 15.98 -15.47
N PHE B 733 -7.19 15.81 -15.26
CA PHE B 733 -8.20 16.77 -15.66
C PHE B 733 -9.27 16.92 -14.58
N THR B 734 -9.62 18.16 -14.27
CA THR B 734 -10.73 18.44 -13.36
C THR B 734 -11.62 19.49 -14.02
N GLY B 735 -12.87 19.12 -14.28
CA GLY B 735 -13.78 19.99 -14.99
C GLY B 735 -15.09 19.32 -15.33
N SER B 736 -15.64 19.61 -16.49
CA SER B 736 -16.98 19.15 -16.82
C SER B 736 -16.94 17.75 -17.42
N THR B 737 -18.04 17.02 -17.24
CA THR B 737 -18.15 15.68 -17.79
C THR B 737 -17.91 15.69 -19.30
N GLU B 738 -18.49 16.67 -19.99
CA GLU B 738 -18.46 16.68 -21.45
C GLU B 738 -17.04 16.81 -21.96
N VAL B 739 -16.25 17.68 -21.35
CA VAL B 739 -14.88 17.87 -21.80
C VAL B 739 -14.02 16.65 -21.49
N ALA B 740 -14.26 16.00 -20.32
CA ALA B 740 -13.53 14.79 -19.99
C ALA B 740 -13.81 13.68 -21.01
N ARG B 741 -15.06 13.55 -21.46
CA ARG B 741 -15.36 12.55 -22.47
C ARG B 741 -14.63 12.84 -23.77
N SER B 742 -14.62 14.11 -24.20
CA SER B 742 -13.96 14.40 -25.47
C SER B 742 -12.45 14.19 -25.37
N ILE B 743 -11.84 14.55 -24.24
CA ILE B 743 -10.43 14.19 -23.99
C ILE B 743 -10.27 12.68 -24.08
N ASN B 744 -11.10 11.93 -23.34
CA ASN B 744 -11.01 10.47 -23.35
C ASN B 744 -11.10 9.91 -24.77
N ARG B 745 -11.98 10.48 -25.61
CA ARG B 745 -12.12 10.05 -27.00
C ARG B 745 -10.89 10.41 -27.83
N ALA B 746 -10.33 11.60 -27.62
CA ALA B 746 -9.12 11.97 -28.33
C ALA B 746 -7.96 11.07 -27.93
N LEU B 747 -7.90 10.62 -26.68
CA LEU B 747 -6.88 9.64 -26.28
C LEU B 747 -7.13 8.30 -26.94
N ALA B 748 -8.38 7.82 -26.90
CA ALA B 748 -8.63 6.49 -27.46
C ALA B 748 -8.43 6.48 -28.97
N ALA B 749 -8.60 7.64 -29.62
CA ALA B 749 -8.47 7.69 -31.08
C ALA B 749 -7.02 7.52 -31.53
N LYS B 750 -6.05 7.85 -30.68
CA LYS B 750 -4.64 7.73 -31.07
C LYS B 750 -4.27 6.27 -31.36
N ASP B 751 -3.26 6.08 -32.22
CA ASP B 751 -2.71 4.75 -32.44
C ASP B 751 -1.62 4.37 -31.44
N GLY B 752 -1.13 5.30 -30.65
CA GLY B 752 -0.07 5.02 -29.72
C GLY B 752 -0.53 4.25 -28.49
N PRO B 753 0.24 4.37 -27.40
CA PRO B 753 -0.14 3.69 -26.16
C PRO B 753 -1.46 4.21 -25.58
N ILE B 754 -2.16 3.31 -24.91
CA ILE B 754 -3.33 3.64 -24.09
C ILE B 754 -2.78 4.26 -22.81
N VAL B 755 -3.02 5.56 -22.63
CA VAL B 755 -2.44 6.29 -21.49
C VAL B 755 -3.49 6.55 -20.42
N PRO B 756 -3.11 6.82 -19.17
CA PRO B 756 -4.11 7.04 -18.12
C PRO B 756 -4.82 8.38 -18.27
N LEU B 757 -6.12 8.39 -17.97
CA LEU B 757 -6.86 9.64 -17.79
C LEU B 757 -7.37 9.69 -16.36
N ILE B 758 -6.99 10.73 -15.64
CA ILE B 758 -7.48 10.96 -14.28
C ILE B 758 -8.43 12.15 -14.34
N ALA B 759 -9.71 11.91 -14.04
CA ALA B 759 -10.74 12.92 -14.23
C ALA B 759 -11.63 13.02 -13.00
N GLU B 760 -11.86 14.24 -12.53
CA GLU B 760 -12.89 14.52 -11.54
C GLU B 760 -13.89 15.47 -12.19
N THR B 761 -15.16 15.05 -12.25
CA THR B 761 -16.11 15.76 -13.11
C THR B 761 -17.39 16.16 -12.38
N GLY B 762 -17.32 16.50 -11.10
CA GLY B 762 -18.48 17.08 -10.43
C GLY B 762 -19.50 16.06 -9.96
N GLY B 763 -20.69 16.57 -9.64
CA GLY B 763 -21.78 15.71 -9.17
C GLY B 763 -23.09 16.45 -9.04
N ILE B 764 -24.16 15.68 -8.88
CA ILE B 764 -25.43 16.23 -8.41
C ILE B 764 -25.60 15.68 -7.00
N ASN B 765 -25.03 16.38 -6.03
CA ASN B 765 -24.77 15.79 -4.72
C ASN B 765 -25.98 15.97 -3.82
N ALA B 766 -26.40 14.88 -3.18
CA ALA B 766 -27.59 14.88 -2.36
C ALA B 766 -27.23 14.96 -0.88
N MET B 767 -28.22 15.31 -0.07
CA MET B 767 -28.14 15.17 1.37
C MET B 767 -29.45 14.56 1.83
N ILE B 768 -29.38 13.63 2.79
CA ILE B 768 -30.57 13.02 3.38
C ILE B 768 -30.63 13.42 4.84
N ALA B 769 -31.71 14.07 5.25
CA ALA B 769 -31.93 14.49 6.63
C ALA B 769 -33.22 13.87 7.14
N ASP B 770 -33.14 13.09 8.22
CA ASP B 770 -34.34 12.52 8.79
C ASP B 770 -34.74 13.33 10.01
N ALA B 771 -35.86 12.94 10.64
CA ALA B 771 -36.42 13.74 11.72
C ALA B 771 -35.68 13.57 13.05
N THR B 772 -34.66 12.72 13.12
CA THR B 772 -33.85 12.67 14.32
C THR B 772 -32.72 13.68 14.29
N ALA B 773 -32.46 14.30 13.14
CA ALA B 773 -31.41 15.29 13.06
C ALA B 773 -31.84 16.60 13.71
N LEU B 774 -30.88 17.31 14.26
CA LEU B 774 -31.11 18.63 14.81
C LEU B 774 -31.38 19.62 13.68
N PRO B 775 -32.59 20.17 13.56
CA PRO B 775 -32.89 21.03 12.39
C PRO B 775 -31.96 22.24 12.25
N GLU B 776 -31.45 22.80 13.35
CA GLU B 776 -30.56 23.93 13.20
C GLU B 776 -29.16 23.51 12.75
N GLN B 777 -28.78 22.24 12.95
CA GLN B 777 -27.51 21.77 12.40
C GLN B 777 -27.63 21.41 10.93
N VAL B 778 -28.75 20.78 10.54
CA VAL B 778 -29.04 20.56 9.13
C VAL B 778 -29.02 21.88 8.39
N ALA B 779 -29.67 22.91 8.97
CA ALA B 779 -29.77 24.20 8.31
C ALA B 779 -28.38 24.80 8.08
N ASP B 780 -27.56 24.84 9.15
CA ASP B 780 -26.19 25.33 9.02
C ASP B 780 -25.46 24.58 7.91
N ASP B 781 -25.54 23.25 7.93
CA ASP B 781 -24.75 22.47 7.01
C ASP B 781 -25.29 22.55 5.60
N VAL B 782 -26.62 22.71 5.45
CA VAL B 782 -27.18 22.86 4.13
C VAL B 782 -26.80 24.21 3.55
N VAL B 783 -26.85 25.26 4.37
CA VAL B 783 -26.50 26.60 3.90
C VAL B 783 -25.04 26.64 3.47
N THR B 784 -24.16 26.07 4.29
CA THR B 784 -22.74 26.01 3.95
C THR B 784 -22.50 25.20 2.68
N SER B 785 -23.03 23.97 2.65
CA SER B 785 -22.72 23.08 1.54
C SER B 785 -23.27 23.60 0.22
N ALA B 786 -24.40 24.31 0.23
CA ALA B 786 -25.02 24.70 -1.04
C ALA B 786 -24.60 26.08 -1.51
N PHE B 787 -24.25 26.99 -0.59
CA PHE B 787 -24.10 28.41 -0.95
C PHE B 787 -22.71 28.98 -0.68
N ARG B 788 -21.91 28.39 0.21
CA ARG B 788 -20.52 28.80 0.33
C ARG B 788 -19.83 28.75 -1.04
N SER B 789 -19.02 29.77 -1.31
CA SER B 789 -18.35 29.93 -2.61
C SER B 789 -19.36 30.06 -3.75
N ALA B 790 -20.54 30.62 -3.45
CA ALA B 790 -21.62 30.78 -4.43
C ALA B 790 -21.94 29.44 -5.11
N GLY B 791 -21.83 28.35 -4.35
CA GLY B 791 -22.09 27.04 -4.90
C GLY B 791 -21.11 26.59 -5.96
N GLN B 792 -20.00 27.29 -6.10
CA GLN B 792 -19.00 27.01 -7.13
C GLN B 792 -17.95 26.01 -6.61
N ARG B 793 -18.45 24.83 -6.27
CA ARG B 793 -17.65 23.71 -5.76
C ARG B 793 -18.21 22.41 -6.32
N ALA B 794 -17.32 21.50 -6.72
CA ALA B 794 -17.79 20.22 -7.24
C ALA B 794 -18.52 19.42 -6.17
N SER B 795 -18.17 19.65 -4.91
CA SER B 795 -18.70 18.97 -3.74
C SER B 795 -20.04 19.53 -3.24
N ALA B 796 -20.51 20.65 -3.79
CA ALA B 796 -21.59 21.40 -3.16
C ALA B 796 -22.90 20.61 -3.15
N LEU B 797 -23.70 20.86 -2.12
CA LEU B 797 -25.03 20.27 -2.03
C LEU B 797 -25.96 20.84 -3.11
N ARG B 798 -26.54 19.96 -3.93
CA ARG B 798 -27.51 20.36 -4.96
C ARG B 798 -28.93 19.91 -4.66
N LEU B 799 -29.10 18.81 -3.93
CA LEU B 799 -30.40 18.17 -3.78
C LEU B 799 -30.57 17.72 -2.34
N LEU B 800 -31.44 18.38 -1.58
CA LEU B 800 -31.71 18.02 -0.19
C LEU B 800 -32.96 17.16 -0.12
N PHE B 801 -32.84 15.95 0.43
CA PHE B 801 -33.99 15.14 0.80
C PHE B 801 -34.25 15.31 2.30
N VAL B 802 -35.48 15.68 2.66
CA VAL B 802 -35.84 15.92 4.06
C VAL B 802 -37.15 15.21 4.37
N GLN B 803 -37.20 14.47 5.48
CA GLN B 803 -38.40 13.74 5.85
C GLN B 803 -39.55 14.73 6.07
N GLU B 804 -40.75 14.33 5.59
CA GLU B 804 -41.88 15.26 5.54
C GLU B 804 -42.27 15.78 6.92
N ASP B 805 -42.10 14.99 7.98
CA ASP B 805 -42.53 15.48 9.29
C ASP B 805 -41.73 16.70 9.75
N VAL B 806 -40.53 16.92 9.22
CA VAL B 806 -39.72 18.07 9.61
C VAL B 806 -39.41 18.98 8.43
N ALA B 807 -39.99 18.71 7.26
CA ALA B 807 -39.61 19.44 6.05
C ALA B 807 -39.93 20.92 6.18
N ASP B 808 -41.13 21.28 6.68
CA ASP B 808 -41.50 22.69 6.78
C ASP B 808 -40.49 23.46 7.62
N ARG B 809 -40.18 22.95 8.81
CA ARG B 809 -39.26 23.68 9.69
C ARG B 809 -37.87 23.76 9.08
N MET B 810 -37.38 22.66 8.49
CA MET B 810 -36.02 22.66 7.95
C MET B 810 -35.88 23.61 6.75
N ILE B 811 -36.85 23.60 5.82
CA ILE B 811 -36.75 24.46 4.64
C ILE B 811 -36.81 25.93 5.03
N GLU B 812 -37.76 26.27 5.91
CA GLU B 812 -37.91 27.63 6.39
C GLU B 812 -36.67 28.12 7.13
N MET B 813 -36.00 27.24 7.88
CA MET B 813 -34.78 27.67 8.56
C MET B 813 -33.63 27.85 7.58
N VAL B 814 -33.53 26.99 6.56
CA VAL B 814 -32.51 27.18 5.52
C VAL B 814 -32.75 28.49 4.78
N ALA B 815 -34.01 28.79 4.46
CA ALA B 815 -34.34 30.03 3.74
C ALA B 815 -34.01 31.26 4.57
N GLY B 816 -34.41 31.25 5.85
CA GLY B 816 -34.10 32.39 6.69
C GLY B 816 -32.61 32.57 6.91
N ALA B 817 -31.89 31.46 7.04
CA ALA B 817 -30.45 31.54 7.17
C ALA B 817 -29.79 31.99 5.87
N ALA B 818 -30.26 31.46 4.74
CA ALA B 818 -29.72 31.88 3.45
C ALA B 818 -29.95 33.37 3.22
N ARG B 819 -31.06 33.89 3.72
CA ARG B 819 -31.35 35.31 3.57
C ARG B 819 -30.36 36.19 4.34
N GLU B 820 -29.74 35.67 5.41
CA GLU B 820 -28.81 36.51 6.16
C GLU B 820 -27.40 36.51 5.58
N LEU B 821 -27.15 35.78 4.48
CA LEU B 821 -25.85 35.79 3.86
C LEU B 821 -25.61 37.11 3.15
N LYS B 822 -24.49 37.77 3.47
CA LYS B 822 -24.11 39.00 2.80
C LYS B 822 -23.43 38.67 1.48
N ILE B 823 -24.00 39.17 0.38
CA ILE B 823 -23.49 39.01 -0.97
C ILE B 823 -22.83 40.33 -1.37
N GLY B 824 -21.60 40.27 -1.88
CA GLY B 824 -20.96 41.50 -2.30
C GLY B 824 -19.49 41.28 -2.60
N ASP B 825 -18.75 42.38 -2.58
CA ASP B 825 -17.33 42.39 -2.89
C ASP B 825 -16.62 41.39 -1.99
N PRO B 826 -15.93 40.40 -2.56
CA PRO B 826 -15.27 39.38 -1.70
C PRO B 826 -14.16 39.95 -0.82
N SER B 827 -13.61 41.13 -1.14
CA SER B 827 -12.59 41.72 -0.28
C SER B 827 -13.17 42.31 1.00
N ASP B 828 -14.46 42.64 1.03
CA ASP B 828 -15.08 43.11 2.25
C ASP B 828 -15.17 41.97 3.26
N VAL B 829 -14.72 42.24 4.49
CA VAL B 829 -14.63 41.20 5.52
C VAL B 829 -15.98 40.56 5.81
N ALA B 830 -17.08 41.30 5.63
CA ALA B 830 -18.42 40.83 5.98
C ALA B 830 -19.09 39.98 4.89
N THR B 831 -18.45 39.82 3.73
CA THR B 831 -19.10 39.11 2.62
C THR B 831 -19.11 37.61 2.88
N HIS B 832 -20.28 37.01 2.66
CA HIS B 832 -20.42 35.55 2.69
C HIS B 832 -20.48 34.93 1.30
N VAL B 833 -20.99 35.64 0.30
CA VAL B 833 -21.22 35.11 -1.04
C VAL B 833 -20.65 36.10 -2.04
N GLY B 834 -19.53 35.71 -2.69
CA GLY B 834 -18.94 36.52 -3.73
C GLY B 834 -19.62 36.34 -5.07
N PRO B 835 -19.08 37.01 -6.09
CA PRO B 835 -19.66 36.90 -7.43
C PRO B 835 -19.33 35.54 -8.03
N VAL B 836 -20.13 35.14 -9.02
CA VAL B 836 -19.81 33.95 -9.80
C VAL B 836 -18.71 34.32 -10.79
N ILE B 837 -18.05 33.32 -11.40
CA ILE B 837 -16.74 33.55 -12.02
C ILE B 837 -16.84 34.57 -13.15
N ASP B 838 -17.88 34.51 -13.98
CA ASP B 838 -17.98 35.46 -15.08
C ASP B 838 -19.42 35.57 -15.57
N VAL B 839 -19.59 36.45 -16.55
CA VAL B 839 -20.91 36.77 -17.10
C VAL B 839 -21.57 35.55 -17.71
N GLU B 840 -20.78 34.67 -18.32
CA GLU B 840 -21.34 33.48 -18.95
C GLU B 840 -21.84 32.50 -17.93
N ALA B 841 -21.11 32.32 -16.84
CA ALA B 841 -21.59 31.45 -15.79
C ALA B 841 -22.91 32.00 -15.22
N LYS B 842 -22.94 33.31 -14.92
CA LYS B 842 -24.17 33.90 -14.36
C LYS B 842 -25.37 33.71 -15.29
N GLN B 843 -25.14 33.84 -16.60
CA GLN B 843 -26.20 33.63 -17.59
C GLN B 843 -26.71 32.18 -17.56
N ARG B 844 -25.80 31.22 -17.44
CA ARG B 844 -26.24 29.84 -17.33
C ARG B 844 -27.07 29.63 -16.07
N LEU B 845 -26.65 30.22 -14.96
CA LEU B 845 -27.36 30.04 -13.69
C LEU B 845 -28.74 30.71 -13.73
N ASP B 846 -28.80 31.93 -14.27
CA ASP B 846 -30.09 32.62 -14.34
C ASP B 846 -31.05 31.91 -15.29
N ALA B 847 -30.53 31.25 -16.33
CA ALA B 847 -31.41 30.48 -17.19
C ALA B 847 -32.05 29.33 -16.42
N HIS B 848 -31.26 28.61 -15.61
CA HIS B 848 -31.80 27.50 -14.81
C HIS B 848 -32.75 28.02 -13.74
N ILE B 849 -32.46 29.18 -13.15
CA ILE B 849 -33.36 29.77 -12.16
C ILE B 849 -34.71 30.08 -12.79
N ALA B 850 -34.70 30.73 -13.97
CA ALA B 850 -35.95 31.07 -14.66
C ALA B 850 -36.74 29.81 -15.01
N ARG B 851 -36.04 28.74 -15.42
CA ARG B 851 -36.72 27.50 -15.74
C ARG B 851 -37.32 26.85 -14.49
N MET B 852 -36.58 26.85 -13.37
CA MET B 852 -37.11 26.24 -12.16
C MET B 852 -38.33 27.00 -11.63
N LYS B 853 -38.35 28.33 -11.80
CA LYS B 853 -39.52 29.10 -11.38
C LYS B 853 -40.79 28.64 -12.10
N THR B 854 -40.70 28.24 -13.36
CA THR B 854 -41.91 27.79 -14.03
C THR B 854 -42.22 26.32 -13.78
N GLU B 855 -41.24 25.55 -13.28
CA GLU B 855 -41.37 24.10 -13.20
C GLU B 855 -41.54 23.57 -11.78
N ALA B 856 -41.14 24.32 -10.76
CA ALA B 856 -41.07 23.77 -9.41
C ALA B 856 -41.36 24.87 -8.39
N ARG B 857 -41.68 24.43 -7.18
CA ARG B 857 -42.01 25.35 -6.10
C ARG B 857 -40.80 26.19 -5.70
N LEU B 858 -41.00 27.49 -5.56
CA LEU B 858 -39.95 28.39 -5.11
C LEU B 858 -40.10 28.69 -3.63
N HIS B 859 -39.01 28.52 -2.87
CA HIS B 859 -38.98 28.86 -1.45
C HIS B 859 -38.18 30.11 -1.15
N PHE B 860 -37.18 30.43 -1.94
CA PHE B 860 -36.37 31.61 -1.66
C PHE B 860 -35.65 32.02 -2.93
N ALA B 861 -35.66 33.32 -3.21
CA ALA B 861 -34.87 33.90 -4.28
C ALA B 861 -34.33 35.19 -3.70
N GLY B 862 -33.10 35.16 -3.25
CA GLY B 862 -32.52 36.27 -2.55
C GLY B 862 -32.20 37.42 -3.47
N PRO B 863 -31.93 38.58 -2.90
CA PRO B 863 -31.61 39.76 -3.70
C PRO B 863 -30.14 39.84 -4.06
N ALA B 864 -29.85 39.86 -5.34
CA ALA B 864 -28.47 39.96 -5.79
C ALA B 864 -28.09 41.42 -6.00
N PRO B 865 -26.93 41.86 -5.51
CA PRO B 865 -26.49 43.23 -5.81
C PRO B 865 -26.18 43.38 -7.28
N GLU B 866 -26.09 44.63 -7.72
CA GLU B 866 -25.69 44.90 -9.11
C GLU B 866 -24.35 44.26 -9.40
N GLY B 867 -24.25 43.60 -10.54
CA GLY B 867 -23.00 43.02 -10.96
C GLY B 867 -23.06 41.54 -11.23
N CYS B 868 -21.90 40.89 -11.21
CA CYS B 868 -21.81 39.50 -11.63
C CYS B 868 -22.16 38.53 -10.49
N PHE B 869 -23.39 38.68 -9.97
CA PHE B 869 -23.83 37.94 -8.79
C PHE B 869 -25.06 37.08 -9.06
N VAL B 870 -25.07 35.90 -8.47
CA VAL B 870 -26.28 35.10 -8.31
C VAL B 870 -26.46 34.82 -6.82
N ALA B 871 -27.63 35.10 -6.32
CA ALA B 871 -27.96 34.95 -4.91
C ALA B 871 -28.40 33.52 -4.60
N PRO B 872 -28.31 33.09 -3.35
CA PRO B 872 -28.89 31.80 -2.97
C PRO B 872 -30.34 31.67 -3.44
N HIS B 873 -30.67 30.50 -3.98
CA HIS B 873 -32.03 30.16 -4.38
C HIS B 873 -32.39 28.81 -3.78
N ILE B 874 -33.67 28.63 -3.45
CA ILE B 874 -34.17 27.35 -2.94
C ILE B 874 -35.43 26.97 -3.71
N PHE B 875 -35.38 25.82 -4.38
CA PHE B 875 -36.53 25.28 -5.08
C PHE B 875 -36.89 23.92 -4.50
N GLU B 876 -38.19 23.64 -4.45
CA GLU B 876 -38.66 22.34 -4.03
C GLU B 876 -39.20 21.63 -5.26
N LEU B 877 -38.82 20.38 -5.43
CA LEU B 877 -39.24 19.60 -6.56
C LEU B 877 -40.28 18.59 -6.12
N THR B 878 -41.13 18.20 -7.06
CA THR B 878 -42.04 17.09 -6.82
C THR B 878 -41.28 15.77 -6.79
N GLU B 879 -40.28 15.61 -7.67
CA GLU B 879 -39.43 14.43 -7.72
C GLU B 879 -38.00 14.84 -8.04
N ALA B 880 -37.04 14.05 -7.52
CA ALA B 880 -35.63 14.30 -7.77
C ALA B 880 -35.33 14.38 -9.27
N GLY B 881 -35.97 13.52 -10.06
CA GLY B 881 -35.88 13.53 -11.52
C GLY B 881 -36.09 14.87 -12.20
N GLN B 882 -36.66 15.87 -11.50
CA GLN B 882 -36.77 17.19 -12.12
C GLN B 882 -35.44 17.92 -12.19
N LEU B 883 -34.41 17.46 -11.47
CA LEU B 883 -33.08 18.05 -11.47
C LEU B 883 -32.19 17.14 -12.30
N THR B 884 -31.81 17.57 -13.50
CA THR B 884 -31.09 16.71 -14.43
C THR B 884 -29.66 17.17 -14.71
N GLU B 885 -29.21 18.29 -14.18
CA GLU B 885 -27.88 18.78 -14.46
C GLU B 885 -27.21 19.23 -13.18
N GLU B 886 -25.89 19.12 -13.15
CA GLU B 886 -25.10 19.86 -12.19
C GLU B 886 -25.21 21.34 -12.53
N VAL B 887 -25.74 22.15 -11.63
CA VAL B 887 -25.85 23.59 -11.85
C VAL B 887 -24.90 24.25 -10.87
N PHE B 888 -23.86 24.87 -11.41
CA PHE B 888 -22.65 25.21 -10.65
C PHE B 888 -22.78 26.60 -10.04
N GLY B 889 -23.73 26.72 -9.10
CA GLY B 889 -24.04 27.98 -8.46
C GLY B 889 -24.84 27.79 -7.18
N PRO B 890 -25.22 28.90 -6.53
CA PRO B 890 -25.85 28.80 -5.19
C PRO B 890 -27.34 28.48 -5.26
N ILE B 891 -27.68 27.31 -5.79
CA ILE B 891 -29.06 26.95 -6.12
C ILE B 891 -29.37 25.59 -5.51
N LEU B 892 -30.12 25.59 -4.40
CA LEU B 892 -30.49 24.36 -3.71
C LEU B 892 -31.84 23.85 -4.20
N HIS B 893 -31.94 22.54 -4.37
CA HIS B 893 -33.18 21.89 -4.71
C HIS B 893 -33.56 20.95 -3.56
N VAL B 894 -34.87 20.90 -3.21
CA VAL B 894 -35.33 20.13 -2.06
C VAL B 894 -36.50 19.23 -2.45
N VAL B 895 -36.44 17.97 -2.05
CA VAL B 895 -37.51 17.00 -2.18
C VAL B 895 -37.88 16.55 -0.77
N ARG B 896 -39.16 16.61 -0.41
CA ARG B 896 -39.57 16.03 0.86
C ARG B 896 -40.12 14.63 0.62
N TYR B 897 -39.89 13.73 1.58
CA TYR B 897 -40.19 12.33 1.36
C TYR B 897 -40.76 11.73 2.65
N ARG B 898 -41.50 10.61 2.49
CA ARG B 898 -42.06 9.78 3.55
C ARG B 898 -41.03 8.77 4.04
N PRO B 899 -40.93 8.54 5.35
CA PRO B 899 -39.88 7.64 5.88
C PRO B 899 -39.89 6.24 5.28
N GLU B 900 -41.06 5.68 4.96
CA GLU B 900 -41.13 4.37 4.35
C GLU B 900 -40.60 4.37 2.90
N ASN B 901 -40.31 5.54 2.32
CA ASN B 901 -39.86 5.67 0.94
C ASN B 901 -38.38 6.02 0.84
N LEU B 902 -37.55 5.62 1.81
CA LEU B 902 -36.12 5.90 1.69
C LEU B 902 -35.52 5.17 0.49
N GLU B 903 -36.13 4.04 0.09
CA GLU B 903 -35.66 3.30 -1.08
C GLU B 903 -35.83 4.13 -2.35
N ARG B 904 -36.95 4.83 -2.47
CA ARG B 904 -37.17 5.71 -3.61
C ARG B 904 -36.17 6.88 -3.62
N VAL B 905 -35.74 7.35 -2.44
CA VAL B 905 -34.71 8.38 -2.36
C VAL B 905 -33.38 7.85 -2.87
N LEU B 906 -33.01 6.65 -2.43
CA LEU B 906 -31.73 6.09 -2.82
C LEU B 906 -31.70 5.75 -4.30
N ARG B 907 -32.81 5.28 -4.86
CA ARG B 907 -32.90 5.06 -6.29
C ARG B 907 -32.79 6.36 -7.07
N ALA B 908 -33.39 7.43 -6.55
CA ALA B 908 -33.24 8.73 -7.22
C ALA B 908 -31.79 9.17 -7.23
N ILE B 909 -31.07 8.93 -6.12
CA ILE B 909 -29.68 9.35 -6.07
C ILE B 909 -28.84 8.51 -7.03
N GLU B 910 -29.11 7.19 -7.10
CA GLU B 910 -28.41 6.36 -8.07
C GLU B 910 -28.71 6.77 -9.51
N ARG B 911 -29.93 7.25 -9.76
CA ARG B 911 -30.39 7.50 -11.12
C ARG B 911 -29.64 8.65 -11.80
N THR B 912 -29.10 9.62 -11.06
CA THR B 912 -28.41 10.71 -11.75
C THR B 912 -27.14 10.21 -12.47
N GLY B 913 -26.56 9.11 -12.01
CA GLY B 913 -25.30 8.63 -12.53
C GLY B 913 -24.07 9.24 -11.88
N TYR B 914 -24.23 10.29 -11.08
CA TYR B 914 -23.13 10.92 -10.39
C TYR B 914 -22.85 10.22 -9.05
N GLY B 915 -21.71 10.52 -8.47
CA GLY B 915 -21.36 9.95 -7.17
C GLY B 915 -20.16 10.59 -6.50
N LEU B 916 -20.26 11.89 -6.20
CA LEU B 916 -19.11 12.58 -5.64
C LEU B 916 -19.27 12.72 -4.12
N THR B 917 -20.13 13.63 -3.66
CA THR B 917 -20.40 13.74 -2.24
C THR B 917 -21.86 13.41 -1.92
N LEU B 918 -22.08 13.07 -0.65
CA LEU B 918 -23.38 12.71 -0.12
C LEU B 918 -23.39 13.07 1.35
N GLY B 919 -24.37 13.86 1.78
CA GLY B 919 -24.55 14.21 3.18
C GLY B 919 -25.65 13.35 3.80
N VAL B 920 -25.44 12.95 5.06
CA VAL B 920 -26.43 12.19 5.81
C VAL B 920 -26.54 12.83 7.19
N HIS B 921 -27.73 13.30 7.54
CA HIS B 921 -28.00 13.87 8.86
C HIS B 921 -29.02 12.97 9.56
N SER B 922 -28.58 12.34 10.63
CA SER B 922 -29.40 11.37 11.34
C SER B 922 -28.70 10.99 12.63
N ARG B 923 -29.50 10.81 13.68
CA ARG B 923 -29.01 10.28 14.93
C ARG B 923 -28.86 8.77 14.89
N ILE B 924 -29.51 8.12 13.92
CA ILE B 924 -29.73 6.67 13.95
C ILE B 924 -28.60 5.98 13.19
N ASP B 925 -27.72 5.30 13.94
CA ASP B 925 -26.59 4.65 13.28
C ASP B 925 -27.03 3.61 12.25
N ASP B 926 -28.11 2.86 12.52
CA ASP B 926 -28.56 1.86 11.56
C ASP B 926 -29.02 2.49 10.25
N SER B 927 -29.65 3.67 10.31
CA SER B 927 -30.04 4.34 9.08
C SER B 927 -28.81 4.80 8.31
N ILE B 928 -27.90 5.47 9.01
CA ILE B 928 -26.65 5.93 8.40
C ILE B 928 -25.94 4.78 7.70
N GLU B 929 -25.85 3.63 8.37
CA GLU B 929 -25.13 2.50 7.81
C GLU B 929 -25.86 1.92 6.61
N ALA B 930 -27.19 1.81 6.68
CA ALA B 930 -27.96 1.32 5.55
C ALA B 930 -27.75 2.19 4.30
N ILE B 931 -27.62 3.51 4.49
CA ILE B 931 -27.40 4.40 3.35
C ILE B 931 -25.99 4.19 2.79
N ILE B 932 -24.99 4.12 3.68
CA ILE B 932 -23.61 3.93 3.25
C ILE B 932 -23.46 2.63 2.49
N ASP B 933 -24.11 1.57 2.96
CA ASP B 933 -24.02 0.27 2.32
C ASP B 933 -24.62 0.30 0.92
N ARG B 934 -25.65 1.12 0.71
CA ARG B 934 -26.40 1.10 -0.54
C ARG B 934 -25.76 1.94 -1.64
N VAL B 935 -25.26 3.15 -1.32
CA VAL B 935 -24.79 4.08 -2.33
C VAL B 935 -23.32 3.81 -2.66
N GLN B 936 -22.88 4.30 -3.81
CA GLN B 936 -21.49 4.14 -4.23
C GLN B 936 -20.68 5.43 -4.13
N VAL B 937 -21.32 6.51 -3.71
CA VAL B 937 -20.74 7.85 -3.67
C VAL B 937 -19.36 7.88 -3.01
N GLY B 938 -18.46 8.71 -3.57
CA GLY B 938 -17.07 8.68 -3.16
C GLY B 938 -16.81 9.27 -1.78
N ASN B 939 -17.56 10.31 -1.40
CA ASN B 939 -17.33 10.99 -0.13
C ASN B 939 -18.67 11.15 0.59
N ILE B 940 -18.81 10.43 1.70
CA ILE B 940 -20.02 10.44 2.51
C ILE B 940 -19.69 11.20 3.79
N TYR B 941 -20.45 12.25 4.06
CA TYR B 941 -20.28 13.13 5.22
C TYR B 941 -21.51 12.98 6.11
N VAL B 942 -21.29 12.56 7.34
CA VAL B 942 -22.38 12.23 8.26
C VAL B 942 -22.45 13.31 9.33
N ASN B 943 -23.56 14.03 9.39
CA ASN B 943 -23.84 15.01 10.44
C ASN B 943 -22.85 16.17 10.45
N ARG B 944 -22.41 16.58 9.26
CA ARG B 944 -21.61 17.77 9.05
C ARG B 944 -21.81 18.22 7.62
N ASN B 945 -21.21 19.35 7.24
CA ASN B 945 -21.37 19.79 5.87
C ASN B 945 -20.56 18.90 4.92
N MET B 946 -20.74 19.13 3.62
CA MET B 946 -20.23 18.23 2.59
C MET B 946 -19.01 18.78 1.86
N ILE B 947 -18.42 19.88 2.31
CA ILE B 947 -17.45 20.60 1.51
C ILE B 947 -16.14 20.72 2.29
N GLY B 948 -15.12 21.25 1.62
CA GLY B 948 -13.84 21.49 2.27
C GLY B 948 -13.08 20.24 2.67
N ALA B 949 -13.04 19.23 1.80
CA ALA B 949 -12.25 18.06 2.10
C ALA B 949 -10.80 18.45 2.39
N VAL B 950 -10.22 17.83 3.42
CA VAL B 950 -8.87 18.15 3.88
C VAL B 950 -7.91 17.11 3.33
N VAL B 951 -6.83 17.58 2.70
CA VAL B 951 -5.84 16.68 2.10
C VAL B 951 -5.34 15.68 3.14
N GLY B 952 -5.36 14.39 2.78
CA GLY B 952 -4.88 13.34 3.65
C GLY B 952 -5.82 12.98 4.77
N VAL B 953 -7.00 13.59 4.83
CA VAL B 953 -8.00 13.37 5.86
C VAL B 953 -9.26 12.84 5.21
N GLN B 954 -9.80 13.59 4.25
CA GLN B 954 -10.86 13.07 3.39
C GLN B 954 -10.28 12.97 1.98
N PRO B 955 -9.62 11.85 1.62
CA PRO B 955 -9.33 11.62 0.19
C PRO B 955 -10.57 11.89 -0.64
N PHE B 956 -10.44 12.77 -1.64
CA PHE B 956 -11.60 13.33 -2.34
C PHE B 956 -11.73 12.77 -3.75
N GLY B 957 -12.91 12.29 -4.07
CA GLY B 957 -13.23 11.87 -5.42
C GLY B 957 -14.21 10.73 -5.42
N GLY B 958 -14.88 10.56 -6.56
CA GLY B 958 -15.98 9.62 -6.65
C GLY B 958 -15.96 8.79 -7.92
N ASN B 959 -17.14 8.41 -8.39
CA ASN B 959 -17.22 7.43 -9.46
C ASN B 959 -18.41 7.76 -10.35
N GLY B 960 -18.73 6.85 -11.26
CA GLY B 960 -19.77 7.10 -12.24
C GLY B 960 -19.43 8.34 -13.04
N LEU B 961 -20.44 9.17 -13.31
CA LEU B 961 -20.23 10.41 -14.04
C LEU B 961 -19.44 11.44 -13.25
N SER B 962 -19.11 11.17 -11.98
CA SER B 962 -18.24 12.03 -11.18
C SER B 962 -16.74 11.81 -11.42
N GLY B 963 -16.34 10.78 -12.15
CA GLY B 963 -14.95 10.69 -12.56
C GLY B 963 -14.40 9.29 -12.39
N THR B 964 -13.06 9.19 -12.47
CA THR B 964 -12.35 7.93 -12.60
C THR B 964 -11.66 7.46 -11.34
N GLY B 965 -11.40 8.34 -10.37
CA GLY B 965 -10.40 8.06 -9.38
C GLY B 965 -9.01 8.10 -10.02
N PRO B 966 -7.96 7.86 -9.23
CA PRO B 966 -8.08 7.69 -7.77
C PRO B 966 -8.34 9.03 -7.08
N LYS B 967 -8.65 8.97 -5.79
CA LYS B 967 -9.00 10.14 -5.01
C LYS B 967 -7.80 11.06 -4.81
N ALA B 968 -7.98 12.34 -5.07
CA ALA B 968 -6.96 13.33 -4.77
C ALA B 968 -6.77 13.46 -3.26
N GLY B 969 -5.54 13.73 -2.84
CA GLY B 969 -5.26 13.82 -1.42
C GLY B 969 -5.37 12.52 -0.66
N GLY B 970 -5.29 11.38 -1.34
CA GLY B 970 -5.32 10.09 -0.69
C GLY B 970 -4.19 9.17 -1.12
N PRO B 971 -4.10 8.01 -0.46
CA PRO B 971 -2.92 7.15 -0.64
C PRO B 971 -2.89 6.38 -1.95
N HIS B 972 -3.91 6.47 -2.81
CA HIS B 972 -3.85 5.77 -4.08
C HIS B 972 -3.60 6.70 -5.25
N TYR B 973 -3.33 7.98 -4.98
CA TYR B 973 -3.29 8.96 -6.05
C TYR B 973 -2.00 8.87 -6.86
N LEU B 974 -0.85 8.95 -6.18
CA LEU B 974 0.43 9.08 -6.86
C LEU B 974 0.71 7.91 -7.77
N ALA B 975 0.36 6.70 -7.34
CA ALA B 975 0.68 5.50 -8.12
C ALA B 975 0.11 5.57 -9.53
N ARG B 976 -1.06 6.21 -9.69
CA ARG B 976 -1.70 6.25 -10.99
C ARG B 976 -0.88 7.04 -12.01
N PHE B 977 -0.03 7.96 -11.56
CA PHE B 977 0.85 8.73 -12.43
C PHE B 977 2.14 8.00 -12.75
N ALA B 978 2.29 6.77 -12.31
CA ALA B 978 3.54 6.03 -12.45
C ALA B 978 3.29 4.71 -13.17
N THR B 979 4.38 4.05 -13.55
CA THR B 979 4.28 2.69 -14.06
C THR B 979 5.22 1.83 -13.24
N GLU B 980 4.91 0.53 -13.14
CA GLU B 980 5.67 -0.38 -12.30
C GLU B 980 6.85 -0.99 -13.04
N GLN B 981 7.89 -1.34 -12.30
CA GLN B 981 9.02 -2.04 -12.91
C GLN B 981 9.50 -3.13 -11.98
N THR B 982 9.60 -4.35 -12.52
CA THR B 982 10.16 -5.49 -11.80
C THR B 982 11.57 -5.75 -12.33
N VAL B 983 12.53 -5.87 -11.43
CA VAL B 983 13.89 -6.27 -11.78
C VAL B 983 14.17 -7.60 -11.10
N THR B 984 14.47 -8.62 -11.89
CA THR B 984 14.76 -9.96 -11.41
C THR B 984 16.18 -10.30 -11.79
N ILE B 985 17.02 -10.56 -10.78
CA ILE B 985 18.43 -10.84 -10.99
C ILE B 985 18.72 -12.23 -10.49
N ASN B 986 19.27 -13.09 -11.35
CA ASN B 986 19.75 -14.39 -10.94
C ASN B 986 21.09 -14.18 -10.23
N THR B 987 21.08 -14.21 -8.90
CA THR B 987 22.27 -13.93 -8.12
C THR B 987 23.11 -15.18 -7.86
N ALA B 988 22.74 -16.33 -8.42
CA ALA B 988 23.38 -17.58 -8.02
C ALA B 988 24.87 -17.60 -8.29
N ALA B 989 25.34 -16.87 -9.32
CA ALA B 989 26.78 -16.84 -9.61
C ALA B 989 27.59 -16.36 -8.40
N ALA B 990 27.02 -15.48 -7.58
CA ALA B 990 27.63 -15.02 -6.33
C ALA B 990 27.38 -16.00 -5.19
#